data_7UFK
#
_entry.id   7UFK
#
_cell.length_a   80.397
_cell.length_b   117.861
_cell.length_c   113.018
_cell.angle_alpha   90.000
_cell.angle_beta   92.130
_cell.angle_gamma   90.000
#
_symmetry.space_group_name_H-M   'P 1 21 1'
#
loop_
_entity.id
_entity.type
_entity.pdbx_description
1 polymer 'Angiotensin-converting enzyme 2'
2 polymer 'Spike protein S1'
3 branched 2-acetamido-2-deoxy-beta-D-glucopyranose-(1-4)-2-acetamido-2-deoxy-beta-D-glucopyranose
4 branched beta-D-mannopyranose-(1-4)-2-acetamido-2-deoxy-beta-D-glucopyranose-(1-4)-2-acetamido-2-deoxy-beta-D-glucopyranose
5 branched alpha-D-mannopyranose-(1-3)-beta-D-mannopyranose-(1-4)-2-acetamido-2-deoxy-beta-D-glucopyranose-(1-4)-2-acetamido-2-deoxy-beta-D-glucopyranose
6 non-polymer 'ZINC ION'
7 non-polymer 'CHLORIDE ION'
8 non-polymer 2-acetamido-2-deoxy-beta-D-glucopyranose
9 non-polymer 'SODIUM ION'
10 non-polymer 1,2-ETHANEDIOL
11 water water
#
loop_
_entity_poly.entity_id
_entity_poly.type
_entity_poly.pdbx_seq_one_letter_code
_entity_poly.pdbx_strand_id
1 'polypeptide(L)'
;STIEEQAKTFLDKFNHEAEDLFYQSSLASWNYNTNITEENVQNMNNAGDKWSAFLKEQSTLAQMYPLQEIQNLTVKLQLQ
ALQQNGSSVLSEDKSKRLNTILNTMSTIYSTGKVCNPDNPQECLLLEPGLNEIMANSLDYNERLWAWESWRSEVGKQLRP
LYEEYVVLKNEMARANHYEDYGDYWRGDYEVNGVDGYDYSRGQLIEDVEHTFEEIKPLYEHLHAYVRAKLMNAYPSYISP
IGCLPAHLLGDMWGRFWTNLYSLTVPFGQKPNIDVTDAMVDQAWDAQRIFKEAEKFFVSVGLPNMTQGFWENSMLTDPGN
VQKAVCHPTAWDLGKGDFRILMCTKVTMDDFLTAHHEMGHIQYDMAYAAQPFLLRNGANEGFHEAVGEIMSLSAATPKHL
KSIGLLSPDFQEDNETEINFLLKQALTIVGTLPFTYMLEKWRWMVFKGEIPKDQWMKKWWEMKREIVGVVEPVPHDETYC
DPASLFHVSNDYSFIRYYTRTLYQFQFQEALCQAAKHEGPLHKCDISNSTEAGQKLFNMLRLGKSEPWTLALENVVGAKN
MNVRPLLNYFEPLFTWLKDQNKNSFVGWSTDWSPYAD
;
A,B
2 'polypeptide(L)'
;RVVPSGDVVRFPNITNLCPFGEVFNATKFPSVYAWERKKISNCVADYSVLYNSTFFSTFKCYGVSATKLNDLCFSNVYAD
SFVVKGDDVRQIAPGQTGVIADYNYKLPDDFMGCVLAWNTRNIDATSTGNYNYKYRLFRKSNLKPFERDISTEIYQAGNK
PCNGVAGFNCYFPLRSYGFRPTYGVGHQPYRVVVLSFELLNAPATVCGPKLSTDLIK
;
E,F
#
loop_
_chem_comp.id
_chem_comp.type
_chem_comp.name
_chem_comp.formula
BMA D-saccharide, beta linking beta-D-mannopyranose 'C6 H12 O6'
CL non-polymer 'CHLORIDE ION' 'Cl -1'
EDO non-polymer 1,2-ETHANEDIOL 'C2 H6 O2'
MAN D-saccharide, alpha linking alpha-D-mannopyranose 'C6 H12 O6'
NA non-polymer 'SODIUM ION' 'Na 1'
NAG D-saccharide, beta linking 2-acetamido-2-deoxy-beta-D-glucopyranose 'C8 H15 N O6'
ZN non-polymer 'ZINC ION' 'Zn 2'
#
# COMPACT_ATOMS: atom_id res chain seq x y z
N SER A 1 -39.54 -0.21 -40.86
CA SER A 1 -38.82 -0.62 -39.66
C SER A 1 -37.33 -0.37 -39.81
N THR A 2 -36.70 0.08 -38.72
CA THR A 2 -35.27 0.35 -38.74
C THR A 2 -34.50 -0.96 -38.81
N ILE A 3 -33.39 -0.96 -39.55
CA ILE A 3 -32.53 -2.14 -39.60
C ILE A 3 -32.07 -2.53 -38.20
N GLU A 4 -31.83 -1.53 -37.34
CA GLU A 4 -31.50 -1.82 -35.95
C GLU A 4 -32.66 -2.51 -35.25
N GLU A 5 -33.89 -2.09 -35.53
CA GLU A 5 -35.06 -2.70 -34.91
C GLU A 5 -35.39 -4.06 -35.52
N GLN A 6 -35.12 -4.23 -36.83
CA GLN A 6 -35.31 -5.54 -37.45
C GLN A 6 -34.31 -6.55 -36.91
N ALA A 7 -33.08 -6.10 -36.62
CA ALA A 7 -32.07 -7.01 -36.09
C ALA A 7 -32.37 -7.41 -34.65
N LYS A 8 -32.93 -6.48 -33.86
CA LYS A 8 -33.30 -6.80 -32.50
C LYS A 8 -34.39 -7.86 -32.44
N THR A 9 -35.40 -7.71 -33.29
CA THR A 9 -36.47 -8.72 -33.35
C THR A 9 -35.92 -10.06 -33.85
N PHE A 10 -34.99 -10.02 -34.81
CA PHE A 10 -34.37 -11.25 -35.29
C PHE A 10 -33.59 -11.95 -34.18
N LEU A 11 -32.84 -11.17 -33.38
CA LEU A 11 -32.11 -11.76 -32.26
C LEU A 11 -33.06 -12.32 -31.21
N ASP A 12 -34.24 -11.71 -31.05
CA ASP A 12 -35.23 -12.26 -30.13
C ASP A 12 -35.70 -13.64 -30.59
N LYS A 13 -35.96 -13.79 -31.89
CA LYS A 13 -36.31 -15.09 -32.44
C LYS A 13 -35.15 -16.08 -32.27
N PHE A 14 -33.92 -15.62 -32.48
CA PHE A 14 -32.77 -16.51 -32.38
C PHE A 14 -32.54 -16.94 -30.93
N ASN A 15 -32.55 -15.99 -30.00
CA ASN A 15 -32.25 -16.31 -28.61
C ASN A 15 -33.25 -17.31 -28.03
N HIS A 16 -34.50 -17.26 -28.48
CA HIS A 16 -35.50 -18.20 -27.99
C HIS A 16 -35.42 -19.54 -28.72
N GLU A 17 -35.16 -19.52 -30.03
CA GLU A 17 -35.08 -20.76 -30.78
C GLU A 17 -33.75 -21.46 -30.60
N ALA A 18 -32.66 -20.72 -30.42
CA ALA A 18 -31.35 -21.34 -30.22
C ALA A 18 -31.18 -21.92 -28.83
N GLU A 19 -31.80 -21.29 -27.82
CA GLU A 19 -31.66 -21.79 -26.45
C GLU A 19 -32.27 -23.18 -26.29
N ASP A 20 -33.32 -23.49 -27.05
CA ASP A 20 -33.94 -24.81 -26.95
C ASP A 20 -33.13 -25.87 -27.69
N LEU A 21 -32.60 -25.53 -28.86
CA LEU A 21 -31.79 -26.49 -29.61
C LEU A 21 -30.42 -26.69 -28.97
N PHE A 22 -29.87 -25.65 -28.34
CA PHE A 22 -28.59 -25.79 -27.66
C PHE A 22 -28.70 -26.70 -26.44
N TYR A 23 -29.85 -26.68 -25.76
CA TYR A 23 -30.04 -27.56 -24.62
C TYR A 23 -30.14 -29.01 -25.06
N GLN A 24 -30.80 -29.27 -26.19
CA GLN A 24 -30.91 -30.63 -26.70
C GLN A 24 -29.55 -31.18 -27.13
N SER A 25 -28.70 -30.31 -27.70
CA SER A 25 -27.38 -30.75 -28.11
C SER A 25 -26.46 -30.95 -26.91
N SER A 26 -26.59 -30.11 -25.88
CA SER A 26 -25.77 -30.26 -24.70
C SER A 26 -26.17 -31.50 -23.89
N LEU A 27 -27.48 -31.72 -23.73
CA LEU A 27 -27.94 -32.90 -23.01
C LEU A 27 -27.62 -34.18 -23.77
N ALA A 28 -27.56 -34.12 -25.11
CA ALA A 28 -27.20 -35.29 -25.88
C ALA A 28 -25.74 -35.68 -25.67
N SER A 29 -24.85 -34.69 -25.62
CA SER A 29 -23.44 -34.97 -25.34
C SER A 29 -23.21 -35.30 -23.88
N TRP A 30 -24.10 -34.86 -22.98
CA TRP A 30 -23.99 -35.26 -21.57
C TRP A 30 -24.30 -36.74 -21.41
N ASN A 31 -25.35 -37.23 -22.08
CA ASN A 31 -25.71 -38.64 -21.99
C ASN A 31 -24.64 -39.55 -22.58
N TYR A 32 -23.74 -39.02 -23.39
CA TYR A 32 -22.63 -39.80 -23.92
C TYR A 32 -21.43 -39.81 -22.99
N ASN A 33 -21.05 -38.64 -22.47
CA ASN A 33 -19.89 -38.56 -21.57
C ASN A 33 -20.15 -39.22 -20.22
N THR A 34 -21.42 -39.43 -19.86
CA THR A 34 -21.76 -40.13 -18.63
C THR A 34 -22.22 -41.57 -18.87
N ASN A 35 -22.35 -41.98 -20.13
CA ASN A 35 -22.86 -43.31 -20.46
C ASN A 35 -22.47 -43.65 -21.90
N ILE A 36 -21.22 -44.08 -22.10
CA ILE A 36 -20.69 -44.29 -23.44
C ILE A 36 -21.32 -45.53 -24.08
N THR A 37 -22.35 -45.32 -24.89
CA THR A 37 -22.99 -46.38 -25.66
C THR A 37 -23.14 -45.93 -27.10
N GLU A 38 -23.47 -46.89 -27.97
CA GLU A 38 -23.65 -46.56 -29.38
C GLU A 38 -24.96 -45.81 -29.62
N GLU A 39 -26.00 -46.09 -28.83
CA GLU A 39 -27.25 -45.36 -28.96
C GLU A 39 -27.08 -43.90 -28.57
N ASN A 40 -26.23 -43.61 -27.58
CA ASN A 40 -26.02 -42.24 -27.13
C ASN A 40 -25.00 -41.48 -27.99
N VAL A 41 -24.09 -42.18 -28.67
CA VAL A 41 -23.13 -41.48 -29.52
C VAL A 41 -23.79 -40.98 -30.80
N GLN A 42 -24.88 -41.64 -31.23
CA GLN A 42 -25.60 -41.15 -32.40
C GLN A 42 -26.57 -40.04 -32.02
N ASN A 43 -27.21 -40.14 -30.85
CA ASN A 43 -28.05 -39.04 -30.37
C ASN A 43 -27.23 -37.77 -30.13
N MET A 44 -25.96 -37.93 -29.76
CA MET A 44 -25.09 -36.77 -29.62
C MET A 44 -24.79 -36.13 -30.97
N ASN A 45 -24.63 -36.96 -32.01
CA ASN A 45 -24.34 -36.43 -33.34
C ASN A 45 -25.59 -35.90 -34.02
N ASN A 46 -26.74 -36.54 -33.81
CA ASN A 46 -27.98 -36.06 -34.41
C ASN A 46 -28.36 -34.68 -33.85
N ALA A 47 -28.36 -34.53 -32.53
CA ALA A 47 -28.61 -33.23 -31.93
C ALA A 47 -27.49 -32.24 -32.21
N GLY A 48 -26.28 -32.73 -32.47
CA GLY A 48 -25.17 -31.86 -32.80
C GLY A 48 -25.24 -31.36 -34.23
N ASP A 49 -25.57 -32.25 -35.16
CA ASP A 49 -25.76 -31.82 -36.55
C ASP A 49 -26.98 -30.95 -36.71
N LYS A 50 -28.04 -31.22 -35.93
CA LYS A 50 -29.22 -30.35 -35.97
C LYS A 50 -28.88 -28.95 -35.48
N TRP A 51 -28.07 -28.84 -34.44
CA TRP A 51 -27.63 -27.53 -33.96
C TRP A 51 -26.69 -26.87 -34.96
N SER A 52 -25.86 -27.66 -35.64
CA SER A 52 -24.95 -27.10 -36.64
C SER A 52 -25.73 -26.62 -37.86
N ALA A 53 -26.70 -27.40 -38.32
CA ALA A 53 -27.53 -26.98 -39.45
C ALA A 53 -28.40 -25.78 -39.08
N PHE A 54 -28.87 -25.72 -37.84
CA PHE A 54 -29.63 -24.55 -37.40
C PHE A 54 -28.74 -23.31 -37.33
N LEU A 55 -27.51 -23.48 -36.82
CA LEU A 55 -26.60 -22.35 -36.71
C LEU A 55 -26.17 -21.83 -38.08
N LYS A 56 -26.04 -22.73 -39.06
CA LYS A 56 -25.68 -22.29 -40.41
C LYS A 56 -26.84 -21.56 -41.07
N GLU A 57 -28.07 -22.03 -40.85
CA GLU A 57 -29.23 -21.34 -41.41
C GLU A 57 -29.34 -19.93 -40.87
N GLN A 58 -29.21 -19.76 -39.55
CA GLN A 58 -29.27 -18.43 -38.96
C GLN A 58 -28.05 -17.59 -39.29
N SER A 59 -26.95 -18.22 -39.72
CA SER A 59 -25.77 -17.47 -40.11
C SER A 59 -26.04 -16.63 -41.35
N THR A 60 -26.48 -17.27 -42.44
CA THR A 60 -26.80 -16.54 -43.65
C THR A 60 -28.02 -15.65 -43.47
N LEU A 61 -28.94 -16.03 -42.56
CA LEU A 61 -30.10 -15.20 -42.29
C LEU A 61 -29.68 -13.90 -41.59
N ALA A 62 -28.68 -13.97 -40.71
CA ALA A 62 -28.19 -12.78 -40.04
C ALA A 62 -27.33 -11.91 -40.94
N GLN A 63 -26.75 -12.47 -42.01
CA GLN A 63 -25.92 -11.69 -42.92
C GLN A 63 -26.73 -10.70 -43.74
N MET A 64 -28.05 -10.89 -43.84
CA MET A 64 -28.89 -9.99 -44.60
C MET A 64 -29.21 -8.69 -43.85
N TYR A 65 -28.61 -8.49 -42.67
CA TYR A 65 -28.72 -7.24 -41.95
C TYR A 65 -27.37 -6.53 -42.00
N PRO A 66 -27.27 -5.36 -42.62
CA PRO A 66 -25.97 -4.67 -42.72
C PRO A 66 -25.44 -4.28 -41.35
N LEU A 67 -24.24 -4.77 -41.03
CA LEU A 67 -23.66 -4.51 -39.71
C LEU A 67 -23.33 -3.03 -39.54
N GLN A 68 -23.06 -2.32 -40.63
CA GLN A 68 -22.75 -0.90 -40.53
C GLN A 68 -23.97 -0.05 -40.22
N GLU A 69 -25.17 -0.58 -40.42
CA GLU A 69 -26.41 0.16 -40.18
C GLU A 69 -26.86 0.11 -38.73
N ILE A 70 -26.15 -0.62 -37.87
CA ILE A 70 -26.54 -0.79 -36.48
C ILE A 70 -25.70 0.16 -35.63
N GLN A 71 -26.37 0.91 -34.75
CA GLN A 71 -25.70 1.81 -33.83
C GLN A 71 -25.60 1.27 -32.41
N ASN A 72 -26.51 0.40 -32.00
CA ASN A 72 -26.46 -0.22 -30.68
C ASN A 72 -25.26 -1.14 -30.60
N LEU A 73 -24.35 -0.87 -29.65
CA LEU A 73 -23.13 -1.65 -29.55
C LEU A 73 -23.40 -3.09 -29.11
N THR A 74 -24.43 -3.30 -28.28
CA THR A 74 -24.70 -4.66 -27.80
C THR A 74 -25.25 -5.54 -28.91
N VAL A 75 -26.23 -5.06 -29.66
CA VAL A 75 -26.79 -5.86 -30.75
C VAL A 75 -25.79 -6.01 -31.89
N LYS A 76 -24.86 -5.06 -32.03
CA LYS A 76 -23.84 -5.16 -33.07
C LYS A 76 -22.87 -6.31 -32.81
N LEU A 77 -22.61 -6.62 -31.53
CA LEU A 77 -21.76 -7.74 -31.20
C LEU A 77 -22.45 -9.07 -31.50
N GLN A 78 -23.76 -9.13 -31.28
CA GLN A 78 -24.48 -10.38 -31.52
C GLN A 78 -24.59 -10.70 -33.01
N LEU A 79 -24.86 -9.68 -33.83
CA LEU A 79 -24.90 -9.89 -35.27
C LEU A 79 -23.54 -10.32 -35.81
N GLN A 80 -22.47 -9.68 -35.34
CA GLN A 80 -21.14 -10.00 -35.83
C GLN A 80 -20.75 -11.43 -35.48
N ALA A 81 -21.28 -11.96 -34.38
CA ALA A 81 -20.98 -13.35 -34.01
C ALA A 81 -21.66 -14.32 -34.97
N LEU A 82 -22.90 -14.03 -35.37
CA LEU A 82 -23.61 -14.90 -36.28
C LEU A 82 -23.16 -14.73 -37.73
N GLN A 83 -22.76 -13.53 -38.12
CA GLN A 83 -22.35 -13.27 -39.50
C GLN A 83 -21.01 -13.87 -39.86
N GLN A 84 -20.32 -14.53 -38.94
CA GLN A 84 -19.07 -15.19 -39.27
C GLN A 84 -19.34 -16.39 -40.17
N ASN A 85 -18.78 -16.38 -41.38
CA ASN A 85 -18.96 -17.50 -42.29
C ASN A 85 -18.31 -18.77 -41.75
N GLY A 86 -17.19 -18.65 -41.05
CA GLY A 86 -16.56 -19.81 -40.45
C GLY A 86 -15.95 -20.72 -41.50
N SER A 87 -16.12 -22.03 -41.31
CA SER A 87 -15.54 -23.01 -42.22
C SER A 87 -16.34 -23.22 -43.49
N SER A 88 -17.55 -22.65 -43.57
CA SER A 88 -18.39 -22.81 -44.75
C SER A 88 -17.94 -21.97 -45.94
N VAL A 89 -16.94 -21.11 -45.76
CA VAL A 89 -16.47 -20.29 -46.88
C VAL A 89 -15.71 -21.14 -47.91
N LEU A 90 -15.29 -22.34 -47.54
CA LEU A 90 -14.63 -23.24 -48.46
C LEU A 90 -15.66 -23.90 -49.38
N SER A 91 -15.14 -24.59 -50.40
CA SER A 91 -16.02 -25.34 -51.29
C SER A 91 -16.53 -26.60 -50.58
N GLU A 92 -17.44 -27.31 -51.25
CA GLU A 92 -18.01 -28.51 -50.67
C GLU A 92 -16.97 -29.60 -50.48
N ASP A 93 -15.97 -29.67 -51.37
CA ASP A 93 -14.92 -30.67 -51.27
C ASP A 93 -13.79 -30.25 -50.35
N LYS A 94 -13.45 -28.95 -50.32
CA LYS A 94 -12.40 -28.49 -49.43
C LYS A 94 -12.85 -28.52 -47.98
N SER A 95 -14.10 -28.15 -47.72
CA SER A 95 -14.63 -28.22 -46.36
C SER A 95 -14.77 -29.66 -45.88
N LYS A 96 -15.09 -30.59 -46.79
CA LYS A 96 -15.19 -31.99 -46.42
C LYS A 96 -13.82 -32.58 -46.15
N ARG A 97 -12.81 -32.18 -46.94
CA ARG A 97 -11.45 -32.67 -46.72
C ARG A 97 -10.84 -32.05 -45.47
N LEU A 98 -11.21 -30.82 -45.14
CA LEU A 98 -10.70 -30.18 -43.93
C LEU A 98 -11.18 -30.93 -42.69
N ASN A 99 -12.47 -31.28 -42.65
CA ASN A 99 -12.98 -32.08 -41.55
C ASN A 99 -12.43 -33.50 -41.56
N THR A 100 -11.98 -33.98 -42.72
CA THR A 100 -11.39 -35.31 -42.78
C THR A 100 -10.01 -35.33 -42.14
N ILE A 101 -9.18 -34.34 -42.43
CA ILE A 101 -7.85 -34.30 -41.83
C ILE A 101 -7.93 -33.91 -40.36
N LEU A 102 -8.89 -33.07 -39.98
CA LEU A 102 -9.07 -32.73 -38.57
C LEU A 102 -9.45 -33.94 -37.74
N ASN A 103 -10.22 -34.87 -38.31
CA ASN A 103 -10.57 -36.08 -37.60
C ASN A 103 -9.44 -37.09 -37.62
N THR A 104 -8.67 -37.15 -38.71
CA THR A 104 -7.55 -38.09 -38.78
C THR A 104 -6.44 -37.71 -37.82
N MET A 105 -6.17 -36.40 -37.67
CA MET A 105 -5.18 -35.96 -36.71
C MET A 105 -5.62 -36.26 -35.28
N SER A 106 -6.88 -35.97 -34.97
CA SER A 106 -7.40 -36.27 -33.63
C SER A 106 -7.43 -37.76 -33.36
N THR A 107 -7.63 -38.58 -34.40
CA THR A 107 -7.68 -40.03 -34.21
C THR A 107 -6.30 -40.60 -33.90
N ILE A 108 -5.34 -40.35 -34.79
CA ILE A 108 -4.00 -40.93 -34.63
C ILE A 108 -3.28 -40.38 -33.39
N TYR A 109 -3.69 -39.21 -32.90
CA TYR A 109 -3.13 -38.71 -31.65
C TYR A 109 -3.61 -39.53 -30.46
N SER A 110 -4.89 -39.88 -30.45
CA SER A 110 -5.46 -40.64 -29.33
C SER A 110 -5.30 -42.14 -29.47
N THR A 111 -5.12 -42.65 -30.69
CA THR A 111 -4.98 -44.08 -30.90
C THR A 111 -3.55 -44.51 -31.20
N GLY A 112 -2.63 -43.57 -31.40
CA GLY A 112 -1.27 -43.93 -31.71
C GLY A 112 -0.57 -44.54 -30.51
N LYS A 113 0.08 -45.68 -30.72
CA LYS A 113 0.81 -46.38 -29.66
C LYS A 113 2.17 -46.82 -30.19
N VAL A 114 3.18 -46.70 -29.34
CA VAL A 114 4.54 -47.11 -29.67
C VAL A 114 4.87 -48.38 -28.89
N CYS A 115 5.73 -49.21 -29.47
CA CYS A 115 6.12 -50.48 -28.87
C CYS A 115 7.60 -50.45 -28.53
N ASN A 116 7.96 -51.19 -27.49
CA ASN A 116 9.34 -51.23 -27.04
C ASN A 116 10.16 -52.17 -27.93
N PRO A 117 11.28 -51.71 -28.49
CA PRO A 117 12.13 -52.63 -29.25
C PRO A 117 12.72 -53.74 -28.39
N ASP A 118 12.97 -53.47 -27.11
CA ASP A 118 13.48 -54.52 -26.23
C ASP A 118 12.41 -55.57 -25.92
N ASN A 119 11.15 -55.16 -25.87
CA ASN A 119 10.04 -56.08 -25.63
C ASN A 119 8.89 -55.69 -26.55
N PRO A 120 8.83 -56.30 -27.74
CA PRO A 120 7.81 -55.89 -28.72
C PRO A 120 6.38 -56.16 -28.30
N GLN A 121 6.15 -57.03 -27.31
CA GLN A 121 4.80 -57.27 -26.82
C GLN A 121 4.31 -56.16 -25.91
N GLU A 122 5.20 -55.29 -25.45
CA GLU A 122 4.84 -54.16 -24.60
C GLU A 122 4.66 -52.93 -25.50
N CYS A 123 3.41 -52.57 -25.77
CA CYS A 123 3.08 -51.41 -26.57
C CYS A 123 2.20 -50.49 -25.74
N LEU A 124 2.56 -49.21 -25.72
CA LEU A 124 1.86 -48.22 -24.91
C LEU A 124 1.49 -47.02 -25.75
N LEU A 125 0.29 -46.49 -25.54
CA LEU A 125 -0.14 -45.27 -26.18
C LEU A 125 0.29 -44.09 -25.30
N LEU A 126 -0.17 -42.88 -25.63
CA LEU A 126 0.25 -41.71 -24.87
C LEU A 126 -0.26 -41.77 -23.45
N GLU A 127 -1.58 -41.95 -23.28
CA GLU A 127 -2.18 -42.04 -21.95
C GLU A 127 -2.73 -43.45 -21.75
N PRO A 128 -2.38 -44.12 -20.66
CA PRO A 128 -1.46 -43.71 -19.59
C PRO A 128 -0.05 -44.26 -19.80
N GLY A 129 0.24 -44.83 -20.97
CA GLY A 129 1.51 -45.49 -21.21
C GLY A 129 2.71 -44.57 -21.17
N LEU A 130 2.84 -43.70 -22.19
CA LEU A 130 4.02 -42.85 -22.29
C LEU A 130 4.03 -41.75 -21.24
N ASN A 131 2.85 -41.29 -20.81
CA ASN A 131 2.79 -40.24 -19.80
C ASN A 131 3.32 -40.71 -18.46
N GLU A 132 3.14 -41.99 -18.13
CA GLU A 132 3.68 -42.53 -16.88
C GLU A 132 5.20 -42.60 -16.91
N ILE A 133 5.78 -42.83 -18.09
CA ILE A 133 7.23 -42.90 -18.20
C ILE A 133 7.85 -41.51 -18.05
N MET A 134 7.32 -40.53 -18.77
CA MET A 134 7.88 -39.18 -18.73
C MET A 134 7.71 -38.51 -17.38
N ALA A 135 6.79 -39.00 -16.53
CA ALA A 135 6.50 -38.37 -15.26
C ALA A 135 7.19 -39.03 -14.07
N ASN A 136 7.65 -40.27 -14.22
CA ASN A 136 8.17 -41.00 -13.06
C ASN A 136 9.57 -41.55 -13.31
N SER A 137 9.86 -41.96 -14.54
CA SER A 137 11.12 -42.64 -14.83
C SER A 137 12.29 -41.69 -14.67
N LEU A 138 13.41 -42.24 -14.17
CA LEU A 138 14.66 -41.50 -14.03
C LEU A 138 15.74 -42.03 -14.95
N ASP A 139 15.42 -42.95 -15.85
CA ASP A 139 16.38 -43.51 -16.79
C ASP A 139 16.45 -42.61 -18.01
N TYR A 140 17.68 -42.17 -18.35
CA TYR A 140 17.86 -41.27 -19.48
C TYR A 140 17.41 -41.92 -20.79
N ASN A 141 17.82 -43.17 -21.01
CA ASN A 141 17.48 -43.85 -22.26
C ASN A 141 16.00 -44.19 -22.32
N GLU A 142 15.40 -44.56 -21.19
CA GLU A 142 13.98 -44.89 -21.18
C GLU A 142 13.13 -43.68 -21.49
N ARG A 143 13.48 -42.52 -20.92
CA ARG A 143 12.76 -41.30 -21.23
C ARG A 143 13.04 -40.85 -22.66
N LEU A 144 14.29 -41.00 -23.12
CA LEU A 144 14.63 -40.63 -24.48
C LEU A 144 13.87 -41.48 -25.49
N TRP A 145 13.66 -42.76 -25.18
CA TRP A 145 12.90 -43.62 -26.08
C TRP A 145 11.44 -43.17 -26.18
N ALA A 146 10.79 -42.96 -25.04
CA ALA A 146 9.39 -42.54 -25.06
C ALA A 146 9.22 -41.16 -25.70
N TRP A 147 10.20 -40.28 -25.50
CA TRP A 147 10.12 -38.95 -26.11
C TRP A 147 10.30 -39.02 -27.62
N GLU A 148 11.27 -39.81 -28.08
CA GLU A 148 11.54 -39.89 -29.52
C GLU A 148 10.51 -40.75 -30.24
N SER A 149 10.06 -41.84 -29.61
CA SER A 149 9.08 -42.71 -30.26
C SER A 149 7.75 -42.00 -30.47
N TRP A 150 7.36 -41.10 -29.57
CA TRP A 150 6.11 -40.38 -29.76
C TRP A 150 6.19 -39.38 -30.90
N ARG A 151 7.38 -38.84 -31.16
CA ARG A 151 7.55 -37.86 -32.22
C ARG A 151 7.97 -38.49 -33.54
N SER A 152 8.49 -39.72 -33.53
CA SER A 152 8.86 -40.41 -34.75
C SER A 152 7.79 -41.35 -35.27
N GLU A 153 6.88 -41.81 -34.41
CA GLU A 153 5.80 -42.70 -34.84
C GLU A 153 4.54 -41.90 -35.16
N VAL A 154 3.90 -41.33 -34.13
CA VAL A 154 2.70 -40.55 -34.36
C VAL A 154 3.00 -39.14 -34.81
N GLY A 155 4.25 -38.68 -34.67
CA GLY A 155 4.61 -37.35 -35.10
C GLY A 155 4.82 -37.25 -36.59
N LYS A 156 5.51 -38.26 -37.16
CA LYS A 156 5.76 -38.26 -38.60
C LYS A 156 4.47 -38.43 -39.39
N GLN A 157 3.47 -39.12 -38.84
CA GLN A 157 2.20 -39.27 -39.54
C GLN A 157 1.43 -37.96 -39.58
N LEU A 158 1.59 -37.12 -38.54
CA LEU A 158 0.92 -35.83 -38.51
C LEU A 158 1.56 -34.80 -39.43
N ARG A 159 2.80 -35.05 -39.86
CA ARG A 159 3.49 -34.09 -40.72
C ARG A 159 2.78 -33.85 -42.05
N PRO A 160 2.41 -34.87 -42.84
CA PRO A 160 1.68 -34.58 -44.08
C PRO A 160 0.28 -34.03 -43.83
N LEU A 161 -0.38 -34.47 -42.77
CA LEU A 161 -1.73 -33.98 -42.49
C LEU A 161 -1.71 -32.52 -42.01
N TYR A 162 -0.68 -32.14 -41.26
CA TYR A 162 -0.61 -30.76 -40.78
C TYR A 162 -0.24 -29.79 -41.88
N GLU A 163 0.47 -30.24 -42.91
CA GLU A 163 0.77 -29.39 -44.05
C GLU A 163 -0.51 -29.00 -44.78
N GLU A 164 -1.36 -29.98 -45.09
CA GLU A 164 -2.65 -29.68 -45.71
C GLU A 164 -3.57 -28.96 -44.74
N TYR A 165 -3.37 -29.15 -43.43
CA TYR A 165 -4.16 -28.43 -42.44
C TYR A 165 -3.88 -26.93 -42.46
N VAL A 166 -2.63 -26.54 -42.73
CA VAL A 166 -2.29 -25.13 -42.73
C VAL A 166 -2.85 -24.42 -43.96
N VAL A 167 -2.73 -25.05 -45.14
CA VAL A 167 -3.17 -24.40 -46.37
C VAL A 167 -4.68 -24.27 -46.40
N LEU A 168 -5.41 -25.26 -45.86
CA LEU A 168 -6.87 -25.18 -45.85
C LEU A 168 -7.35 -24.14 -44.84
N LYS A 169 -6.71 -24.07 -43.68
CA LYS A 169 -7.09 -23.07 -42.68
C LYS A 169 -6.76 -21.66 -43.14
N ASN A 170 -5.68 -21.49 -43.90
CA ASN A 170 -5.36 -20.18 -44.45
C ASN A 170 -6.39 -19.75 -45.49
N GLU A 171 -6.86 -20.69 -46.32
CA GLU A 171 -7.89 -20.37 -47.29
C GLU A 171 -9.20 -19.97 -46.64
N MET A 172 -9.41 -20.35 -45.37
CA MET A 172 -10.61 -19.93 -44.65
C MET A 172 -10.47 -18.52 -44.10
N ALA A 173 -9.34 -18.23 -43.45
CA ALA A 173 -9.16 -16.93 -42.81
C ALA A 173 -9.03 -15.81 -43.82
N ARG A 174 -8.27 -16.04 -44.90
CA ARG A 174 -8.10 -15.00 -45.91
C ARG A 174 -9.41 -14.68 -46.61
N ALA A 175 -10.33 -15.64 -46.68
CA ALA A 175 -11.64 -15.41 -47.28
C ALA A 175 -12.59 -14.68 -46.33
N ASN A 176 -12.32 -14.71 -45.03
CA ASN A 176 -13.14 -14.01 -44.05
C ASN A 176 -12.53 -12.68 -43.62
N HIS A 177 -11.73 -12.06 -44.50
CA HIS A 177 -11.11 -10.77 -44.25
C HIS A 177 -10.14 -10.82 -43.06
N TYR A 178 -9.29 -11.84 -43.05
CA TYR A 178 -8.23 -11.97 -42.07
C TYR A 178 -6.90 -12.19 -42.79
N GLU A 179 -5.81 -11.83 -42.13
CA GLU A 179 -4.49 -12.01 -42.72
C GLU A 179 -4.15 -13.49 -42.86
N ASP A 180 -4.32 -14.25 -41.78
CA ASP A 180 -4.04 -15.68 -41.78
C ASP A 180 -4.83 -16.32 -40.65
N TYR A 181 -4.65 -17.64 -40.48
CA TYR A 181 -5.35 -18.34 -39.41
C TYR A 181 -4.90 -17.87 -38.03
N GLY A 182 -3.63 -17.48 -37.89
CA GLY A 182 -3.17 -16.91 -36.64
C GLY A 182 -3.86 -15.59 -36.33
N ASP A 183 -4.09 -14.77 -37.36
CA ASP A 183 -4.84 -13.54 -37.16
C ASP A 183 -6.29 -13.82 -36.79
N TYR A 184 -6.83 -14.95 -37.25
CA TYR A 184 -8.19 -15.32 -36.89
C TYR A 184 -8.30 -15.64 -35.41
N TRP A 185 -7.32 -16.35 -34.85
CA TRP A 185 -7.34 -16.69 -33.44
C TRP A 185 -7.17 -15.45 -32.57
N ARG A 186 -6.31 -14.53 -32.98
CA ARG A 186 -6.09 -13.31 -32.21
C ARG A 186 -7.32 -12.39 -32.21
N GLY A 187 -8.29 -12.63 -33.07
CA GLY A 187 -9.51 -11.84 -33.08
C GLY A 187 -10.38 -12.01 -31.86
N ASP A 188 -10.11 -13.02 -31.03
CA ASP A 188 -10.87 -13.19 -29.81
C ASP A 188 -10.64 -12.05 -28.83
N TYR A 189 -9.44 -11.47 -28.84
CA TYR A 189 -9.11 -10.32 -28.00
C TYR A 189 -9.39 -8.99 -28.67
N GLU A 190 -9.95 -9.00 -29.88
CA GLU A 190 -10.16 -7.77 -30.62
C GLU A 190 -11.37 -7.01 -30.09
N VAL A 191 -11.17 -5.73 -29.78
CA VAL A 191 -12.23 -4.83 -29.38
C VAL A 191 -12.20 -3.62 -30.30
N ASN A 192 -13.31 -3.33 -30.95
CA ASN A 192 -13.38 -2.23 -31.92
C ASN A 192 -14.75 -1.59 -31.81
N GLY A 193 -14.82 -0.39 -31.24
CA GLY A 193 -16.07 0.33 -31.13
C GLY A 193 -16.18 1.22 -29.91
N VAL A 194 -15.55 0.81 -28.81
CA VAL A 194 -15.62 1.54 -27.55
C VAL A 194 -14.40 2.45 -27.45
N ASP A 195 -14.63 3.75 -27.29
CA ASP A 195 -13.54 4.70 -27.17
C ASP A 195 -12.83 4.50 -25.84
N GLY A 196 -11.50 4.38 -25.89
CA GLY A 196 -10.71 4.17 -24.69
C GLY A 196 -10.59 2.73 -24.24
N TYR A 197 -11.22 1.79 -24.94
CA TYR A 197 -11.15 0.38 -24.58
C TYR A 197 -10.91 -0.53 -25.78
N ASP A 198 -10.50 0.02 -26.91
CA ASP A 198 -10.27 -0.78 -28.10
C ASP A 198 -9.03 -1.65 -27.92
N TYR A 199 -8.91 -2.66 -28.78
CA TYR A 199 -7.78 -3.57 -28.76
C TYR A 199 -7.72 -4.27 -30.11
N SER A 200 -6.59 -4.13 -30.80
CA SER A 200 -6.45 -4.70 -32.13
C SER A 200 -5.86 -6.11 -32.05
N ARG A 201 -6.03 -6.85 -33.14
CA ARG A 201 -5.51 -8.22 -33.19
C ARG A 201 -3.99 -8.23 -33.14
N GLY A 202 -3.35 -7.25 -33.78
CA GLY A 202 -1.90 -7.14 -33.71
C GLY A 202 -1.40 -6.67 -32.36
N GLN A 203 -2.25 -5.99 -31.58
CA GLN A 203 -1.86 -5.53 -30.25
C GLN A 203 -1.57 -6.70 -29.32
N LEU A 204 -2.21 -7.84 -29.55
CA LEU A 204 -1.96 -9.02 -28.72
C LEU A 204 -0.50 -9.46 -28.82
N ILE A 205 0.05 -9.47 -30.03
CA ILE A 205 1.45 -9.86 -30.21
C ILE A 205 2.37 -8.89 -29.47
N GLU A 206 2.07 -7.60 -29.52
CA GLU A 206 2.92 -6.62 -28.86
C GLU A 206 2.84 -6.75 -27.33
N ASP A 207 1.65 -7.02 -26.79
CA ASP A 207 1.49 -7.10 -25.35
C ASP A 207 2.04 -8.41 -24.78
N VAL A 208 1.85 -9.51 -25.49
CA VAL A 208 2.35 -10.80 -25.01
C VAL A 208 3.88 -10.80 -24.98
N GLU A 209 4.51 -10.16 -25.97
CA GLU A 209 5.96 -10.09 -26.00
C GLU A 209 6.50 -9.10 -24.98
N HIS A 210 5.81 -7.99 -24.77
CA HIS A 210 6.27 -7.00 -23.81
C HIS A 210 6.20 -7.53 -22.39
N THR A 211 5.14 -8.27 -22.06
CA THR A 211 5.04 -8.85 -20.72
C THR A 211 6.00 -10.02 -20.55
N PHE A 212 6.30 -10.74 -21.63
CA PHE A 212 7.20 -11.89 -21.53
C PHE A 212 8.63 -11.47 -21.21
N GLU A 213 9.03 -10.27 -21.62
CA GLU A 213 10.37 -9.79 -21.32
C GLU A 213 10.59 -9.63 -19.81
N GLU A 214 9.53 -9.28 -19.08
CA GLU A 214 9.65 -9.16 -17.63
C GLU A 214 9.60 -10.51 -16.92
N ILE A 215 9.17 -11.57 -17.61
CA ILE A 215 9.18 -12.91 -17.04
C ILE A 215 10.54 -13.58 -17.21
N LYS A 216 11.35 -13.13 -18.16
CA LYS A 216 12.68 -13.70 -18.39
C LYS A 216 13.54 -13.78 -17.13
N PRO A 217 13.70 -12.72 -16.33
CA PRO A 217 14.56 -12.84 -15.14
C PRO A 217 14.11 -13.93 -14.17
N LEU A 218 12.80 -14.02 -13.91
CA LEU A 218 12.30 -15.05 -13.02
C LEU A 218 12.48 -16.45 -13.62
N TYR A 219 12.26 -16.57 -14.93
CA TYR A 219 12.39 -17.89 -15.56
C TYR A 219 13.84 -18.32 -15.68
N GLU A 220 14.75 -17.37 -15.97
CA GLU A 220 16.15 -17.73 -16.11
C GLU A 220 16.73 -18.27 -14.80
N HIS A 221 16.33 -17.68 -13.68
CA HIS A 221 16.81 -18.17 -12.39
C HIS A 221 16.16 -19.51 -12.03
N LEU A 222 14.89 -19.68 -12.39
CA LEU A 222 14.26 -20.99 -12.21
C LEU A 222 14.91 -22.03 -13.11
N HIS A 223 15.25 -21.63 -14.34
CA HIS A 223 15.91 -22.55 -15.26
C HIS A 223 17.29 -22.95 -14.75
N ALA A 224 18.03 -21.99 -14.16
CA ALA A 224 19.34 -22.30 -13.63
C ALA A 224 19.26 -23.18 -12.39
N TYR A 225 18.23 -22.98 -11.56
CA TYR A 225 18.07 -23.81 -10.38
C TYR A 225 17.66 -25.23 -10.73
N VAL A 226 16.71 -25.38 -11.67
CA VAL A 226 16.29 -26.71 -12.09
C VAL A 226 17.45 -27.44 -12.77
N ARG A 227 18.23 -26.72 -13.59
CA ARG A 227 19.35 -27.34 -14.28
C ARG A 227 20.39 -27.86 -13.30
N ALA A 228 20.66 -27.10 -12.24
CA ALA A 228 21.63 -27.56 -11.24
C ALA A 228 21.14 -28.82 -10.53
N LYS A 229 19.86 -28.87 -10.19
CA LYS A 229 19.30 -30.07 -9.58
C LYS A 229 19.23 -31.24 -10.56
N LEU A 230 18.99 -30.96 -11.85
CA LEU A 230 18.91 -32.03 -12.83
C LEU A 230 20.27 -32.65 -13.12
N MET A 231 21.35 -31.88 -12.94
CA MET A 231 22.69 -32.44 -13.13
C MET A 231 23.00 -33.51 -12.08
N ASN A 232 22.49 -33.34 -10.85
CA ASN A 232 22.66 -34.38 -9.84
C ASN A 232 21.83 -35.61 -10.16
N ALA A 233 20.71 -35.44 -10.87
CA ALA A 233 19.88 -36.58 -11.23
C ALA A 233 20.38 -37.29 -12.48
N TYR A 234 20.94 -36.55 -13.44
CA TYR A 234 21.48 -37.12 -14.67
C TYR A 234 22.91 -36.62 -14.88
N PRO A 235 23.86 -37.16 -14.12
CA PRO A 235 25.25 -36.73 -14.27
C PRO A 235 25.81 -37.14 -15.62
N SER A 236 26.74 -36.34 -16.13
CA SER A 236 27.38 -36.57 -17.42
C SER A 236 26.37 -36.57 -18.57
N TYR A 237 25.27 -35.84 -18.41
CA TYR A 237 24.26 -35.69 -19.44
C TYR A 237 23.82 -34.25 -19.69
N ILE A 238 24.00 -33.35 -18.73
CA ILE A 238 23.52 -31.98 -18.83
C ILE A 238 24.70 -31.03 -18.64
N SER A 239 24.77 -30.00 -19.48
CA SER A 239 25.82 -29.00 -19.33
C SER A 239 25.37 -27.91 -18.37
N PRO A 240 26.27 -27.44 -17.49
CA PRO A 240 25.89 -26.36 -16.58
C PRO A 240 25.64 -25.02 -17.27
N ILE A 241 25.95 -24.92 -18.56
CA ILE A 241 25.68 -23.71 -19.33
C ILE A 241 24.72 -23.94 -20.48
N GLY A 242 24.36 -25.19 -20.79
CA GLY A 242 23.51 -25.49 -21.92
C GLY A 242 22.04 -25.61 -21.55
N CYS A 243 21.23 -25.83 -22.57
CA CYS A 243 19.79 -25.96 -22.39
C CYS A 243 19.45 -27.32 -21.78
N LEU A 244 18.24 -27.41 -21.25
CA LEU A 244 17.77 -28.66 -20.66
C LEU A 244 17.28 -29.60 -21.76
N PRO A 245 17.68 -30.87 -21.73
CA PRO A 245 17.12 -31.83 -22.68
C PRO A 245 15.60 -31.94 -22.53
N ALA A 246 14.92 -32.12 -23.66
CA ALA A 246 13.46 -32.06 -23.65
C ALA A 246 12.84 -33.25 -22.91
N HIS A 247 13.49 -34.40 -22.94
CA HIS A 247 12.91 -35.62 -22.36
C HIS A 247 13.13 -35.71 -20.85
N LEU A 248 13.68 -34.68 -20.22
CA LEU A 248 13.95 -34.69 -18.79
C LEU A 248 13.17 -33.61 -18.05
N LEU A 249 12.07 -33.12 -18.64
CA LEU A 249 11.35 -31.97 -18.11
C LEU A 249 10.13 -32.32 -17.27
N GLY A 250 9.66 -33.57 -17.31
CA GLY A 250 8.57 -34.03 -16.46
C GLY A 250 7.40 -34.61 -17.23
N ASP A 251 7.21 -34.21 -18.47
CA ASP A 251 6.13 -34.75 -19.29
C ASP A 251 6.64 -34.95 -20.72
N MET A 252 5.71 -35.21 -21.64
CA MET A 252 6.09 -35.54 -23.01
C MET A 252 6.67 -34.35 -23.75
N TRP A 253 6.24 -33.13 -23.43
CA TRP A 253 6.62 -31.95 -24.19
C TRP A 253 7.36 -30.91 -23.38
N GLY A 254 7.50 -31.11 -22.07
CA GLY A 254 8.06 -30.07 -21.23
C GLY A 254 7.12 -28.93 -20.94
N ARG A 255 5.80 -29.13 -21.15
CA ARG A 255 4.84 -28.07 -20.92
C ARG A 255 4.78 -27.70 -19.44
N PHE A 256 4.82 -28.69 -18.55
CA PHE A 256 4.78 -28.45 -17.11
C PHE A 256 5.96 -29.16 -16.46
N TRP A 257 6.63 -28.46 -15.55
CA TRP A 257 7.74 -29.01 -14.78
C TRP A 257 7.28 -29.53 -13.42
N THR A 258 6.01 -29.90 -13.30
CA THR A 258 5.48 -30.33 -12.00
C THR A 258 6.14 -31.61 -11.52
N ASN A 259 6.39 -32.55 -12.43
CA ASN A 259 6.99 -33.83 -12.05
C ASN A 259 8.44 -33.71 -11.62
N LEU A 260 9.06 -32.54 -11.78
CA LEU A 260 10.42 -32.32 -11.34
C LEU A 260 10.53 -31.89 -9.88
N TYR A 261 9.39 -31.82 -9.17
CA TYR A 261 9.44 -31.38 -7.77
C TYR A 261 10.22 -32.36 -6.90
N SER A 262 10.06 -33.66 -7.15
CA SER A 262 10.79 -34.66 -6.38
C SER A 262 12.29 -34.53 -6.58
N LEU A 263 12.72 -34.01 -7.74
CA LEU A 263 14.13 -33.84 -8.03
C LEU A 263 14.64 -32.44 -7.72
N THR A 264 13.75 -31.45 -7.59
CA THR A 264 14.15 -30.06 -7.37
C THR A 264 13.58 -29.49 -6.08
N VAL A 265 13.11 -30.34 -5.17
CA VAL A 265 12.51 -29.84 -3.93
C VAL A 265 13.58 -29.12 -3.12
N PRO A 266 13.33 -27.88 -2.66
CA PRO A 266 14.35 -27.15 -1.90
C PRO A 266 14.68 -27.79 -0.57
N PHE A 267 13.64 -28.12 0.21
CA PHE A 267 13.81 -28.70 1.55
C PHE A 267 12.92 -29.93 1.63
N GLY A 268 13.47 -31.08 1.26
CA GLY A 268 12.70 -32.32 1.23
C GLY A 268 12.37 -32.88 2.60
N GLN A 269 13.06 -32.40 3.64
CA GLN A 269 12.80 -32.91 5.00
C GLN A 269 11.48 -32.41 5.57
N LYS A 270 10.97 -31.28 5.08
CA LYS A 270 9.80 -30.71 5.71
C LYS A 270 8.52 -31.42 5.28
N PRO A 271 7.51 -31.45 6.17
CA PRO A 271 6.29 -32.21 5.88
C PRO A 271 5.50 -31.68 4.69
N ASN A 272 4.99 -32.61 3.89
CA ASN A 272 4.18 -32.27 2.72
C ASN A 272 2.77 -31.93 3.18
N ILE A 273 2.14 -30.97 2.50
CA ILE A 273 0.76 -30.57 2.84
C ILE A 273 -0.16 -31.39 1.96
N ASP A 274 -0.40 -32.64 2.39
CA ASP A 274 -1.37 -33.53 1.75
C ASP A 274 -2.44 -33.90 2.78
N VAL A 275 -3.64 -33.33 2.63
CA VAL A 275 -4.70 -33.52 3.61
C VAL A 275 -5.59 -34.68 3.20
N THR A 276 -5.09 -35.55 2.33
CA THR A 276 -5.90 -36.66 1.82
C THR A 276 -6.33 -37.60 2.95
N ASP A 277 -5.39 -38.02 3.79
CA ASP A 277 -5.70 -38.94 4.89
C ASP A 277 -6.55 -38.30 5.97
N ALA A 278 -6.56 -36.97 6.08
CA ALA A 278 -7.32 -36.32 7.14
C ALA A 278 -8.82 -36.44 6.92
N MET A 279 -9.28 -36.15 5.70
CA MET A 279 -10.72 -36.23 5.43
C MET A 279 -11.23 -37.66 5.45
N VAL A 280 -10.39 -38.62 5.05
CA VAL A 280 -10.81 -40.03 5.09
C VAL A 280 -11.07 -40.46 6.53
N ASP A 281 -10.22 -39.99 7.46
CA ASP A 281 -10.40 -40.32 8.87
C ASP A 281 -11.51 -39.50 9.53
N GLN A 282 -11.88 -38.37 8.95
CA GLN A 282 -12.96 -37.53 9.46
C GLN A 282 -14.31 -37.87 8.83
N ALA A 283 -14.37 -38.94 8.05
CA ALA A 283 -15.59 -39.41 7.38
C ALA A 283 -16.14 -38.35 6.43
N TRP A 284 -15.38 -38.13 5.36
CA TRP A 284 -15.77 -37.26 4.26
C TRP A 284 -16.12 -38.09 3.05
N ASP A 285 -17.19 -37.72 2.36
CA ASP A 285 -17.58 -38.36 1.11
C ASP A 285 -17.50 -37.34 -0.02
N ALA A 286 -17.78 -37.81 -1.24
CA ALA A 286 -17.77 -36.91 -2.39
C ALA A 286 -18.82 -35.81 -2.25
N GLN A 287 -19.94 -36.12 -1.59
CA GLN A 287 -20.96 -35.12 -1.34
C GLN A 287 -20.43 -34.00 -0.45
N ARG A 288 -19.59 -34.36 0.54
CA ARG A 288 -19.03 -33.37 1.45
C ARG A 288 -18.04 -32.46 0.74
N ILE A 289 -17.29 -32.99 -0.23
CA ILE A 289 -16.29 -32.18 -0.93
C ILE A 289 -16.96 -31.03 -1.66
N PHE A 290 -18.06 -31.31 -2.37
CA PHE A 290 -18.77 -30.27 -3.09
C PHE A 290 -19.64 -29.42 -2.16
N LYS A 291 -20.11 -30.00 -1.05
CA LYS A 291 -20.81 -29.21 -0.05
C LYS A 291 -19.88 -28.20 0.60
N GLU A 292 -18.64 -28.61 0.89
CA GLU A 292 -17.67 -27.68 1.45
C GLU A 292 -17.26 -26.62 0.43
N ALA A 293 -17.15 -27.01 -0.85
CA ALA A 293 -16.85 -26.03 -1.88
C ALA A 293 -18.01 -25.06 -2.08
N GLU A 294 -19.25 -25.55 -1.93
CA GLU A 294 -20.40 -24.67 -2.01
C GLU A 294 -20.39 -23.65 -0.88
N LYS A 295 -20.00 -24.06 0.32
CA LYS A 295 -19.92 -23.14 1.44
C LYS A 295 -18.87 -22.06 1.22
N PHE A 296 -17.83 -22.37 0.43
CA PHE A 296 -16.80 -21.39 0.15
C PHE A 296 -17.34 -20.22 -0.66
N PHE A 297 -18.09 -20.51 -1.73
CA PHE A 297 -18.64 -19.44 -2.56
C PHE A 297 -19.73 -18.66 -1.84
N VAL A 298 -20.49 -19.31 -0.94
CA VAL A 298 -21.49 -18.60 -0.17
C VAL A 298 -20.84 -17.65 0.83
N SER A 299 -19.67 -18.02 1.35
CA SER A 299 -18.97 -17.16 2.32
C SER A 299 -18.49 -15.86 1.69
N VAL A 300 -18.32 -15.81 0.37
CA VAL A 300 -17.85 -14.61 -0.30
C VAL A 300 -18.99 -13.78 -0.89
N GLY A 301 -20.23 -14.26 -0.78
CA GLY A 301 -21.39 -13.54 -1.28
C GLY A 301 -22.06 -14.17 -2.48
N LEU A 302 -21.42 -15.15 -3.12
CA LEU A 302 -22.01 -15.81 -4.26
C LEU A 302 -23.16 -16.72 -3.81
N PRO A 303 -24.13 -16.98 -4.68
CA PRO A 303 -25.29 -17.79 -4.27
C PRO A 303 -24.93 -19.27 -4.15
N ASN A 304 -25.90 -20.03 -3.67
CA ASN A 304 -25.77 -21.47 -3.55
C ASN A 304 -25.73 -22.12 -4.94
N MET A 305 -25.60 -23.44 -4.94
CA MET A 305 -25.76 -24.22 -6.16
C MET A 305 -27.23 -24.54 -6.35
N THR A 306 -27.67 -24.51 -7.61
CA THR A 306 -29.07 -24.76 -7.90
C THR A 306 -29.46 -26.18 -7.50
N GLN A 307 -30.78 -26.38 -7.31
CA GLN A 307 -31.28 -27.72 -7.00
C GLN A 307 -30.98 -28.69 -8.13
N GLY A 308 -31.14 -28.24 -9.38
CA GLY A 308 -30.81 -29.08 -10.52
C GLY A 308 -29.35 -29.52 -10.56
N PHE A 309 -28.46 -28.75 -9.93
CA PHE A 309 -27.07 -29.16 -9.84
C PHE A 309 -26.92 -30.41 -8.98
N TRP A 310 -27.55 -30.43 -7.80
CA TRP A 310 -27.47 -31.58 -6.92
C TRP A 310 -28.27 -32.76 -7.44
N GLU A 311 -29.23 -32.53 -8.33
CA GLU A 311 -30.06 -33.60 -8.86
C GLU A 311 -29.51 -34.23 -10.12
N ASN A 312 -28.75 -33.47 -10.93
CA ASN A 312 -28.34 -33.94 -12.24
C ASN A 312 -26.84 -34.14 -12.42
N SER A 313 -26.01 -33.64 -11.51
CA SER A 313 -24.57 -33.80 -11.66
C SER A 313 -24.16 -35.24 -11.35
N MET A 314 -23.06 -35.66 -11.96
CA MET A 314 -22.47 -36.98 -11.72
C MET A 314 -21.17 -36.73 -10.95
N LEU A 315 -21.25 -36.76 -9.62
CA LEU A 315 -20.11 -36.46 -8.77
C LEU A 315 -19.31 -37.69 -8.37
N THR A 316 -19.77 -38.89 -8.72
CA THR A 316 -19.06 -40.12 -8.39
C THR A 316 -18.98 -41.00 -9.64
N ASP A 317 -18.03 -41.92 -9.62
CA ASP A 317 -17.87 -42.87 -10.71
C ASP A 317 -18.97 -43.92 -10.67
N PRO A 318 -19.79 -44.05 -11.73
CA PRO A 318 -20.82 -45.10 -11.75
C PRO A 318 -20.26 -46.50 -11.79
N GLY A 319 -18.97 -46.67 -12.05
CA GLY A 319 -18.32 -47.96 -12.03
C GLY A 319 -18.54 -48.78 -13.30
N ASN A 320 -18.25 -50.08 -13.18
CA ASN A 320 -18.30 -51.00 -14.32
C ASN A 320 -19.71 -51.18 -14.89
N VAL A 321 -20.75 -50.64 -14.26
CA VAL A 321 -22.10 -50.78 -14.78
C VAL A 321 -22.47 -49.65 -15.73
N GLN A 322 -21.62 -48.63 -15.87
CA GLN A 322 -21.91 -47.48 -16.73
C GLN A 322 -20.59 -46.74 -16.95
N LYS A 323 -19.98 -46.95 -18.11
CA LYS A 323 -18.72 -46.29 -18.39
C LYS A 323 -18.95 -44.82 -18.68
N ALA A 324 -18.02 -43.98 -18.23
CA ALA A 324 -18.17 -42.54 -18.36
C ALA A 324 -16.80 -41.88 -18.44
N VAL A 325 -16.75 -40.75 -19.15
CA VAL A 325 -15.53 -39.97 -19.25
C VAL A 325 -15.33 -39.20 -17.94
N CYS A 326 -14.16 -39.39 -17.32
CA CYS A 326 -13.89 -38.83 -16.00
C CYS A 326 -13.12 -37.52 -16.06
N HIS A 327 -13.10 -36.85 -17.20
CA HIS A 327 -12.46 -35.54 -17.30
C HIS A 327 -13.29 -34.50 -16.55
N PRO A 328 -12.74 -33.85 -15.51
CA PRO A 328 -13.52 -32.86 -14.76
C PRO A 328 -13.96 -31.68 -15.62
N THR A 329 -15.26 -31.60 -15.89
CA THR A 329 -15.82 -30.54 -16.73
C THR A 329 -17.03 -29.92 -16.02
N ALA A 330 -17.24 -28.63 -16.27
CA ALA A 330 -18.37 -27.89 -15.75
C ALA A 330 -19.33 -27.62 -16.91
N TRP A 331 -20.54 -28.17 -16.82
CA TRP A 331 -21.51 -28.11 -17.90
C TRP A 331 -22.51 -27.00 -17.65
N ASP A 332 -22.74 -26.19 -18.68
CA ASP A 332 -23.76 -25.13 -18.67
C ASP A 332 -24.69 -25.43 -19.84
N LEU A 333 -25.68 -26.31 -19.60
CA LEU A 333 -26.62 -26.70 -20.64
C LEU A 333 -27.60 -25.60 -21.01
N GLY A 334 -27.67 -24.52 -20.22
CA GLY A 334 -28.64 -23.47 -20.46
C GLY A 334 -29.98 -23.78 -19.83
N LYS A 335 -30.84 -22.77 -19.83
CA LYS A 335 -32.17 -22.86 -19.21
C LYS A 335 -32.09 -23.25 -17.74
N GLY A 336 -31.13 -22.66 -17.03
CA GLY A 336 -31.00 -22.89 -15.60
C GLY A 336 -30.43 -24.23 -15.21
N ASP A 337 -29.92 -25.01 -16.16
CA ASP A 337 -29.38 -26.33 -15.89
C ASP A 337 -27.86 -26.23 -15.81
N PHE A 338 -27.31 -26.34 -14.61
CA PHE A 338 -25.88 -26.31 -14.37
C PHE A 338 -25.46 -27.63 -13.74
N ARG A 339 -24.45 -28.27 -14.32
CA ARG A 339 -23.99 -29.56 -13.85
C ARG A 339 -22.47 -29.58 -13.81
N ILE A 340 -21.94 -30.61 -13.14
CA ILE A 340 -20.49 -30.84 -13.08
C ILE A 340 -20.25 -32.33 -13.30
N LEU A 341 -19.37 -32.66 -14.23
CA LEU A 341 -19.01 -34.03 -14.54
C LEU A 341 -17.60 -34.28 -13.99
N MET A 342 -17.52 -35.10 -12.95
CA MET A 342 -16.23 -35.36 -12.30
C MET A 342 -16.35 -36.63 -11.48
N CYS A 343 -15.43 -37.57 -11.73
CA CYS A 343 -15.36 -38.80 -10.94
C CYS A 343 -14.53 -38.51 -9.69
N THR A 344 -15.17 -37.84 -8.74
CA THR A 344 -14.47 -37.33 -7.57
C THR A 344 -14.04 -38.46 -6.65
N LYS A 345 -12.79 -38.40 -6.20
CA LYS A 345 -12.26 -39.30 -5.20
C LYS A 345 -11.87 -38.50 -3.96
N VAL A 346 -11.83 -39.17 -2.82
CA VAL A 346 -11.52 -38.51 -1.56
C VAL A 346 -10.03 -38.23 -1.47
N THR A 347 -9.57 -37.23 -2.23
CA THR A 347 -8.17 -36.82 -2.22
C THR A 347 -8.10 -35.30 -2.17
N MET A 348 -6.90 -34.78 -1.92
CA MET A 348 -6.71 -33.34 -1.89
C MET A 348 -6.70 -32.73 -3.28
N ASP A 349 -6.17 -33.45 -4.27
CA ASP A 349 -6.14 -32.92 -5.63
C ASP A 349 -7.54 -32.77 -6.21
N ASP A 350 -8.47 -33.65 -5.83
CA ASP A 350 -9.87 -33.49 -6.25
C ASP A 350 -10.59 -32.43 -5.43
N PHE A 351 -10.14 -32.18 -4.20
CA PHE A 351 -10.75 -31.12 -3.39
C PHE A 351 -10.49 -29.75 -4.00
N LEU A 352 -9.26 -29.51 -4.47
CA LEU A 352 -8.96 -28.23 -5.11
C LEU A 352 -9.61 -28.14 -6.49
N THR A 353 -9.68 -29.25 -7.21
CA THR A 353 -10.32 -29.26 -8.52
C THR A 353 -11.81 -28.97 -8.41
N ALA A 354 -12.45 -29.40 -7.33
CA ALA A 354 -13.88 -29.12 -7.13
C ALA A 354 -14.13 -27.62 -7.03
N HIS A 355 -13.20 -26.88 -6.41
CA HIS A 355 -13.33 -25.43 -6.38
C HIS A 355 -13.11 -24.81 -7.75
N HIS A 356 -12.24 -25.40 -8.58
CA HIS A 356 -12.01 -24.87 -9.92
C HIS A 356 -13.24 -25.03 -10.79
N GLU A 357 -13.79 -26.24 -10.86
CA GLU A 357 -14.93 -26.50 -11.73
C GLU A 357 -16.18 -25.77 -11.24
N MET A 358 -16.38 -25.71 -9.92
CA MET A 358 -17.52 -24.94 -9.39
C MET A 358 -17.33 -23.46 -9.62
N GLY A 359 -16.09 -22.99 -9.75
CA GLY A 359 -15.86 -21.60 -10.12
C GLY A 359 -16.37 -21.31 -11.52
N HIS A 360 -16.25 -22.29 -12.42
CA HIS A 360 -16.83 -22.12 -13.76
C HIS A 360 -18.35 -22.02 -13.68
N ILE A 361 -18.98 -22.77 -12.77
CA ILE A 361 -20.43 -22.73 -12.66
C ILE A 361 -20.89 -21.38 -12.13
N GLN A 362 -20.19 -20.84 -11.13
CA GLN A 362 -20.51 -19.51 -10.63
C GLN A 362 -20.38 -18.46 -11.72
N TYR A 363 -19.41 -18.64 -12.63
CA TYR A 363 -19.31 -17.75 -13.78
C TYR A 363 -20.51 -17.92 -14.71
N ASP A 364 -20.93 -19.17 -14.94
CA ASP A 364 -22.06 -19.43 -15.83
C ASP A 364 -23.36 -18.90 -15.23
N MET A 365 -23.53 -19.06 -13.91
CA MET A 365 -24.74 -18.56 -13.27
C MET A 365 -24.84 -17.04 -13.32
N ALA A 366 -23.68 -16.35 -13.35
CA ALA A 366 -23.70 -14.89 -13.28
C ALA A 366 -24.25 -14.27 -14.55
N TYR A 367 -23.70 -14.65 -15.71
CA TYR A 367 -24.12 -14.08 -16.99
C TYR A 367 -25.31 -14.81 -17.61
N ALA A 368 -26.09 -15.53 -16.81
CA ALA A 368 -27.26 -16.22 -17.34
C ALA A 368 -28.34 -15.26 -17.80
N ALA A 369 -28.37 -14.04 -17.27
CA ALA A 369 -29.36 -13.06 -17.69
C ALA A 369 -29.02 -12.42 -19.03
N GLN A 370 -27.77 -12.52 -19.47
CA GLN A 370 -27.38 -11.99 -20.77
C GLN A 370 -28.03 -12.79 -21.89
N PRO A 371 -28.17 -12.20 -23.07
CA PRO A 371 -28.68 -12.95 -24.23
C PRO A 371 -27.78 -14.14 -24.56
N PHE A 372 -28.30 -15.02 -25.42
CA PHE A 372 -27.63 -16.29 -25.69
C PHE A 372 -26.22 -16.09 -26.22
N LEU A 373 -26.05 -15.25 -27.24
CA LEU A 373 -24.74 -15.04 -27.84
C LEU A 373 -23.77 -14.31 -26.92
N LEU A 374 -24.24 -13.83 -25.77
CA LEU A 374 -23.40 -13.12 -24.81
C LEU A 374 -23.12 -13.92 -23.55
N ARG A 375 -23.58 -15.17 -23.47
CA ARG A 375 -23.35 -16.01 -22.31
C ARG A 375 -22.03 -16.74 -22.49
N ASN A 376 -20.94 -16.03 -22.18
CA ASN A 376 -19.60 -16.57 -22.28
C ASN A 376 -18.65 -15.61 -21.54
N GLY A 377 -17.44 -16.09 -21.29
CA GLY A 377 -16.44 -15.26 -20.66
C GLY A 377 -16.07 -14.05 -21.50
N ALA A 378 -15.38 -13.11 -20.86
CA ALA A 378 -14.93 -11.90 -21.56
C ALA A 378 -14.05 -12.25 -22.75
N ASN A 379 -13.03 -13.09 -22.53
CA ASN A 379 -12.25 -13.65 -23.61
C ASN A 379 -12.01 -15.13 -23.30
N GLU A 380 -11.16 -15.77 -24.10
CA GLU A 380 -10.89 -17.20 -23.92
C GLU A 380 -10.11 -17.49 -22.64
N GLY A 381 -9.46 -16.48 -22.07
CA GLY A 381 -8.66 -16.69 -20.87
C GLY A 381 -9.34 -16.33 -19.57
N PHE A 382 -10.48 -15.64 -19.66
CA PHE A 382 -11.17 -15.20 -18.45
C PHE A 382 -11.78 -16.36 -17.68
N HIS A 383 -12.31 -17.37 -18.39
CA HIS A 383 -13.00 -18.46 -17.71
C HIS A 383 -12.03 -19.31 -16.88
N GLU A 384 -10.89 -19.69 -17.47
CA GLU A 384 -9.92 -20.50 -16.73
C GLU A 384 -9.28 -19.72 -15.59
N ALA A 385 -9.18 -18.39 -15.72
CA ALA A 385 -8.60 -17.60 -14.64
C ALA A 385 -9.49 -17.55 -13.42
N VAL A 386 -10.81 -17.54 -13.62
CA VAL A 386 -11.74 -17.52 -12.49
C VAL A 386 -11.65 -18.80 -11.69
N GLY A 387 -11.55 -19.94 -12.37
CA GLY A 387 -11.44 -21.21 -11.66
C GLY A 387 -10.13 -21.38 -10.92
N GLU A 388 -9.06 -20.75 -11.40
CA GLU A 388 -7.74 -20.93 -10.79
C GLU A 388 -7.60 -20.13 -9.50
N ILE A 389 -8.20 -18.95 -9.44
CA ILE A 389 -8.12 -18.15 -8.21
C ILE A 389 -8.85 -18.82 -7.06
N MET A 390 -9.81 -19.70 -7.34
CA MET A 390 -10.49 -20.44 -6.28
C MET A 390 -9.57 -21.50 -5.69
N SER A 391 -8.85 -22.23 -6.54
CA SER A 391 -7.91 -23.23 -6.05
C SER A 391 -6.73 -22.59 -5.33
N LEU A 392 -6.38 -21.35 -5.68
CA LEU A 392 -5.34 -20.63 -4.95
C LEU A 392 -5.77 -20.36 -3.52
N SER A 393 -7.00 -19.90 -3.32
CA SER A 393 -7.48 -19.61 -1.97
C SER A 393 -7.75 -20.88 -1.18
N ALA A 394 -8.24 -21.92 -1.86
CA ALA A 394 -8.57 -23.17 -1.17
C ALA A 394 -7.35 -23.99 -0.80
N ALA A 395 -6.19 -23.69 -1.38
CA ALA A 395 -4.98 -24.44 -1.10
C ALA A 395 -4.10 -23.81 -0.02
N THR A 396 -4.46 -22.62 0.45
CA THR A 396 -3.66 -21.96 1.48
C THR A 396 -3.79 -22.72 2.79
N PRO A 397 -2.70 -22.81 3.57
CA PRO A 397 -2.79 -23.50 4.87
C PRO A 397 -3.79 -22.86 5.82
N LYS A 398 -4.04 -21.56 5.69
CA LYS A 398 -5.03 -20.90 6.55
C LYS A 398 -6.42 -21.45 6.30
N HIS A 399 -6.74 -21.76 5.03
CA HIS A 399 -8.06 -22.31 4.73
C HIS A 399 -8.16 -23.78 5.11
N LEU A 400 -7.10 -24.56 4.90
CA LEU A 400 -7.14 -25.98 5.23
C LEU A 400 -7.18 -26.19 6.74
N LYS A 401 -6.49 -25.34 7.50
CA LYS A 401 -6.57 -25.44 8.96
C LYS A 401 -7.94 -25.01 9.47
N SER A 402 -8.57 -24.04 8.82
CA SER A 402 -9.87 -23.57 9.27
C SER A 402 -10.96 -24.60 9.03
N ILE A 403 -10.84 -25.39 7.97
CA ILE A 403 -11.85 -26.41 7.68
C ILE A 403 -11.65 -27.63 8.57
N GLY A 404 -10.42 -27.94 8.95
CA GLY A 404 -10.12 -29.11 9.76
C GLY A 404 -9.31 -30.18 9.05
N LEU A 405 -8.79 -29.89 7.86
CA LEU A 405 -8.01 -30.86 7.11
C LEU A 405 -6.53 -30.84 7.47
N LEU A 406 -6.01 -29.73 7.95
CA LEU A 406 -4.65 -29.65 8.46
C LEU A 406 -4.66 -29.56 9.99
N SER A 407 -3.61 -30.09 10.60
CA SER A 407 -3.50 -30.04 12.05
C SER A 407 -3.34 -28.59 12.50
N PRO A 408 -3.95 -28.21 13.62
CA PRO A 408 -3.84 -26.81 14.09
C PRO A 408 -2.43 -26.40 14.48
N ASP A 409 -1.54 -27.36 14.78
CA ASP A 409 -0.16 -27.04 15.14
C ASP A 409 0.82 -27.22 13.98
N PHE A 410 0.36 -27.00 12.75
CA PHE A 410 1.24 -27.08 11.59
C PHE A 410 2.03 -25.78 11.49
N GLN A 411 3.35 -25.87 11.65
CA GLN A 411 4.20 -24.68 11.59
C GLN A 411 4.51 -24.32 10.15
N GLU A 412 4.26 -23.06 9.80
CA GLU A 412 4.51 -22.54 8.45
C GLU A 412 5.85 -21.83 8.49
N ASP A 413 6.92 -22.59 8.26
CA ASP A 413 8.25 -22.01 8.24
C ASP A 413 8.48 -21.24 6.94
N ASN A 414 9.57 -20.48 6.91
CA ASN A 414 9.97 -19.79 5.68
C ASN A 414 10.48 -20.76 4.62
N GLU A 415 10.80 -21.99 5.01
CA GLU A 415 11.21 -23.03 4.06
C GLU A 415 10.03 -23.81 3.52
N THR A 416 8.96 -23.98 4.31
CA THR A 416 7.74 -24.57 3.78
C THR A 416 7.13 -23.69 2.70
N GLU A 417 7.25 -22.37 2.84
CA GLU A 417 6.70 -21.46 1.84
C GLU A 417 7.53 -21.47 0.57
N ILE A 418 8.85 -21.62 0.70
CA ILE A 418 9.71 -21.75 -0.48
C ILE A 418 9.45 -23.08 -1.18
N ASN A 419 9.20 -24.14 -0.42
CA ASN A 419 8.82 -25.41 -1.02
C ASN A 419 7.53 -25.28 -1.81
N PHE A 420 6.54 -24.57 -1.25
CA PHE A 420 5.27 -24.40 -1.94
C PHE A 420 5.41 -23.52 -3.18
N LEU A 421 6.14 -22.41 -3.05
CA LEU A 421 6.32 -21.51 -4.19
C LEU A 421 7.13 -22.17 -5.30
N LEU A 422 8.11 -23.00 -4.95
CA LEU A 422 8.87 -23.71 -5.96
C LEU A 422 7.98 -24.69 -6.73
N LYS A 423 7.06 -25.35 -6.02
CA LYS A 423 6.12 -26.25 -6.69
C LYS A 423 5.16 -25.47 -7.58
N GLN A 424 4.75 -24.28 -7.15
CA GLN A 424 3.88 -23.46 -7.97
C GLN A 424 4.62 -22.95 -9.21
N ALA A 425 5.89 -22.57 -9.06
CA ALA A 425 6.63 -22.01 -10.18
C ALA A 425 6.93 -23.07 -11.23
N LEU A 426 7.14 -24.33 -10.83
CA LEU A 426 7.39 -25.39 -11.79
C LEU A 426 6.19 -25.60 -12.71
N THR A 427 4.99 -25.28 -12.23
CA THR A 427 3.76 -25.44 -13.01
C THR A 427 3.31 -24.13 -13.66
N ILE A 428 3.38 -23.02 -12.93
CA ILE A 428 2.83 -21.76 -13.41
C ILE A 428 3.82 -21.05 -14.32
N VAL A 429 4.97 -20.64 -13.77
CA VAL A 429 5.93 -19.89 -14.57
C VAL A 429 6.73 -20.77 -15.51
N GLY A 430 6.79 -22.08 -15.26
CA GLY A 430 7.54 -22.96 -16.14
C GLY A 430 6.89 -23.15 -17.49
N THR A 431 5.57 -22.97 -17.58
CA THR A 431 4.85 -23.15 -18.82
C THR A 431 4.75 -21.87 -19.65
N LEU A 432 5.16 -20.72 -19.09
CA LEU A 432 5.02 -19.47 -19.82
C LEU A 432 5.91 -19.39 -21.06
N PRO A 433 7.22 -19.67 -20.99
CA PRO A 433 8.02 -19.68 -22.23
C PRO A 433 7.57 -20.77 -23.19
N PHE A 434 7.10 -21.90 -22.69
CA PHE A 434 6.60 -22.95 -23.58
C PHE A 434 5.34 -22.50 -24.30
N THR A 435 4.41 -21.85 -23.58
CA THR A 435 3.17 -21.41 -24.20
C THR A 435 3.42 -20.32 -25.23
N TYR A 436 4.24 -19.33 -24.88
CA TYR A 436 4.52 -18.23 -25.81
C TYR A 436 5.25 -18.73 -27.05
N MET A 437 6.29 -19.54 -26.86
CA MET A 437 7.07 -20.02 -28.00
C MET A 437 6.23 -20.89 -28.93
N LEU A 438 5.33 -21.71 -28.36
CA LEU A 438 4.49 -22.55 -29.21
C LEU A 438 3.56 -21.71 -30.06
N GLU A 439 2.84 -20.77 -29.45
CA GLU A 439 1.92 -19.93 -30.21
C GLU A 439 2.67 -18.99 -31.15
N LYS A 440 3.89 -18.58 -30.78
CA LYS A 440 4.70 -17.76 -31.67
C LYS A 440 5.10 -18.55 -32.91
N TRP A 441 5.38 -19.84 -32.76
CA TRP A 441 5.75 -20.67 -33.90
C TRP A 441 4.57 -20.86 -34.85
N ARG A 442 3.37 -21.10 -34.30
CA ARG A 442 2.20 -21.26 -35.15
C ARG A 442 1.79 -19.93 -35.79
N TRP A 443 1.97 -18.82 -35.08
CA TRP A 443 1.69 -17.51 -35.68
C TRP A 443 2.58 -17.27 -36.88
N MET A 444 3.87 -17.61 -36.77
CA MET A 444 4.78 -17.43 -37.90
C MET A 444 4.45 -18.38 -39.04
N VAL A 445 4.06 -19.62 -38.73
CA VAL A 445 3.70 -20.58 -39.76
C VAL A 445 2.47 -20.12 -40.51
N PHE A 446 1.44 -19.67 -39.78
CA PHE A 446 0.24 -19.17 -40.42
C PHE A 446 0.52 -17.89 -41.20
N LYS A 447 1.32 -16.99 -40.64
CA LYS A 447 1.65 -15.75 -41.31
C LYS A 447 2.49 -15.96 -42.56
N GLY A 448 3.17 -17.11 -42.67
CA GLY A 448 3.99 -17.39 -43.82
C GLY A 448 5.45 -17.03 -43.67
N GLU A 449 5.95 -16.93 -42.45
CA GLU A 449 7.34 -16.58 -42.21
C GLU A 449 8.25 -17.80 -42.05
N ILE A 450 7.68 -18.99 -41.90
CA ILE A 450 8.46 -20.21 -41.78
C ILE A 450 8.10 -21.14 -42.93
N PRO A 451 8.99 -21.31 -43.92
CA PRO A 451 8.68 -22.22 -45.02
C PRO A 451 8.61 -23.66 -44.55
N LYS A 452 8.03 -24.50 -45.41
CA LYS A 452 7.84 -25.92 -45.06
C LYS A 452 9.17 -26.64 -44.89
N ASP A 453 10.19 -26.25 -45.66
CA ASP A 453 11.47 -26.94 -45.62
C ASP A 453 12.29 -26.59 -44.39
N GLN A 454 11.77 -25.77 -43.47
CA GLN A 454 12.47 -25.45 -42.23
C GLN A 454 11.48 -25.24 -41.10
N TRP A 455 10.43 -26.07 -41.06
CA TRP A 455 9.49 -26.03 -39.94
C TRP A 455 10.15 -26.47 -38.65
N MET A 456 10.76 -27.65 -38.65
CA MET A 456 11.41 -28.16 -37.44
C MET A 456 12.73 -27.46 -37.17
N LYS A 457 13.37 -26.92 -38.21
CA LYS A 457 14.61 -26.16 -37.99
C LYS A 457 14.34 -24.91 -37.16
N LYS A 458 13.30 -24.16 -37.52
CA LYS A 458 12.93 -22.97 -36.76
C LYS A 458 12.22 -23.31 -35.45
N TRP A 459 11.60 -24.49 -35.37
CA TRP A 459 10.92 -24.88 -34.14
C TRP A 459 11.91 -25.07 -33.00
N TRP A 460 13.03 -25.75 -33.27
CA TRP A 460 14.03 -25.99 -32.23
C TRP A 460 14.98 -24.82 -32.03
N GLU A 461 15.13 -23.94 -33.04
CA GLU A 461 15.87 -22.71 -32.81
C GLU A 461 15.16 -21.82 -31.81
N MET A 462 13.83 -21.82 -31.82
CA MET A 462 13.06 -21.07 -30.83
C MET A 462 13.01 -21.80 -29.49
N LYS A 463 12.98 -23.14 -29.51
CA LYS A 463 13.05 -23.89 -28.26
C LYS A 463 14.34 -23.60 -27.51
N ARG A 464 15.46 -23.51 -28.23
CA ARG A 464 16.73 -23.21 -27.59
C ARG A 464 16.77 -21.77 -27.08
N GLU A 465 16.25 -20.83 -27.88
CA GLU A 465 16.41 -19.42 -27.55
C GLU A 465 15.36 -18.95 -26.55
N ILE A 466 14.10 -19.32 -26.74
CA ILE A 466 13.02 -18.82 -25.91
C ILE A 466 12.84 -19.67 -24.66
N VAL A 467 12.56 -20.96 -24.86
CA VAL A 467 12.30 -21.83 -23.72
C VAL A 467 13.59 -22.28 -23.03
N GLY A 468 14.69 -22.32 -23.75
CA GLY A 468 15.92 -22.86 -23.20
C GLY A 468 15.92 -24.36 -23.09
N VAL A 469 15.37 -25.05 -24.09
CA VAL A 469 15.26 -26.50 -24.11
C VAL A 469 15.82 -27.01 -25.43
N VAL A 470 16.71 -27.99 -25.35
CA VAL A 470 17.38 -28.56 -26.52
C VAL A 470 16.87 -29.97 -26.74
N GLU A 471 16.75 -30.36 -28.01
CA GLU A 471 16.27 -31.70 -28.33
C GLU A 471 17.39 -32.72 -28.07
N PRO A 472 17.04 -33.92 -27.60
CA PRO A 472 18.08 -34.92 -27.35
C PRO A 472 18.65 -35.54 -28.61
N VAL A 473 17.84 -35.69 -29.65
CA VAL A 473 18.30 -36.25 -30.92
C VAL A 473 17.84 -35.33 -32.06
N PRO A 474 18.63 -35.17 -33.12
CA PRO A 474 18.25 -34.22 -34.18
C PRO A 474 17.04 -34.70 -34.96
N HIS A 475 16.18 -33.76 -35.31
CA HIS A 475 14.97 -34.03 -36.08
C HIS A 475 14.99 -33.20 -37.35
N ASP A 476 14.76 -33.86 -38.48
CA ASP A 476 14.70 -33.17 -39.77
C ASP A 476 13.25 -32.75 -40.04
N GLU A 477 12.92 -32.46 -41.29
CA GLU A 477 11.56 -32.04 -41.64
C GLU A 477 10.58 -33.21 -41.73
N THR A 478 11.05 -34.44 -41.54
CA THR A 478 10.14 -35.59 -41.50
C THR A 478 9.28 -35.57 -40.24
N TYR A 479 9.82 -35.06 -39.14
CA TYR A 479 9.09 -34.98 -37.89
C TYR A 479 8.13 -33.80 -37.89
N CYS A 480 7.26 -33.77 -36.88
CA CYS A 480 6.35 -32.66 -36.63
C CYS A 480 6.08 -32.64 -35.12
N ASP A 481 7.11 -32.27 -34.36
CA ASP A 481 7.00 -32.28 -32.90
C ASP A 481 5.90 -31.39 -32.34
N PRO A 482 5.67 -30.16 -32.84
CA PRO A 482 4.54 -29.39 -32.32
C PRO A 482 3.20 -30.10 -32.46
N ALA A 483 3.00 -30.84 -33.56
CA ALA A 483 1.75 -31.57 -33.73
C ALA A 483 1.61 -32.72 -32.74
N SER A 484 2.71 -33.17 -32.14
CA SER A 484 2.64 -34.24 -31.14
C SER A 484 1.97 -33.78 -29.84
N LEU A 485 1.59 -32.51 -29.74
CA LEU A 485 0.83 -31.98 -28.62
C LEU A 485 -0.65 -31.97 -28.97
N PHE A 486 -1.49 -32.12 -27.95
CA PHE A 486 -2.93 -32.22 -28.17
C PHE A 486 -3.49 -30.95 -28.81
N HIS A 487 -3.14 -29.79 -28.25
CA HIS A 487 -3.76 -28.54 -28.69
C HIS A 487 -3.41 -28.20 -30.13
N VAL A 488 -2.25 -28.64 -30.61
CA VAL A 488 -1.84 -28.31 -31.97
C VAL A 488 -2.53 -29.20 -32.99
N SER A 489 -2.57 -30.51 -32.73
CA SER A 489 -3.17 -31.45 -33.66
C SER A 489 -4.69 -31.52 -33.56
N ASN A 490 -5.29 -30.90 -32.54
CA ASN A 490 -6.74 -30.89 -32.37
C ASN A 490 -7.35 -29.53 -32.63
N ASP A 491 -6.59 -28.61 -33.23
CA ASP A 491 -7.10 -27.30 -33.67
C ASP A 491 -7.65 -26.48 -32.50
N TYR A 492 -6.75 -26.17 -31.57
CA TYR A 492 -7.07 -25.32 -30.43
C TYR A 492 -6.00 -24.23 -30.31
N SER A 493 -6.46 -23.00 -30.06
CA SER A 493 -5.52 -21.92 -29.76
C SER A 493 -4.82 -22.19 -28.44
N PHE A 494 -3.58 -21.72 -28.33
CA PHE A 494 -2.78 -21.97 -27.14
C PHE A 494 -2.41 -20.72 -26.36
N ILE A 495 -2.58 -19.52 -26.94
CA ILE A 495 -2.27 -18.29 -26.24
C ILE A 495 -3.21 -18.03 -25.07
N ARG A 496 -4.31 -18.78 -24.97
CA ARG A 496 -5.24 -18.59 -23.86
C ARG A 496 -4.60 -18.94 -22.53
N TYR A 497 -3.67 -19.89 -22.52
CA TYR A 497 -3.01 -20.30 -21.29
C TYR A 497 -1.98 -19.28 -20.81
N TYR A 498 -1.48 -18.44 -21.71
CA TYR A 498 -0.59 -17.35 -21.31
C TYR A 498 -1.38 -16.20 -20.71
N THR A 499 -2.48 -15.80 -21.36
CA THR A 499 -3.27 -14.68 -20.87
C THR A 499 -4.00 -15.04 -19.58
N ARG A 500 -4.51 -16.27 -19.48
CA ARG A 500 -5.18 -16.68 -18.25
C ARG A 500 -4.22 -16.67 -17.06
N THR A 501 -2.95 -16.98 -17.30
CA THR A 501 -1.98 -17.01 -16.19
C THR A 501 -1.75 -15.61 -15.63
N LEU A 502 -1.63 -14.61 -16.50
CA LEU A 502 -1.49 -13.24 -16.01
C LEU A 502 -2.80 -12.71 -15.45
N TYR A 503 -3.94 -13.16 -15.97
CA TYR A 503 -5.22 -12.70 -15.45
C TYR A 503 -5.47 -13.18 -14.03
N GLN A 504 -5.15 -14.45 -13.74
CA GLN A 504 -5.50 -15.02 -12.44
C GLN A 504 -4.75 -14.35 -11.30
N PHE A 505 -3.55 -13.84 -11.56
CA PHE A 505 -2.81 -13.13 -10.51
C PHE A 505 -3.20 -11.66 -10.42
N GLN A 506 -3.62 -11.05 -11.53
CA GLN A 506 -4.24 -9.73 -11.45
C GLN A 506 -5.54 -9.79 -10.67
N PHE A 507 -6.33 -10.86 -10.88
CA PHE A 507 -7.55 -11.05 -10.12
C PHE A 507 -7.25 -11.28 -8.66
N GLN A 508 -6.28 -12.15 -8.36
CA GLN A 508 -5.95 -12.46 -6.98
C GLN A 508 -5.48 -11.22 -6.22
N GLU A 509 -4.53 -10.47 -6.82
CA GLU A 509 -4.07 -9.25 -6.18
C GLU A 509 -5.21 -8.26 -5.99
N ALA A 510 -6.11 -8.17 -6.97
CA ALA A 510 -7.24 -7.25 -6.85
C ALA A 510 -8.21 -7.72 -5.77
N LEU A 511 -8.44 -9.03 -5.66
CA LEU A 511 -9.37 -9.54 -4.67
C LEU A 511 -8.77 -9.49 -3.27
N CYS A 512 -7.48 -9.79 -3.14
CA CYS A 512 -6.84 -9.77 -1.83
C CYS A 512 -6.75 -8.35 -1.26
N GLN A 513 -6.70 -7.33 -2.13
CA GLN A 513 -6.82 -5.97 -1.65
C GLN A 513 -8.24 -5.69 -1.16
N ALA A 514 -9.24 -6.14 -1.91
CA ALA A 514 -10.62 -6.03 -1.44
C ALA A 514 -10.86 -6.94 -0.24
N ALA A 515 -10.16 -8.06 -0.17
CA ALA A 515 -10.23 -8.94 0.99
C ALA A 515 -9.41 -8.44 2.16
N LYS A 516 -8.76 -7.28 2.02
CA LYS A 516 -7.99 -6.68 3.11
C LYS A 516 -6.84 -7.56 3.57
N HIS A 517 -6.28 -8.36 2.67
CA HIS A 517 -5.14 -9.19 3.02
C HIS A 517 -3.91 -8.32 3.26
N GLU A 518 -3.06 -8.76 4.19
CA GLU A 518 -1.90 -7.98 4.60
C GLU A 518 -0.57 -8.71 4.47
N GLY A 519 -0.56 -10.03 4.45
CA GLY A 519 0.66 -10.78 4.33
C GLY A 519 1.10 -10.93 2.89
N PRO A 520 1.96 -11.90 2.61
CA PRO A 520 2.38 -12.15 1.22
C PRO A 520 1.18 -12.56 0.37
N LEU A 521 1.31 -12.33 -0.94
CA LEU A 521 0.20 -12.59 -1.85
C LEU A 521 -0.15 -14.07 -1.93
N HIS A 522 0.85 -14.95 -1.81
CA HIS A 522 0.60 -16.39 -1.91
C HIS A 522 -0.07 -16.97 -0.68
N LYS A 523 -0.12 -16.24 0.43
CA LYS A 523 -0.78 -16.68 1.64
C LYS A 523 -2.21 -16.14 1.78
N CYS A 524 -2.77 -15.59 0.70
CA CYS A 524 -4.06 -14.92 0.75
C CYS A 524 -5.20 -15.90 0.50
N ASP A 525 -6.24 -15.79 1.31
CA ASP A 525 -7.47 -16.56 1.17
C ASP A 525 -8.63 -15.58 1.19
N ILE A 526 -9.39 -15.53 0.10
CA ILE A 526 -10.47 -14.56 -0.07
C ILE A 526 -11.75 -15.05 0.60
N SER A 527 -11.65 -16.06 1.45
CA SER A 527 -12.81 -16.55 2.16
C SER A 527 -13.37 -15.45 3.07
N ASN A 528 -14.69 -15.42 3.20
CA ASN A 528 -15.46 -14.47 4.01
C ASN A 528 -15.44 -13.06 3.48
N SER A 529 -14.83 -12.79 2.34
CA SER A 529 -14.73 -11.42 1.85
C SER A 529 -15.90 -11.16 0.92
N THR A 530 -16.99 -10.63 1.48
CA THR A 530 -18.13 -10.24 0.66
C THR A 530 -17.76 -9.07 -0.24
N GLU A 531 -16.77 -8.26 0.16
CA GLU A 531 -16.30 -7.19 -0.70
C GLU A 531 -15.56 -7.74 -1.91
N ALA A 532 -14.68 -8.73 -1.71
CA ALA A 532 -14.01 -9.36 -2.83
C ALA A 532 -14.99 -10.15 -3.70
N GLY A 533 -15.97 -10.79 -3.08
CA GLY A 533 -16.97 -11.50 -3.86
C GLY A 533 -17.84 -10.56 -4.66
N GLN A 534 -18.24 -9.43 -4.06
CA GLN A 534 -18.99 -8.44 -4.80
C GLN A 534 -18.15 -7.82 -5.90
N LYS A 535 -16.85 -7.61 -5.63
CA LYS A 535 -15.96 -7.04 -6.63
C LYS A 535 -15.75 -7.98 -7.80
N LEU A 536 -15.70 -9.29 -7.52
CA LEU A 536 -15.55 -10.28 -8.60
C LEU A 536 -16.85 -10.49 -9.36
N PHE A 537 -17.98 -10.51 -8.64
CA PHE A 537 -19.27 -10.72 -9.30
C PHE A 537 -19.60 -9.58 -10.25
N ASN A 538 -19.10 -8.37 -9.98
CA ASN A 538 -19.35 -7.24 -10.87
C ASN A 538 -18.77 -7.44 -12.26
N MET A 539 -17.79 -8.33 -12.41
CA MET A 539 -17.23 -8.66 -13.72
C MET A 539 -17.76 -9.96 -14.28
N LEU A 540 -18.16 -10.90 -13.42
CA LEU A 540 -18.69 -12.18 -13.91
C LEU A 540 -20.03 -11.97 -14.60
N ARG A 541 -20.85 -11.04 -14.10
CA ARG A 541 -22.16 -10.79 -14.68
C ARG A 541 -22.09 -10.16 -16.06
N LEU A 542 -20.97 -9.50 -16.39
CA LEU A 542 -20.85 -8.84 -17.70
C LEU A 542 -20.89 -9.85 -18.84
N GLY A 543 -20.30 -11.02 -18.63
CA GLY A 543 -20.23 -12.00 -19.71
C GLY A 543 -19.37 -11.47 -20.84
N LYS A 544 -19.90 -11.53 -22.07
CA LYS A 544 -19.22 -10.98 -23.23
C LYS A 544 -19.89 -9.71 -23.74
N SER A 545 -20.80 -9.11 -22.95
CA SER A 545 -21.47 -7.89 -23.38
C SER A 545 -20.49 -6.73 -23.45
N GLU A 546 -19.78 -6.48 -22.37
CA GLU A 546 -18.77 -5.44 -22.35
C GLU A 546 -17.42 -6.00 -22.82
N PRO A 547 -16.58 -5.16 -23.42
CA PRO A 547 -15.25 -5.64 -23.83
C PRO A 547 -14.44 -6.15 -22.65
N TRP A 548 -13.51 -7.06 -22.95
CA TRP A 548 -12.70 -7.66 -21.89
C TRP A 548 -11.82 -6.63 -21.21
N THR A 549 -11.41 -5.59 -21.93
CA THR A 549 -10.64 -4.52 -21.30
C THR A 549 -11.46 -3.79 -20.25
N LEU A 550 -12.76 -3.61 -20.50
CA LEU A 550 -13.61 -2.99 -19.50
C LEU A 550 -13.92 -3.94 -18.36
N ALA A 551 -14.19 -5.22 -18.68
CA ALA A 551 -14.45 -6.20 -17.63
C ALA A 551 -13.24 -6.40 -16.74
N LEU A 552 -12.04 -6.40 -17.33
CA LEU A 552 -10.83 -6.51 -16.53
C LEU A 552 -10.63 -5.27 -15.65
N GLU A 553 -11.02 -4.10 -16.16
CA GLU A 553 -10.88 -2.87 -15.39
C GLU A 553 -11.84 -2.84 -14.20
N ASN A 554 -12.98 -3.53 -14.31
CA ASN A 554 -13.96 -3.52 -13.23
C ASN A 554 -13.48 -4.25 -11.99
N VAL A 555 -12.42 -5.05 -12.11
CA VAL A 555 -11.89 -5.82 -10.99
C VAL A 555 -10.47 -5.40 -10.63
N VAL A 556 -9.58 -5.34 -11.62
CA VAL A 556 -8.19 -5.00 -11.34
C VAL A 556 -7.88 -3.51 -11.52
N GLY A 557 -8.75 -2.76 -12.19
CA GLY A 557 -8.50 -1.35 -12.40
C GLY A 557 -7.55 -1.03 -13.53
N ALA A 558 -7.34 -1.97 -14.45
CA ALA A 558 -6.45 -1.78 -15.59
C ALA A 558 -7.14 -2.23 -16.86
N LYS A 559 -6.83 -1.54 -17.96
CA LYS A 559 -7.42 -1.83 -19.25
C LYS A 559 -6.67 -2.91 -20.03
N ASN A 560 -5.57 -3.42 -19.48
CA ASN A 560 -4.77 -4.40 -20.20
C ASN A 560 -4.13 -5.35 -19.20
N MET A 561 -3.64 -6.47 -19.71
CA MET A 561 -2.98 -7.46 -18.86
C MET A 561 -1.67 -6.90 -18.30
N ASN A 562 -1.36 -7.29 -17.07
CA ASN A 562 -0.17 -6.81 -16.37
C ASN A 562 0.56 -7.99 -15.77
N VAL A 563 1.89 -7.96 -15.84
CA VAL A 563 2.70 -9.04 -15.31
C VAL A 563 3.15 -8.81 -13.88
N ARG A 564 3.05 -7.57 -13.37
CA ARG A 564 3.44 -7.26 -12.00
C ARG A 564 2.79 -8.16 -10.96
N PRO A 565 1.48 -8.41 -10.99
CA PRO A 565 0.90 -9.32 -9.98
C PRO A 565 1.49 -10.73 -10.01
N LEU A 566 1.92 -11.19 -11.18
CA LEU A 566 2.55 -12.51 -11.27
C LEU A 566 3.91 -12.53 -10.57
N LEU A 567 4.66 -11.43 -10.69
CA LEU A 567 5.98 -11.38 -10.06
C LEU A 567 5.88 -11.21 -8.55
N ASN A 568 4.82 -10.54 -8.07
CA ASN A 568 4.64 -10.40 -6.62
C ASN A 568 4.30 -11.73 -5.96
N TYR A 569 3.62 -12.63 -6.69
CA TYR A 569 3.29 -13.94 -6.12
C TYR A 569 4.55 -14.75 -5.86
N PHE A 570 5.49 -14.76 -6.81
CA PHE A 570 6.72 -15.52 -6.70
C PHE A 570 7.89 -14.66 -6.25
N GLU A 571 7.62 -13.51 -5.64
CA GLU A 571 8.71 -12.64 -5.18
C GLU A 571 9.56 -13.26 -4.08
N PRO A 572 9.00 -13.88 -3.03
CA PRO A 572 9.87 -14.56 -2.05
C PRO A 572 10.70 -15.68 -2.66
N LEU A 573 10.20 -16.34 -3.70
CA LEU A 573 10.97 -17.38 -4.37
C LEU A 573 12.02 -16.79 -5.31
N PHE A 574 11.72 -15.64 -5.93
CA PHE A 574 12.68 -15.03 -6.86
C PHE A 574 13.95 -14.59 -6.16
N THR A 575 13.83 -14.01 -4.96
CA THR A 575 15.01 -13.62 -4.21
C THR A 575 15.75 -14.83 -3.66
N TRP A 576 15.03 -15.92 -3.39
CA TRP A 576 15.70 -17.14 -2.92
C TRP A 576 16.44 -17.83 -4.05
N LEU A 577 15.90 -17.80 -5.27
CA LEU A 577 16.57 -18.40 -6.41
C LEU A 577 17.85 -17.64 -6.76
N LYS A 578 17.83 -16.31 -6.62
CA LYS A 578 19.02 -15.51 -6.91
C LYS A 578 20.15 -15.84 -5.94
N ASP A 579 19.81 -16.12 -4.67
CA ASP A 579 20.83 -16.51 -3.71
C ASP A 579 21.37 -17.90 -4.01
N GLN A 580 20.51 -18.82 -4.44
CA GLN A 580 20.96 -20.16 -4.78
C GLN A 580 21.84 -20.16 -6.02
N ASN A 581 21.55 -19.28 -6.97
CA ASN A 581 22.27 -19.23 -8.24
C ASN A 581 23.46 -18.26 -8.21
N LYS A 582 23.93 -17.86 -7.03
CA LYS A 582 25.07 -16.95 -6.97
C LYS A 582 26.34 -17.61 -7.48
N ASN A 583 26.46 -18.93 -7.35
CA ASN A 583 27.59 -19.68 -7.87
C ASN A 583 27.23 -20.53 -9.08
N SER A 584 26.07 -20.29 -9.68
CA SER A 584 25.62 -20.99 -10.87
C SER A 584 25.63 -20.03 -12.05
N PHE A 585 25.34 -20.57 -13.23
CA PHE A 585 25.28 -19.79 -14.45
C PHE A 585 23.81 -19.56 -14.80
N VAL A 586 23.39 -18.31 -14.78
CA VAL A 586 22.02 -17.93 -15.13
C VAL A 586 22.00 -17.61 -16.61
N GLY A 587 21.20 -18.35 -17.36
CA GLY A 587 21.18 -18.28 -18.81
C GLY A 587 21.60 -19.58 -19.43
N TRP A 588 21.55 -19.61 -20.76
CA TRP A 588 21.86 -20.83 -21.50
C TRP A 588 22.42 -20.47 -22.86
N SER A 589 23.28 -21.35 -23.39
CA SER A 589 23.82 -21.22 -24.73
C SER A 589 22.95 -22.01 -25.69
N THR A 590 22.57 -21.37 -26.80
CA THR A 590 21.72 -21.98 -27.80
C THR A 590 22.47 -22.89 -28.76
N ASP A 591 23.71 -23.28 -28.44
CA ASP A 591 24.52 -24.11 -29.32
C ASP A 591 24.79 -25.51 -28.79
N TRP A 592 24.77 -25.70 -27.47
CA TRP A 592 25.05 -27.01 -26.92
C TRP A 592 23.89 -27.97 -27.18
N SER A 593 24.23 -29.23 -27.46
CA SER A 593 23.26 -30.28 -27.69
C SER A 593 23.84 -31.58 -27.17
N PRO A 594 23.00 -32.51 -26.71
CA PRO A 594 23.51 -33.79 -26.19
C PRO A 594 23.94 -34.75 -27.29
N TYR A 595 24.24 -34.22 -28.49
CA TYR A 595 24.63 -35.09 -29.60
C TYR A 595 25.60 -34.43 -30.57
N ALA A 596 26.19 -33.29 -30.23
CA ALA A 596 27.08 -32.59 -31.15
C ALA A 596 28.34 -33.40 -31.47
N SER B 1 50.19 38.63 7.81
CA SER B 1 49.11 37.66 7.91
C SER B 1 47.82 38.21 7.29
N THR B 2 47.10 37.35 6.58
CA THR B 2 45.85 37.76 5.96
C THR B 2 44.79 38.00 7.02
N ILE B 3 43.96 39.04 6.81
CA ILE B 3 42.84 39.31 7.70
C ILE B 3 41.92 38.10 7.78
N GLU B 4 41.75 37.39 6.68
CA GLU B 4 40.94 36.18 6.69
C GLU B 4 41.56 35.10 7.57
N GLU B 5 42.89 34.98 7.53
CA GLU B 5 43.57 33.99 8.36
C GLU B 5 43.64 34.41 9.82
N GLN B 6 43.72 35.71 10.10
CA GLN B 6 43.68 36.18 11.47
C GLN B 6 42.31 35.92 12.10
N ALA B 7 41.24 36.04 11.29
CA ALA B 7 39.90 35.79 11.80
C ALA B 7 39.66 34.31 12.05
N LYS B 8 40.25 33.44 11.23
CA LYS B 8 40.08 32.00 11.44
C LYS B 8 40.67 31.56 12.78
N THR B 9 41.87 32.05 13.10
CA THR B 9 42.48 31.75 14.39
C THR B 9 41.66 32.36 15.52
N PHE B 10 41.10 33.55 15.30
CA PHE B 10 40.23 34.16 16.30
C PHE B 10 39.01 33.29 16.57
N LEU B 11 38.39 32.75 15.51
CA LEU B 11 37.26 31.86 15.69
C LEU B 11 37.66 30.58 16.41
N ASP B 12 38.89 30.09 16.17
CA ASP B 12 39.37 28.93 16.90
C ASP B 12 39.49 29.21 18.39
N LYS B 13 39.98 30.40 18.75
CA LYS B 13 40.01 30.80 20.15
C LYS B 13 38.60 30.95 20.69
N PHE B 14 37.67 31.43 19.86
CA PHE B 14 36.29 31.58 20.30
C PHE B 14 35.60 30.23 20.46
N ASN B 15 35.73 29.36 19.45
CA ASN B 15 35.05 28.07 19.47
C ASN B 15 35.48 27.23 20.66
N HIS B 16 36.72 27.35 21.11
CA HIS B 16 37.18 26.56 22.25
C HIS B 16 36.77 27.18 23.58
N GLU B 17 36.82 28.51 23.68
CA GLU B 17 36.44 29.16 24.93
C GLU B 17 34.94 29.25 25.10
N ALA B 18 34.18 29.38 23.99
CA ALA B 18 32.73 29.47 24.09
C ALA B 18 32.08 28.13 24.39
N GLU B 19 32.68 27.02 23.94
CA GLU B 19 32.09 25.72 24.22
C GLU B 19 32.08 25.41 25.71
N ASP B 20 33.08 25.89 26.45
CA ASP B 20 33.14 25.63 27.88
C ASP B 20 32.18 26.53 28.65
N LEU B 21 32.11 27.82 28.29
CA LEU B 21 31.20 28.73 28.97
C LEU B 21 29.75 28.47 28.61
N PHE B 22 29.47 28.04 27.38
CA PHE B 22 28.10 27.73 27.00
C PHE B 22 27.59 26.48 27.71
N TYR B 23 28.48 25.52 27.99
CA TYR B 23 28.06 24.33 28.71
C TYR B 23 27.73 24.65 30.16
N GLN B 24 28.51 25.54 30.79
CA GLN B 24 28.24 25.91 32.17
C GLN B 24 26.92 26.66 32.29
N SER B 25 26.59 27.48 31.29
CA SER B 25 25.32 28.20 31.33
C SER B 25 24.15 27.28 31.01
N SER B 26 24.34 26.32 30.12
CA SER B 26 23.27 25.40 29.76
C SER B 26 22.96 24.44 30.91
N LEU B 27 23.99 23.88 31.54
CA LEU B 27 23.76 23.00 32.68
C LEU B 27 23.21 23.75 33.88
N ALA B 28 23.55 25.04 34.02
CA ALA B 28 23.00 25.84 35.11
C ALA B 28 21.51 26.06 34.92
N SER B 29 21.08 26.35 33.70
CA SER B 29 19.65 26.50 33.43
C SER B 29 18.93 25.16 33.42
N TRP B 30 19.65 24.06 33.16
CA TRP B 30 19.03 22.74 33.28
C TRP B 30 18.74 22.40 34.73
N ASN B 31 19.67 22.69 35.63
CA ASN B 31 19.47 22.41 37.05
C ASN B 31 18.35 23.25 37.64
N TYR B 32 17.94 24.32 36.99
CA TYR B 32 16.81 25.12 37.44
C TYR B 32 15.49 24.59 36.89
N ASN B 33 15.44 24.29 35.59
CA ASN B 33 14.20 23.81 34.97
C ASN B 33 13.82 22.41 35.45
N THR B 34 14.77 21.66 36.01
CA THR B 34 14.49 20.33 36.56
C THR B 34 14.45 20.34 38.09
N ASN B 35 14.75 21.47 38.72
CA ASN B 35 14.83 21.55 40.17
C ASN B 35 14.73 23.02 40.58
N ILE B 36 13.52 23.56 40.60
CA ILE B 36 13.28 24.98 40.83
C ILE B 36 13.53 25.34 42.29
N THR B 37 14.73 25.83 42.58
CA THR B 37 15.09 26.32 43.90
C THR B 37 15.79 27.68 43.76
N GLU B 38 15.96 28.36 44.88
CA GLU B 38 16.63 29.66 44.85
C GLU B 38 18.12 29.51 44.59
N GLU B 39 18.73 28.42 45.07
CA GLU B 39 20.14 28.19 44.79
C GLU B 39 20.39 27.93 43.31
N ASN B 40 19.44 27.29 42.63
CA ASN B 40 19.63 26.99 41.21
C ASN B 40 19.26 28.17 40.32
N VAL B 41 18.39 29.07 40.79
CA VAL B 41 18.05 30.22 39.98
C VAL B 41 19.18 31.25 39.99
N GLN B 42 20.00 31.26 41.03
CA GLN B 42 21.14 32.17 41.07
C GLN B 42 22.33 31.59 40.30
N ASN B 43 22.55 30.29 40.40
CA ASN B 43 23.59 29.65 39.59
C ASN B 43 23.28 29.75 38.10
N MET B 44 21.99 29.76 37.74
CA MET B 44 21.62 29.96 36.35
C MET B 44 21.94 31.38 35.88
N ASN B 45 21.77 32.36 36.77
CA ASN B 45 22.04 33.75 36.39
C ASN B 45 23.53 34.04 36.40
N ASN B 46 24.28 33.44 37.33
CA ASN B 46 25.73 33.65 37.36
C ASN B 46 26.39 33.09 36.11
N ALA B 47 26.09 31.83 35.77
CA ALA B 47 26.61 31.25 34.54
C ALA B 47 26.02 31.89 33.30
N GLY B 48 24.82 32.47 33.40
CA GLY B 48 24.21 33.16 32.28
C GLY B 48 24.84 34.53 32.05
N ASP B 49 25.06 35.27 33.13
CA ASP B 49 25.74 36.57 33.00
C ASP B 49 27.20 36.39 32.63
N LYS B 50 27.84 35.30 33.08
CA LYS B 50 29.21 35.02 32.68
C LYS B 50 29.29 34.78 31.19
N TRP B 51 28.34 34.04 30.63
CA TRP B 51 28.29 33.83 29.19
C TRP B 51 27.90 35.09 28.44
N SER B 52 27.02 35.92 29.03
CA SER B 52 26.61 37.16 28.37
C SER B 52 27.76 38.15 28.30
N ALA B 53 28.52 38.29 29.39
CA ALA B 53 29.67 39.19 29.38
C ALA B 53 30.76 38.69 28.44
N PHE B 54 30.91 37.36 28.32
CA PHE B 54 31.87 36.80 27.37
C PHE B 54 31.44 37.08 25.94
N LEU B 55 30.15 36.98 25.64
CA LEU B 55 29.67 37.22 24.29
C LEU B 55 29.84 38.68 23.88
N LYS B 56 29.69 39.61 24.83
CA LYS B 56 29.93 41.02 24.53
C LYS B 56 31.41 41.30 24.32
N GLU B 57 32.27 40.65 25.10
CA GLU B 57 33.71 40.83 24.93
C GLU B 57 34.15 40.36 23.54
N GLN B 58 33.73 39.17 23.14
CA GLN B 58 34.07 38.65 21.82
C GLN B 58 33.34 39.38 20.70
N SER B 59 32.25 40.08 21.02
CA SER B 59 31.53 40.84 20.01
C SER B 59 32.38 41.98 19.46
N THR B 60 32.86 42.85 20.35
CA THR B 60 33.70 43.96 19.92
C THR B 60 35.05 43.48 19.40
N LEU B 61 35.55 42.35 19.90
CA LEU B 61 36.80 41.81 19.39
C LEU B 61 36.66 41.32 17.95
N ALA B 62 35.51 40.74 17.62
CA ALA B 62 35.26 40.26 16.26
C ALA B 62 34.97 41.40 15.29
N GLN B 63 34.51 42.55 15.78
CA GLN B 63 34.20 43.66 14.90
C GLN B 63 35.45 44.31 14.32
N MET B 64 36.61 44.07 14.91
CA MET B 64 37.86 44.63 14.42
C MET B 64 38.43 43.88 13.20
N TYR B 65 37.69 42.91 12.67
CA TYR B 65 38.05 42.25 11.43
C TYR B 65 37.08 42.68 10.34
N PRO B 66 37.54 43.36 9.29
CA PRO B 66 36.61 43.82 8.24
C PRO B 66 35.96 42.65 7.52
N LEU B 67 34.63 42.64 7.53
CA LEU B 67 33.89 41.54 6.92
C LEU B 67 34.05 41.54 5.40
N GLN B 68 34.33 42.70 4.80
CA GLN B 68 34.50 42.76 3.35
C GLN B 68 35.81 42.14 2.90
N GLU B 69 36.77 41.95 3.80
CA GLU B 69 38.06 41.38 3.45
C GLU B 69 38.06 39.85 3.44
N ILE B 70 36.94 39.22 3.81
CA ILE B 70 36.84 37.77 3.88
C ILE B 70 36.16 37.25 2.62
N GLN B 71 36.77 36.24 1.99
CA GLN B 71 36.20 35.59 0.83
C GLN B 71 35.58 34.24 1.15
N ASN B 72 36.04 33.57 2.20
CA ASN B 72 35.49 32.29 2.61
C ASN B 72 34.05 32.49 3.08
N LEU B 73 33.11 31.82 2.41
CA LEU B 73 31.70 32.00 2.75
C LEU B 73 31.38 31.46 4.14
N THR B 74 32.08 30.40 4.56
CA THR B 74 31.83 29.84 5.88
C THR B 74 32.33 30.79 6.98
N VAL B 75 33.55 31.30 6.82
CA VAL B 75 34.09 32.23 7.82
C VAL B 75 33.33 33.55 7.80
N LYS B 76 32.77 33.93 6.66
CA LYS B 76 32.00 35.16 6.59
C LYS B 76 30.71 35.06 7.38
N LEU B 77 30.10 33.86 7.42
CA LEU B 77 28.89 33.68 8.22
C LEU B 77 29.21 33.69 9.72
N GLN B 78 30.35 33.12 10.10
CA GLN B 78 30.69 33.07 11.52
C GLN B 78 31.08 34.44 12.05
N LEU B 79 31.83 35.22 11.28
CA LEU B 79 32.18 36.57 11.69
C LEU B 79 30.94 37.45 11.81
N GLN B 80 30.02 37.36 10.85
CA GLN B 80 28.82 38.17 10.90
C GLN B 80 27.95 37.82 12.10
N ALA B 81 28.00 36.58 12.57
CA ALA B 81 27.23 36.19 13.74
C ALA B 81 27.80 36.85 15.01
N LEU B 82 29.13 36.93 15.12
CA LEU B 82 29.74 37.55 16.28
C LEU B 82 29.68 39.07 16.21
N GLN B 83 29.74 39.64 15.01
CA GLN B 83 29.73 41.10 14.86
C GLN B 83 28.35 41.71 15.13
N GLN B 84 27.34 40.89 15.43
CA GLN B 84 26.03 41.41 15.79
C GLN B 84 26.11 42.10 17.14
N ASN B 85 25.81 43.40 17.16
CA ASN B 85 25.83 44.13 18.42
C ASN B 85 24.75 43.63 19.38
N GLY B 86 23.60 43.24 18.85
CA GLY B 86 22.56 42.67 19.69
C GLY B 86 21.95 43.70 20.61
N SER B 87 21.72 43.29 21.86
CA SER B 87 21.09 44.15 22.85
C SER B 87 22.05 45.14 23.49
N SER B 88 23.36 45.03 23.22
CA SER B 88 24.33 45.93 23.82
C SER B 88 24.31 47.32 23.18
N VAL B 89 23.56 47.52 22.10
CA VAL B 89 23.48 48.83 21.47
C VAL B 89 22.70 49.82 22.32
N LEU B 90 21.91 49.33 23.28
CA LEU B 90 21.16 50.21 24.16
C LEU B 90 22.07 50.81 25.22
N SER B 91 21.53 51.79 25.94
CA SER B 91 22.25 52.40 27.06
C SER B 91 22.25 51.44 28.26
N GLU B 92 22.99 51.84 29.30
CA GLU B 92 23.07 51.00 30.49
C GLU B 92 21.73 50.89 31.22
N ASP B 93 20.92 51.95 31.18
CA ASP B 93 19.62 51.95 31.85
C ASP B 93 18.53 51.33 31.00
N LYS B 94 18.55 51.56 29.68
CA LYS B 94 17.53 50.99 28.80
C LYS B 94 17.72 49.49 28.63
N SER B 95 18.97 49.03 28.53
CA SER B 95 19.23 47.61 28.40
C SER B 95 18.91 46.86 29.69
N LYS B 96 19.13 47.49 30.84
CA LYS B 96 18.78 46.85 32.12
C LYS B 96 17.27 46.81 32.32
N ARG B 97 16.57 47.86 31.89
CA ARG B 97 15.12 47.89 32.01
C ARG B 97 14.46 46.90 31.06
N LEU B 98 15.05 46.67 29.88
CA LEU B 98 14.49 45.70 28.95
C LEU B 98 14.55 44.29 29.53
N ASN B 99 15.70 43.91 30.10
CA ASN B 99 15.80 42.62 30.77
C ASN B 99 14.98 42.55 32.04
N THR B 100 14.64 43.71 32.64
CA THR B 100 13.81 43.70 33.83
C THR B 100 12.36 43.37 33.49
N ILE B 101 11.83 43.95 32.41
CA ILE B 101 10.46 43.65 32.01
C ILE B 101 10.36 42.27 31.38
N LEU B 102 11.42 41.80 30.71
CA LEU B 102 11.40 40.47 30.13
C LEU B 102 11.30 39.39 31.19
N ASN B 103 11.90 39.61 32.36
CA ASN B 103 11.78 38.65 33.45
C ASN B 103 10.45 38.77 34.18
N THR B 104 9.90 39.99 34.30
CA THR B 104 8.62 40.15 34.97
C THR B 104 7.49 39.54 34.16
N MET B 105 7.53 39.67 32.83
CA MET B 105 6.54 39.01 31.99
C MET B 105 6.64 37.50 32.11
N SER B 106 7.87 36.96 32.03
CA SER B 106 8.06 35.52 32.16
C SER B 106 7.67 35.03 33.55
N THR B 107 7.83 35.87 34.57
CA THR B 107 7.52 35.45 35.93
C THR B 107 6.01 35.33 36.14
N ILE B 108 5.28 36.43 35.89
CA ILE B 108 3.84 36.43 36.15
C ILE B 108 3.09 35.47 35.24
N TYR B 109 3.66 35.09 34.09
CA TYR B 109 3.03 34.09 33.25
C TYR B 109 3.10 32.71 33.89
N SER B 110 4.25 32.37 34.48
CA SER B 110 4.44 31.07 35.10
C SER B 110 3.95 31.01 36.54
N THR B 111 3.86 32.15 37.23
CA THR B 111 3.40 32.20 38.61
C THR B 111 1.99 32.73 38.75
N GLY B 112 1.38 33.21 37.68
CA GLY B 112 0.03 33.74 37.76
C GLY B 112 -0.98 32.64 38.03
N LYS B 113 -1.85 32.86 38.99
CA LYS B 113 -2.89 31.91 39.36
C LYS B 113 -4.20 32.64 39.51
N VAL B 114 -5.29 32.00 39.08
CA VAL B 114 -6.63 32.55 39.20
C VAL B 114 -7.36 31.80 40.30
N CYS B 115 -8.25 32.50 40.99
CA CYS B 115 -9.00 31.95 42.11
C CYS B 115 -10.48 31.89 41.77
N ASN B 116 -11.17 30.93 42.38
CA ASN B 116 -12.60 30.74 42.13
C ASN B 116 -13.39 31.79 42.91
N PRO B 117 -14.28 32.54 42.25
CA PRO B 117 -15.13 33.47 43.01
C PRO B 117 -16.04 32.78 44.01
N ASP B 118 -16.47 31.55 43.72
CA ASP B 118 -17.30 30.81 44.68
C ASP B 118 -16.50 30.39 45.91
N ASN B 119 -15.21 30.10 45.74
CA ASN B 119 -14.34 29.70 46.84
C ASN B 119 -13.00 30.41 46.67
N PRO B 120 -12.83 31.57 47.30
CA PRO B 120 -11.60 32.35 47.08
C PRO B 120 -10.33 31.66 47.55
N GLN B 121 -10.42 30.66 48.42
CA GLN B 121 -9.25 29.91 48.84
C GLN B 121 -8.81 28.87 47.81
N GLU B 122 -9.65 28.56 46.83
CA GLU B 122 -9.31 27.60 45.78
C GLU B 122 -8.76 28.39 44.59
N CYS B 123 -7.44 28.35 44.43
CA CYS B 123 -6.76 29.06 43.36
C CYS B 123 -5.95 28.07 42.53
N LEU B 124 -6.08 28.15 41.21
CA LEU B 124 -5.40 27.25 40.30
C LEU B 124 -4.64 28.07 39.26
N LEU B 125 -3.43 27.62 38.94
CA LEU B 125 -2.62 28.27 37.92
C LEU B 125 -2.92 27.67 36.54
N LEU B 126 -2.15 28.06 35.53
CA LEU B 126 -2.39 27.59 34.17
C LEU B 126 -2.14 26.09 34.05
N GLU B 127 -0.97 25.63 34.45
CA GLU B 127 -0.62 24.22 34.37
C GLU B 127 -0.50 23.64 35.77
N PRO B 128 -1.20 22.54 36.08
CA PRO B 128 -2.13 21.82 35.22
C PRO B 128 -3.58 22.24 35.45
N GLY B 129 -3.81 23.33 36.18
CA GLY B 129 -5.15 23.74 36.56
C GLY B 129 -6.04 24.16 35.41
N LEU B 130 -5.74 25.31 34.81
CA LEU B 130 -6.61 25.84 33.76
C LEU B 130 -6.53 25.05 32.47
N ASN B 131 -5.37 24.46 32.17
CA ASN B 131 -5.24 23.68 30.94
C ASN B 131 -6.10 22.42 30.97
N GLU B 132 -6.30 21.84 32.16
CA GLU B 132 -7.16 20.67 32.26
C GLU B 132 -8.62 21.03 32.02
N ILE B 133 -9.02 22.25 32.37
CA ILE B 133 -10.39 22.68 32.14
C ILE B 133 -10.63 22.93 30.66
N MET B 134 -9.73 23.67 30.01
CA MET B 134 -9.91 24.01 28.61
C MET B 134 -9.81 22.80 27.69
N ALA B 135 -9.22 21.70 28.15
CA ALA B 135 -9.00 20.54 27.30
C ALA B 135 -10.02 19.42 27.52
N ASN B 136 -10.74 19.42 28.63
CA ASN B 136 -11.63 18.30 28.94
C ASN B 136 -13.05 18.73 29.25
N SER B 137 -13.22 19.91 29.86
CA SER B 137 -14.53 20.33 30.33
C SER B 137 -15.46 20.61 29.15
N LEU B 138 -16.74 20.27 29.35
CA LEU B 138 -17.79 20.54 28.36
C LEU B 138 -18.79 21.57 28.84
N ASP B 139 -18.54 22.21 29.99
CA ASP B 139 -19.43 23.22 30.53
C ASP B 139 -19.08 24.57 29.93
N TYR B 140 -20.08 25.24 29.36
CA TYR B 140 -19.86 26.54 28.75
C TYR B 140 -19.38 27.56 29.76
N ASN B 141 -20.03 27.61 30.93
CA ASN B 141 -19.67 28.59 31.94
C ASN B 141 -18.32 28.29 32.56
N GLU B 142 -18.00 27.01 32.77
CA GLU B 142 -16.71 26.65 33.35
C GLU B 142 -15.56 27.00 32.43
N ARG B 143 -15.72 26.74 31.12
CA ARG B 143 -14.67 27.10 30.16
C ARG B 143 -14.58 28.61 30.00
N LEU B 144 -15.72 29.30 29.99
CA LEU B 144 -15.71 30.76 29.85
C LEU B 144 -15.01 31.42 31.04
N TRP B 145 -15.19 30.87 32.24
CA TRP B 145 -14.54 31.42 33.41
C TRP B 145 -13.02 31.28 33.33
N ALA B 146 -12.54 30.07 33.02
CA ALA B 146 -11.11 29.85 32.93
C ALA B 146 -10.48 30.66 31.80
N TRP B 147 -11.21 30.85 30.69
CA TRP B 147 -10.69 31.63 29.58
C TRP B 147 -10.58 33.11 29.95
N GLU B 148 -11.62 33.66 30.57
CA GLU B 148 -11.63 35.07 30.91
C GLU B 148 -10.73 35.38 32.11
N SER B 149 -10.71 34.50 33.10
CA SER B 149 -9.88 34.75 34.28
C SER B 149 -8.40 34.74 33.94
N TRP B 150 -7.98 33.92 32.97
CA TRP B 150 -6.57 33.90 32.58
C TRP B 150 -6.17 35.18 31.85
N ARG B 151 -7.10 35.80 31.13
CA ARG B 151 -6.79 37.03 30.39
C ARG B 151 -7.08 38.29 31.19
N SER B 152 -7.85 38.19 32.28
CA SER B 152 -8.13 39.33 33.13
C SER B 152 -7.18 39.44 34.32
N GLU B 153 -6.54 38.34 34.71
CA GLU B 153 -5.58 38.37 35.82
C GLU B 153 -4.17 38.60 35.30
N VAL B 154 -3.60 37.61 34.60
CA VAL B 154 -2.24 37.74 34.08
C VAL B 154 -2.19 38.53 32.78
N GLY B 155 -3.32 38.75 32.11
CA GLY B 155 -3.34 39.49 30.87
C GLY B 155 -3.29 40.99 31.04
N LYS B 156 -4.06 41.51 31.99
CA LYS B 156 -4.06 42.96 32.22
C LYS B 156 -2.72 43.46 32.75
N GLN B 157 -1.99 42.61 33.48
CA GLN B 157 -0.68 43.00 33.99
C GLN B 157 0.36 43.09 32.89
N LEU B 158 0.22 42.26 31.85
CA LEU B 158 1.16 42.29 30.73
C LEU B 158 0.96 43.50 29.83
N ARG B 159 -0.20 44.15 29.90
CA ARG B 159 -0.46 45.30 29.01
C ARG B 159 0.53 46.43 29.20
N PRO B 160 0.79 46.94 30.41
CA PRO B 160 1.81 47.99 30.54
C PRO B 160 3.22 47.49 30.27
N LEU B 161 3.52 46.24 30.61
CA LEU B 161 4.87 45.71 30.38
C LEU B 161 5.13 45.47 28.91
N TYR B 162 4.11 45.05 28.16
CA TYR B 162 4.30 44.78 26.74
C TYR B 162 4.43 46.06 25.93
N GLU B 163 3.81 47.15 26.40
CA GLU B 163 3.98 48.44 25.72
C GLU B 163 5.43 48.91 25.79
N GLU B 164 6.01 48.88 27.00
CA GLU B 164 7.42 49.22 27.13
C GLU B 164 8.32 48.17 26.47
N TYR B 165 7.83 46.93 26.38
CA TYR B 165 8.59 45.89 25.69
C TYR B 165 8.72 46.18 24.20
N VAL B 166 7.69 46.76 23.59
CA VAL B 166 7.74 47.04 22.16
C VAL B 166 8.68 48.21 21.86
N VAL B 167 8.58 49.28 22.65
CA VAL B 167 9.39 50.46 22.37
C VAL B 167 10.87 50.20 22.64
N LEU B 168 11.18 49.41 23.66
CA LEU B 168 12.57 49.10 23.95
C LEU B 168 13.17 48.16 22.92
N LYS B 169 12.40 47.16 22.49
CA LYS B 169 12.89 46.24 21.46
C LYS B 169 13.01 46.93 20.11
N ASN B 170 12.15 47.91 19.82
CA ASN B 170 12.26 48.65 18.56
C ASN B 170 13.52 49.50 18.53
N GLU B 171 13.90 50.09 19.68
CA GLU B 171 15.13 50.86 19.73
C GLU B 171 16.36 50.01 19.50
N MET B 172 16.25 48.68 19.69
CA MET B 172 17.38 47.80 19.41
C MET B 172 17.47 47.48 17.93
N ALA B 173 16.34 47.11 17.31
CA ALA B 173 16.36 46.69 15.92
C ALA B 173 16.65 47.85 14.98
N ARG B 174 16.06 49.02 15.24
CA ARG B 174 16.30 50.17 14.38
C ARG B 174 17.76 50.62 14.43
N ALA B 175 18.45 50.36 15.55
CA ALA B 175 19.86 50.72 15.67
C ALA B 175 20.77 49.74 14.94
N ASN B 176 20.30 48.52 14.66
CA ASN B 176 21.07 47.51 13.95
C ASN B 176 20.70 47.43 12.47
N HIS B 177 20.23 48.53 11.89
CA HIS B 177 19.87 48.60 10.47
C HIS B 177 18.72 47.66 10.12
N TYR B 178 17.66 47.71 10.94
CA TYR B 178 16.42 46.99 10.68
C TYR B 178 15.26 47.96 10.74
N GLU B 179 14.18 47.61 10.04
CA GLU B 179 13.00 48.46 10.03
C GLU B 179 12.34 48.51 11.41
N ASP B 180 12.12 47.35 12.02
CA ASP B 180 11.49 47.27 13.33
C ASP B 180 11.87 45.93 13.95
N TYR B 181 11.32 45.67 15.15
CA TYR B 181 11.60 44.40 15.81
C TYR B 181 11.06 43.22 15.01
N GLY B 182 9.93 43.41 14.33
CA GLY B 182 9.43 42.36 13.45
C GLY B 182 10.38 42.08 12.29
N ASP B 183 11.01 43.13 11.76
CA ASP B 183 12.01 42.94 10.72
C ASP B 183 13.23 42.21 11.26
N TYR B 184 13.53 42.39 12.55
CA TYR B 184 14.66 41.68 13.16
C TYR B 184 14.42 40.18 13.20
N TRP B 185 13.18 39.76 13.54
CA TRP B 185 12.87 38.35 13.58
C TRP B 185 12.88 37.72 12.18
N ARG B 186 12.38 38.47 11.19
CA ARG B 186 12.35 37.97 9.81
C ARG B 186 13.74 37.78 9.22
N GLY B 187 14.78 38.35 9.83
CA GLY B 187 16.13 38.18 9.35
C GLY B 187 16.67 36.77 9.48
N ASP B 188 16.00 35.90 10.24
CA ASP B 188 16.46 34.52 10.37
C ASP B 188 16.36 33.76 9.06
N TYR B 189 15.38 34.09 8.23
CA TYR B 189 15.23 33.47 6.91
C TYR B 189 16.00 34.21 5.82
N GLU B 190 16.74 35.26 6.18
CA GLU B 190 17.42 36.07 5.19
C GLU B 190 18.69 35.38 4.71
N VAL B 191 18.82 35.25 3.39
CA VAL B 191 20.03 34.73 2.76
C VAL B 191 20.51 35.77 1.76
N ASN B 192 21.76 36.20 1.92
CA ASN B 192 22.32 37.25 1.08
C ASN B 192 23.78 36.93 0.83
N GLY B 193 24.11 36.54 -0.41
CA GLY B 193 25.47 36.24 -0.76
C GLY B 193 25.62 35.16 -1.82
N VAL B 194 24.70 34.20 -1.83
CA VAL B 194 24.74 33.09 -2.77
C VAL B 194 23.85 33.42 -3.96
N ASP B 195 24.43 33.40 -5.15
CA ASP B 195 23.67 33.68 -6.37
C ASP B 195 22.69 32.55 -6.65
N GLY B 196 21.43 32.92 -6.88
CA GLY B 196 20.39 31.95 -7.14
C GLY B 196 19.74 31.36 -5.91
N TYR B 197 20.17 31.76 -4.71
CA TYR B 197 19.61 31.24 -3.47
C TYR B 197 19.33 32.33 -2.44
N ASP B 198 19.33 33.61 -2.86
CA ASP B 198 19.08 34.70 -1.93
C ASP B 198 17.62 34.69 -1.46
N TYR B 199 17.38 35.42 -0.37
CA TYR B 199 16.04 35.52 0.19
C TYR B 199 16.00 36.74 1.09
N SER B 200 15.11 37.67 0.79
CA SER B 200 15.03 38.93 1.53
C SER B 200 14.07 38.80 2.71
N ARG B 201 14.21 39.72 3.66
CA ARG B 201 13.36 39.71 4.84
C ARG B 201 11.90 40.01 4.50
N GLY B 202 11.68 40.90 3.54
CA GLY B 202 10.33 41.19 3.10
C GLY B 202 9.71 40.09 2.28
N GLN B 203 10.52 39.22 1.68
CA GLN B 203 9.99 38.10 0.92
C GLN B 203 9.25 37.12 1.80
N LEU B 204 9.61 37.04 3.09
CA LEU B 204 8.93 36.14 4.01
C LEU B 204 7.46 36.53 4.16
N ILE B 205 7.18 37.83 4.31
CA ILE B 205 5.79 38.28 4.43
C ILE B 205 5.02 37.96 3.15
N GLU B 206 5.66 38.13 1.99
CA GLU B 206 4.98 37.86 0.74
C GLU B 206 4.72 36.36 0.56
N ASP B 207 5.64 35.51 0.99
CA ASP B 207 5.48 34.08 0.79
C ASP B 207 4.49 33.47 1.78
N VAL B 208 4.51 33.90 3.03
CA VAL B 208 3.58 33.35 4.01
C VAL B 208 2.13 33.72 3.66
N GLU B 209 1.93 34.93 3.15
CA GLU B 209 0.58 35.34 2.76
C GLU B 209 0.15 34.69 1.46
N HIS B 210 1.09 34.49 0.53
CA HIS B 210 0.75 33.84 -0.74
C HIS B 210 0.37 32.38 -0.52
N THR B 211 1.08 31.69 0.36
CA THR B 211 0.75 30.30 0.65
C THR B 211 -0.52 30.19 1.50
N PHE B 212 -0.78 31.18 2.35
CA PHE B 212 -1.95 31.12 3.22
C PHE B 212 -3.25 31.25 2.43
N GLU B 213 -3.21 31.93 1.28
CA GLU B 213 -4.41 32.06 0.46
C GLU B 213 -4.87 30.70 -0.07
N GLU B 214 -3.93 29.78 -0.32
CA GLU B 214 -4.31 28.45 -0.77
C GLU B 214 -4.76 27.55 0.37
N ILE B 215 -4.47 27.93 1.61
CA ILE B 215 -4.95 27.15 2.76
C ILE B 215 -6.35 27.56 3.19
N LYS B 216 -6.81 28.75 2.81
CA LYS B 216 -8.16 29.20 3.17
C LYS B 216 -9.26 28.23 2.79
N PRO B 217 -9.32 27.68 1.56
CA PRO B 217 -10.42 26.76 1.23
C PRO B 217 -10.49 25.53 2.13
N LEU B 218 -9.34 24.92 2.44
CA LEU B 218 -9.34 23.75 3.32
C LEU B 218 -9.75 24.12 4.73
N TYR B 219 -9.31 25.30 5.21
CA TYR B 219 -9.62 25.69 6.57
C TYR B 219 -11.09 26.06 6.73
N GLU B 220 -11.68 26.69 5.71
CA GLU B 220 -13.09 27.07 5.79
C GLU B 220 -13.99 25.85 5.91
N HIS B 221 -13.67 24.77 5.20
CA HIS B 221 -14.48 23.56 5.30
C HIS B 221 -14.24 22.84 6.63
N LEU B 222 -13.00 22.86 7.13
CA LEU B 222 -12.76 22.33 8.47
C LEU B 222 -13.46 23.19 9.52
N HIS B 223 -13.44 24.51 9.34
CA HIS B 223 -14.11 25.40 10.29
C HIS B 223 -15.62 25.18 10.29
N ALA B 224 -16.20 24.95 9.11
CA ALA B 224 -17.64 24.70 9.03
C ALA B 224 -17.99 23.33 9.63
N TYR B 225 -17.12 22.34 9.46
CA TYR B 225 -17.37 21.03 10.03
C TYR B 225 -17.22 21.06 11.55
N VAL B 226 -16.18 21.74 12.04
CA VAL B 226 -16.00 21.86 13.49
C VAL B 226 -17.16 22.64 14.10
N ARG B 227 -17.64 23.66 13.40
CA ARG B 227 -18.76 24.45 13.91
C ARG B 227 -20.00 23.59 14.08
N ALA B 228 -20.28 22.72 13.10
CA ALA B 228 -21.47 21.87 13.18
C ALA B 228 -21.40 20.90 14.35
N LYS B 229 -20.23 20.29 14.56
CA LYS B 229 -20.08 19.37 15.69
C LYS B 229 -20.11 20.10 17.02
N LEU B 230 -19.57 21.32 17.08
CA LEU B 230 -19.57 22.07 18.33
C LEU B 230 -20.96 22.56 18.70
N MET B 231 -21.83 22.79 17.70
CA MET B 231 -23.20 23.17 18.00
C MET B 231 -23.95 22.04 18.68
N ASN B 232 -23.66 20.79 18.30
CA ASN B 232 -24.25 19.65 18.98
C ASN B 232 -23.70 19.49 20.39
N ALA B 233 -22.45 19.92 20.61
CA ALA B 233 -21.85 19.81 21.93
C ALA B 233 -22.27 20.97 22.84
N TYR B 234 -22.45 22.16 22.27
CA TYR B 234 -22.87 23.35 23.02
C TYR B 234 -24.08 23.95 22.32
N PRO B 235 -25.24 23.33 22.44
CA PRO B 235 -26.45 23.86 21.79
C PRO B 235 -26.87 25.19 22.40
N SER B 236 -27.49 26.02 21.55
CA SER B 236 -27.96 27.35 21.94
C SER B 236 -26.81 28.26 22.40
N TYR B 237 -25.61 28.02 21.87
CA TYR B 237 -24.45 28.85 22.19
C TYR B 237 -23.66 29.31 20.97
N ILE B 238 -23.76 28.64 19.83
CA ILE B 238 -22.96 28.95 18.65
C ILE B 238 -23.91 29.21 17.48
N SER B 239 -23.60 30.24 16.71
CA SER B 239 -24.40 30.57 15.53
C SER B 239 -23.89 29.79 14.32
N PRO B 240 -24.80 29.26 13.48
CA PRO B 240 -24.35 28.52 12.29
C PRO B 240 -23.65 29.38 11.25
N ILE B 241 -23.67 30.70 11.40
CA ILE B 241 -22.97 31.60 10.48
C ILE B 241 -21.88 32.42 11.16
N GLY B 242 -21.78 32.39 12.49
CA GLY B 242 -20.82 33.19 13.20
C GLY B 242 -19.53 32.46 13.49
N CYS B 243 -18.59 33.19 14.10
CA CYS B 243 -17.30 32.64 14.45
C CYS B 243 -17.41 31.72 15.66
N LEU B 244 -16.38 30.92 15.85
CA LEU B 244 -16.35 30.01 16.99
C LEU B 244 -15.92 30.76 18.25
N PRO B 245 -16.60 30.57 19.37
CA PRO B 245 -16.13 31.17 20.63
C PRO B 245 -14.74 30.66 20.98
N ALA B 246 -13.93 31.56 21.56
CA ALA B 246 -12.53 31.24 21.82
C ALA B 246 -12.38 30.18 22.90
N HIS B 247 -13.28 30.14 23.88
CA HIS B 247 -13.17 29.24 25.01
C HIS B 247 -13.66 27.83 24.72
N LEU B 248 -14.04 27.52 23.49
CA LEU B 248 -14.55 26.21 23.13
C LEU B 248 -13.67 25.50 22.08
N LEU B 249 -12.40 25.91 21.98
CA LEU B 249 -11.55 25.44 20.90
C LEU B 249 -10.62 24.29 21.27
N GLY B 250 -10.47 23.99 22.56
CA GLY B 250 -9.70 22.84 23.01
C GLY B 250 -8.58 23.17 23.98
N ASP B 251 -8.07 24.41 23.93
CA ASP B 251 -7.03 24.83 24.85
C ASP B 251 -7.29 26.27 25.27
N MET B 252 -6.31 26.88 25.92
CA MET B 252 -6.49 28.21 26.49
C MET B 252 -6.63 29.28 25.41
N TRP B 253 -5.97 29.09 24.26
CA TRP B 253 -5.92 30.13 23.23
C TRP B 253 -6.51 29.70 21.89
N GLY B 254 -6.93 28.46 21.75
CA GLY B 254 -7.36 27.98 20.46
C GLY B 254 -6.24 27.69 19.49
N ARG B 255 -5.01 27.54 20.00
CA ARG B 255 -3.87 27.30 19.13
C ARG B 255 -3.98 25.95 18.42
N PHE B 256 -4.43 24.92 19.13
CA PHE B 256 -4.59 23.59 18.56
C PHE B 256 -6.00 23.09 18.82
N TRP B 257 -6.63 22.52 17.79
CA TRP B 257 -7.95 21.92 17.92
C TRP B 257 -7.88 20.42 18.16
N THR B 258 -6.76 19.93 18.71
CA THR B 258 -6.58 18.49 18.90
C THR B 258 -7.58 17.93 19.90
N ASN B 259 -7.87 18.68 20.97
CA ASN B 259 -8.77 18.19 22.01
C ASN B 259 -10.22 18.13 21.54
N LEU B 260 -10.53 18.67 20.35
CA LEU B 260 -11.88 18.61 19.81
C LEU B 260 -12.17 17.32 19.04
N TYR B 261 -11.21 16.39 18.99
CA TYR B 261 -11.40 15.16 18.23
C TYR B 261 -12.52 14.32 18.82
N SER B 262 -12.62 14.26 20.14
CA SER B 262 -13.69 13.49 20.77
C SER B 262 -15.06 14.04 20.41
N LEU B 263 -15.16 15.34 20.12
CA LEU B 263 -16.41 15.96 19.74
C LEU B 263 -16.62 16.06 18.23
N THR B 264 -15.55 15.95 17.44
CA THR B 264 -15.63 16.12 16.00
C THR B 264 -15.20 14.86 15.24
N VAL B 265 -15.11 13.72 15.90
CA VAL B 265 -14.66 12.51 15.21
C VAL B 265 -15.69 12.13 14.15
N PRO B 266 -15.28 11.88 12.90
CA PRO B 266 -16.28 11.56 11.87
C PRO B 266 -17.02 10.26 12.12
N PHE B 267 -16.31 9.18 12.43
CA PHE B 267 -16.91 7.86 12.64
C PHE B 267 -16.36 7.31 13.96
N GLY B 268 -17.04 7.64 15.06
CA GLY B 268 -16.59 7.22 16.38
C GLY B 268 -16.79 5.75 16.67
N GLN B 269 -17.64 5.07 15.89
CA GLN B 269 -17.90 3.66 16.15
C GLN B 269 -16.73 2.77 15.75
N LYS B 270 -15.89 3.21 14.82
CA LYS B 270 -14.78 2.41 14.34
C LYS B 270 -13.64 2.44 15.35
N PRO B 271 -12.77 1.44 15.34
CA PRO B 271 -11.69 1.40 16.34
C PRO B 271 -10.85 2.67 16.23
N ASN B 272 -10.48 3.20 17.39
CA ASN B 272 -9.88 4.53 17.45
C ASN B 272 -8.44 4.53 16.97
N ILE B 273 -8.09 5.58 16.23
CA ILE B 273 -6.74 5.82 15.77
C ILE B 273 -6.07 6.75 16.79
N ASP B 274 -6.63 6.78 18.00
CA ASP B 274 -6.08 7.50 19.14
C ASP B 274 -5.73 6.45 20.16
N VAL B 275 -4.43 6.20 20.34
CA VAL B 275 -3.95 5.07 21.11
C VAL B 275 -3.78 5.45 22.58
N THR B 276 -4.46 6.51 23.02
CA THR B 276 -4.35 6.93 24.40
C THR B 276 -4.81 5.82 25.35
N ASP B 277 -5.99 5.26 25.09
CA ASP B 277 -6.47 4.15 25.90
C ASP B 277 -5.66 2.89 25.65
N ALA B 278 -5.01 2.77 24.50
CA ALA B 278 -4.22 1.58 24.21
C ALA B 278 -2.97 1.53 25.08
N MET B 279 -2.26 2.66 25.20
CA MET B 279 -1.06 2.68 26.03
C MET B 279 -1.42 2.56 27.51
N VAL B 280 -2.55 3.13 27.92
CA VAL B 280 -3.00 3.00 29.30
C VAL B 280 -3.38 1.56 29.61
N ASP B 281 -4.04 0.88 28.67
CA ASP B 281 -4.43 -0.50 28.89
C ASP B 281 -3.27 -1.48 28.74
N GLN B 282 -2.22 -1.11 28.02
CA GLN B 282 -1.04 -1.96 27.90
C GLN B 282 0.06 -1.60 28.90
N ALA B 283 -0.20 -0.66 29.82
CA ALA B 283 0.77 -0.27 30.84
C ALA B 283 2.08 0.22 30.21
N TRP B 284 2.00 1.40 29.63
CA TRP B 284 3.16 2.06 29.06
C TRP B 284 3.63 3.18 29.96
N ASP B 285 4.94 3.30 30.12
CA ASP B 285 5.57 4.35 30.90
C ASP B 285 6.44 5.22 29.98
N ALA B 286 7.05 6.25 30.58
CA ALA B 286 7.90 7.15 29.80
C ALA B 286 9.09 6.42 29.19
N GLN B 287 9.62 5.40 29.89
CA GLN B 287 10.71 4.63 29.31
C GLN B 287 10.27 3.91 28.04
N ARG B 288 9.05 3.40 28.02
CA ARG B 288 8.56 2.69 26.83
C ARG B 288 8.35 3.67 25.67
N ILE B 289 7.87 4.87 25.97
CA ILE B 289 7.62 5.86 24.92
C ILE B 289 8.92 6.29 24.25
N PHE B 290 9.93 6.61 25.05
CA PHE B 290 11.20 7.07 24.48
C PHE B 290 12.05 5.94 23.93
N LYS B 291 11.94 4.73 24.50
CA LYS B 291 12.63 3.59 23.90
C LYS B 291 12.03 3.25 22.54
N GLU B 292 10.70 3.32 22.42
CA GLU B 292 10.06 3.05 21.15
C GLU B 292 10.38 4.14 20.13
N ALA B 293 10.45 5.39 20.58
CA ALA B 293 10.84 6.47 19.68
C ALA B 293 12.29 6.34 19.24
N GLU B 294 13.15 5.88 20.15
CA GLU B 294 14.55 5.64 19.78
C GLU B 294 14.66 4.55 18.73
N LYS B 295 13.83 3.50 18.84
CA LYS B 295 13.85 2.42 17.86
C LYS B 295 13.43 2.92 16.48
N PHE B 296 12.61 3.97 16.42
CA PHE B 296 12.20 4.53 15.14
C PHE B 296 13.38 5.15 14.40
N PHE B 297 14.17 5.96 15.09
CA PHE B 297 15.31 6.61 14.45
C PHE B 297 16.38 5.60 14.06
N VAL B 298 16.54 4.52 14.83
CA VAL B 298 17.50 3.49 14.47
C VAL B 298 17.06 2.74 13.22
N SER B 299 15.75 2.61 13.00
CA SER B 299 15.24 1.92 11.83
C SER B 299 15.55 2.65 10.54
N VAL B 300 15.79 3.96 10.60
CA VAL B 300 16.09 4.74 9.39
C VAL B 300 17.57 4.94 9.18
N GLY B 301 18.42 4.46 10.08
CA GLY B 301 19.86 4.58 9.96
C GLY B 301 20.50 5.53 10.96
N LEU B 302 19.71 6.33 11.66
CA LEU B 302 20.26 7.25 12.64
C LEU B 302 20.76 6.47 13.86
N PRO B 303 21.73 7.03 14.59
CA PRO B 303 22.31 6.30 15.72
C PRO B 303 21.36 6.26 16.92
N ASN B 304 21.78 5.50 17.93
CA ASN B 304 21.06 5.43 19.20
C ASN B 304 21.17 6.76 19.94
N MET B 305 20.54 6.80 21.11
CA MET B 305 20.71 7.91 22.04
C MET B 305 21.94 7.64 22.90
N THR B 306 22.68 8.69 23.20
CA THR B 306 23.90 8.56 23.99
C THR B 306 23.57 8.04 25.39
N GLN B 307 24.59 7.47 26.04
CA GLN B 307 24.41 7.02 27.42
C GLN B 307 24.06 8.18 28.34
N GLY B 308 24.71 9.33 28.14
CA GLY B 308 24.39 10.52 28.92
C GLY B 308 22.97 10.99 28.75
N PHE B 309 22.33 10.65 27.63
CA PHE B 309 20.92 11.00 27.45
C PHE B 309 20.04 10.24 28.42
N TRP B 310 20.23 8.91 28.51
CA TRP B 310 19.41 8.11 29.41
C TRP B 310 19.76 8.32 30.87
N GLU B 311 20.95 8.84 31.17
CA GLU B 311 21.37 9.05 32.55
C GLU B 311 20.98 10.43 33.08
N ASN B 312 20.85 11.42 32.21
CA ASN B 312 20.67 12.80 32.64
C ASN B 312 19.32 13.42 32.26
N SER B 313 18.58 12.80 31.34
CA SER B 313 17.30 13.38 30.94
C SER B 313 16.26 13.20 32.04
N MET B 314 15.29 14.11 32.06
CA MET B 314 14.16 14.06 32.99
C MET B 314 12.92 13.74 32.15
N LEU B 315 12.60 12.46 32.05
CA LEU B 315 11.50 12.02 31.21
C LEU B 315 10.16 11.95 31.96
N THR B 316 10.15 12.16 33.26
CA THR B 316 8.93 12.17 34.05
C THR B 316 8.93 13.37 34.99
N ASP B 317 7.75 13.72 35.45
CA ASP B 317 7.60 14.80 36.43
C ASP B 317 8.14 14.28 37.76
N PRO B 318 9.15 14.91 38.36
CA PRO B 318 9.69 14.37 39.62
C PRO B 318 8.71 14.43 40.79
N GLY B 319 7.69 15.28 40.74
CA GLY B 319 6.70 15.25 41.81
C GLY B 319 7.27 15.81 43.11
N ASN B 320 6.56 15.48 44.18
CA ASN B 320 6.91 15.87 45.56
C ASN B 320 7.22 17.37 45.63
N VAL B 321 8.27 17.80 46.35
CA VAL B 321 8.65 19.20 46.48
C VAL B 321 9.63 19.65 45.40
N GLN B 322 10.14 18.73 44.58
CA GLN B 322 11.11 19.12 43.55
C GLN B 322 10.34 19.63 42.35
N LYS B 323 10.17 20.94 42.27
CA LYS B 323 9.44 21.57 41.19
C LYS B 323 10.29 21.63 39.93
N ALA B 324 9.62 21.51 38.78
CA ALA B 324 10.32 21.49 37.50
C ALA B 324 9.40 22.07 36.43
N VAL B 325 10.01 22.72 35.45
CA VAL B 325 9.27 23.26 34.31
C VAL B 325 8.93 22.13 33.36
N CYS B 326 7.64 21.98 33.05
CA CYS B 326 7.16 20.85 32.26
C CYS B 326 7.00 21.19 30.78
N HIS B 327 7.62 22.26 30.31
CA HIS B 327 7.61 22.56 28.89
C HIS B 327 8.48 21.57 28.15
N PRO B 328 7.94 20.76 27.23
CA PRO B 328 8.78 19.79 26.51
C PRO B 328 9.87 20.46 25.69
N THR B 329 11.12 20.31 26.11
CA THR B 329 12.25 20.93 25.43
C THR B 329 13.34 19.89 25.20
N ALA B 330 14.08 20.06 24.11
CA ALA B 330 15.23 19.22 23.78
C ALA B 330 16.50 20.04 24.01
N TRP B 331 17.33 19.59 24.94
CA TRP B 331 18.50 20.34 25.36
C TRP B 331 19.75 19.84 24.65
N ASP B 332 20.52 20.77 24.10
CA ASP B 332 21.82 20.51 23.49
C ASP B 332 22.85 21.34 24.23
N LEU B 333 23.33 20.80 25.35
CA LEU B 333 24.29 21.52 26.19
C LEU B 333 25.67 21.61 25.54
N GLY B 334 25.90 20.88 24.46
CA GLY B 334 27.21 20.85 23.83
C GLY B 334 28.14 19.85 24.50
N LYS B 335 29.28 19.62 23.84
CA LYS B 335 30.29 18.68 24.32
C LYS B 335 29.71 17.28 24.50
N GLY B 336 28.87 16.87 23.57
CA GLY B 336 28.30 15.53 23.57
C GLY B 336 27.21 15.28 24.58
N ASP B 337 26.71 16.32 25.24
CA ASP B 337 25.66 16.18 26.26
C ASP B 337 24.32 16.55 25.64
N PHE B 338 23.48 15.55 25.40
CA PHE B 338 22.15 15.75 24.85
C PHE B 338 21.13 15.21 25.85
N ARG B 339 20.13 16.04 26.16
CA ARG B 339 19.11 15.69 27.15
C ARG B 339 17.74 16.10 26.62
N ILE B 340 16.69 15.60 27.27
CA ILE B 340 15.31 15.96 26.95
C ILE B 340 14.56 16.22 28.25
N LEU B 341 13.91 17.39 28.33
CA LEU B 341 13.12 17.79 29.48
C LEU B 341 11.65 17.68 29.11
N MET B 342 10.95 16.73 29.72
CA MET B 342 9.55 16.51 29.37
C MET B 342 8.86 15.74 30.49
N CYS B 343 7.76 16.30 31.01
CA CYS B 343 6.92 15.62 32.01
C CYS B 343 5.94 14.72 31.25
N THR B 344 6.46 13.58 30.80
CA THR B 344 5.70 12.72 29.90
C THR B 344 4.53 12.07 30.62
N LYS B 345 3.38 12.08 29.96
CA LYS B 345 2.19 11.39 30.43
C LYS B 345 1.83 10.29 29.44
N VAL B 346 1.12 9.28 29.94
CA VAL B 346 0.74 8.14 29.12
C VAL B 346 -0.41 8.52 28.20
N THR B 347 -0.11 9.31 27.17
CA THR B 347 -1.09 9.72 26.18
C THR B 347 -0.47 9.63 24.80
N MET B 348 -1.30 9.74 23.76
CA MET B 348 -0.79 9.73 22.40
C MET B 348 -0.13 11.05 22.04
N ASP B 349 -0.63 12.17 22.58
CA ASP B 349 -0.02 13.47 22.29
C ASP B 349 1.39 13.55 22.85
N ASP B 350 1.66 12.90 23.99
CA ASP B 350 3.02 12.83 24.50
C ASP B 350 3.84 11.78 23.75
N PHE B 351 3.18 10.77 23.18
CA PHE B 351 3.87 9.79 22.37
C PHE B 351 4.41 10.42 21.09
N LEU B 352 3.61 11.26 20.44
CA LEU B 352 4.07 11.96 19.24
C LEU B 352 5.07 13.04 19.60
N THR B 353 4.89 13.72 20.74
CA THR B 353 5.84 14.74 21.16
C THR B 353 7.21 14.15 21.46
N ALA B 354 7.25 12.92 21.98
CA ALA B 354 8.53 12.27 22.24
C ALA B 354 9.32 12.07 20.95
N HIS B 355 8.62 11.77 19.85
CA HIS B 355 9.31 11.70 18.56
C HIS B 355 9.75 13.07 18.08
N HIS B 356 8.97 14.11 18.39
CA HIS B 356 9.34 15.47 18.01
C HIS B 356 10.57 15.93 18.78
N GLU B 357 10.56 15.78 20.11
CA GLU B 357 11.68 16.26 20.91
C GLU B 357 12.96 15.47 20.61
N MET B 358 12.82 14.15 20.42
CA MET B 358 13.98 13.36 20.01
C MET B 358 14.40 13.70 18.59
N GLY B 359 13.47 14.18 17.77
CA GLY B 359 13.85 14.68 16.45
C GLY B 359 14.76 15.88 16.51
N HIS B 360 14.54 16.76 17.50
CA HIS B 360 15.47 17.87 17.72
C HIS B 360 16.86 17.36 18.10
N ILE B 361 16.91 16.29 18.91
CA ILE B 361 18.19 15.75 19.35
C ILE B 361 18.95 15.12 18.19
N GLN B 362 18.25 14.37 17.34
CA GLN B 362 18.88 13.81 16.15
C GLN B 362 19.43 14.91 15.24
N TYR B 363 18.74 16.04 15.19
CA TYR B 363 19.27 17.19 14.45
C TYR B 363 20.51 17.74 15.13
N ASP B 364 20.49 17.84 16.47
CA ASP B 364 21.64 18.37 17.19
C ASP B 364 22.84 17.44 17.10
N MET B 365 22.62 16.13 17.18
CA MET B 365 23.73 15.19 17.06
C MET B 365 24.35 15.21 15.68
N ALA B 366 23.56 15.53 14.65
CA ALA B 366 24.06 15.46 13.28
C ALA B 366 25.07 16.56 12.99
N TYR B 367 24.72 17.81 13.27
CA TYR B 367 25.60 18.93 12.99
C TYR B 367 26.60 19.21 14.11
N ALA B 368 26.88 18.22 14.97
CA ALA B 368 27.83 18.42 16.05
C ALA B 368 29.25 18.63 15.53
N ALA B 369 29.56 18.16 14.33
CA ALA B 369 30.89 18.36 13.76
C ALA B 369 31.09 19.76 13.22
N GLN B 370 30.02 20.52 13.00
CA GLN B 370 30.13 21.89 12.54
C GLN B 370 30.74 22.76 13.63
N PRO B 371 31.33 23.89 13.26
CA PRO B 371 31.84 24.84 14.27
C PRO B 371 30.71 25.36 15.14
N PHE B 372 31.11 26.02 16.23
CA PHE B 372 30.15 26.43 17.25
C PHE B 372 29.06 27.34 16.67
N LEU B 373 29.47 28.38 15.94
CA LEU B 373 28.52 29.33 15.39
C LEU B 373 27.66 28.72 14.28
N LEU B 374 27.96 27.50 13.83
CA LEU B 374 27.19 26.84 12.78
C LEU B 374 26.36 25.67 13.29
N ARG B 375 26.38 25.40 14.61
CA ARG B 375 25.59 24.30 15.17
C ARG B 375 24.20 24.78 15.51
N ASN B 376 23.35 24.81 14.48
CA ASN B 376 21.96 25.22 14.61
C ASN B 376 21.26 24.81 13.32
N GLY B 377 19.93 24.83 13.35
CA GLY B 377 19.15 24.54 12.16
C GLY B 377 19.39 25.56 11.06
N ALA B 378 18.95 25.19 9.86
CA ALA B 378 19.09 26.09 8.71
C ALA B 378 18.39 27.42 8.98
N ASN B 379 17.13 27.36 9.41
CA ASN B 379 16.42 28.52 9.91
C ASN B 379 15.64 28.10 11.16
N GLU B 380 14.80 29.01 11.68
CA GLU B 380 14.03 28.69 12.87
C GLU B 380 12.96 27.65 12.60
N GLY B 381 12.58 27.43 11.34
CA GLY B 381 11.53 26.49 11.02
C GLY B 381 12.05 25.13 10.60
N PHE B 382 13.34 25.04 10.30
CA PHE B 382 13.91 23.76 9.90
C PHE B 382 13.96 22.79 11.08
N HIS B 383 14.26 23.31 12.27
CA HIS B 383 14.36 22.45 13.45
C HIS B 383 13.00 21.87 13.81
N GLU B 384 11.96 22.71 13.82
CA GLU B 384 10.62 22.24 14.14
C GLU B 384 10.07 21.30 13.07
N ALA B 385 10.51 21.47 11.83
CA ALA B 385 10.05 20.59 10.75
C ALA B 385 10.60 19.18 10.90
N VAL B 386 11.83 19.05 11.39
CA VAL B 386 12.44 17.72 11.54
C VAL B 386 11.68 16.89 12.56
N GLY B 387 11.26 17.51 13.66
CA GLY B 387 10.51 16.79 14.67
C GLY B 387 9.12 16.40 14.20
N GLU B 388 8.55 17.17 13.27
CA GLU B 388 7.18 16.90 12.82
C GLU B 388 7.12 15.74 11.83
N ILE B 389 8.14 15.60 10.97
CA ILE B 389 8.14 14.49 10.02
C ILE B 389 8.26 13.15 10.74
N MET B 390 8.81 13.14 11.95
CA MET B 390 8.83 11.91 12.74
C MET B 390 7.45 11.60 13.29
N SER B 391 6.77 12.62 13.81
CA SER B 391 5.41 12.41 14.32
C SER B 391 4.42 12.12 13.19
N LEU B 392 4.72 12.57 11.97
CA LEU B 392 3.88 12.22 10.84
C LEU B 392 3.92 10.74 10.56
N SER B 393 5.11 10.15 10.58
CA SER B 393 5.23 8.71 10.34
C SER B 393 4.77 7.91 11.55
N ALA B 394 5.03 8.41 12.76
CA ALA B 394 4.68 7.68 13.97
C ALA B 394 3.19 7.69 14.27
N ALA B 395 2.42 8.59 13.66
CA ALA B 395 1.00 8.67 13.92
C ALA B 395 0.15 7.89 12.93
N THR B 396 0.75 7.35 11.88
CA THR B 396 -0.01 6.58 10.90
C THR B 396 -0.48 5.27 11.52
N PRO B 397 -1.68 4.80 11.19
CA PRO B 397 -2.13 3.51 11.73
C PRO B 397 -1.23 2.35 11.34
N LYS B 398 -0.56 2.42 10.18
CA LYS B 398 0.37 1.37 9.79
C LYS B 398 1.53 1.28 10.77
N HIS B 399 2.00 2.41 11.28
CA HIS B 399 3.08 2.42 12.26
C HIS B 399 2.56 1.98 13.64
N LEU B 400 1.33 2.37 13.97
CA LEU B 400 0.77 2.00 15.27
C LEU B 400 0.52 0.50 15.37
N LYS B 401 0.18 -0.16 14.25
CA LYS B 401 0.00 -1.60 14.27
C LYS B 401 1.34 -2.31 14.48
N SER B 402 2.42 -1.77 13.91
CA SER B 402 3.72 -2.41 14.05
C SER B 402 4.27 -2.27 15.47
N ILE B 403 3.93 -1.17 16.15
CA ILE B 403 4.41 -0.96 17.51
C ILE B 403 3.65 -1.83 18.51
N GLY B 404 2.38 -2.10 18.26
CA GLY B 404 1.56 -2.87 19.15
C GLY B 404 0.42 -2.12 19.82
N LEU B 405 0.19 -0.87 19.43
CA LEU B 405 -0.90 -0.08 20.01
C LEU B 405 -2.22 -0.30 19.28
N LEU B 406 -2.16 -0.67 18.00
CA LEU B 406 -3.34 -1.08 17.25
C LEU B 406 -3.28 -2.59 17.05
N SER B 407 -4.45 -3.20 16.96
CA SER B 407 -4.52 -4.65 16.79
C SER B 407 -3.90 -5.05 15.46
N PRO B 408 -3.20 -6.19 15.38
CA PRO B 408 -2.61 -6.61 14.11
C PRO B 408 -3.63 -6.89 13.02
N ASP B 409 -4.89 -7.15 13.40
CA ASP B 409 -5.98 -7.35 12.44
C ASP B 409 -6.82 -6.09 12.28
N PHE B 410 -6.19 -4.92 12.38
CA PHE B 410 -6.88 -3.65 12.23
C PHE B 410 -7.13 -3.38 10.75
N GLN B 411 -8.40 -3.35 10.36
CA GLN B 411 -8.76 -3.11 8.98
C GLN B 411 -8.72 -1.61 8.70
N GLU B 412 -8.03 -1.21 7.64
CA GLU B 412 -7.88 0.19 7.28
C GLU B 412 -8.94 0.52 6.22
N ASP B 413 -10.14 0.86 6.70
CA ASP B 413 -11.23 1.27 5.82
C ASP B 413 -11.01 2.71 5.37
N ASN B 414 -11.83 3.15 4.41
CA ASN B 414 -11.77 4.54 4.00
C ASN B 414 -12.32 5.49 5.05
N GLU B 415 -13.05 4.97 6.05
CA GLU B 415 -13.53 5.80 7.15
C GLU B 415 -12.51 5.96 8.26
N THR B 416 -11.68 4.94 8.51
CA THR B 416 -10.55 5.11 9.41
C THR B 416 -9.54 6.10 8.83
N GLU B 417 -9.43 6.14 7.50
CA GLU B 417 -8.59 7.13 6.85
C GLU B 417 -9.10 8.54 7.12
N ILE B 418 -10.42 8.74 7.01
CA ILE B 418 -11.00 10.05 7.26
C ILE B 418 -10.87 10.42 8.73
N ASN B 419 -11.01 9.44 9.63
CA ASN B 419 -10.78 9.68 11.04
C ASN B 419 -9.35 10.13 11.29
N PHE B 420 -8.38 9.48 10.63
CA PHE B 420 -6.98 9.85 10.82
C PHE B 420 -6.69 11.23 10.23
N LEU B 421 -7.20 11.51 9.03
CA LEU B 421 -6.95 12.81 8.42
C LEU B 421 -7.63 13.93 9.19
N LEU B 422 -8.81 13.66 9.74
CA LEU B 422 -9.49 14.68 10.55
C LEU B 422 -8.72 14.99 11.82
N LYS B 423 -8.13 13.96 12.46
CA LYS B 423 -7.33 14.20 13.66
C LYS B 423 -6.06 14.97 13.34
N GLN B 424 -5.44 14.68 12.18
CA GLN B 424 -4.25 15.42 11.77
C GLN B 424 -4.57 16.87 11.46
N ALA B 425 -5.71 17.12 10.81
CA ALA B 425 -6.07 18.48 10.43
C ALA B 425 -6.39 19.36 11.63
N LEU B 426 -6.96 18.77 12.68
CA LEU B 426 -7.26 19.56 13.88
C LEU B 426 -5.99 20.10 14.52
N THR B 427 -4.86 19.43 14.32
CA THR B 427 -3.58 19.86 14.85
C THR B 427 -2.74 20.61 13.83
N ILE B 428 -2.71 20.16 12.59
CA ILE B 428 -1.81 20.73 11.59
C ILE B 428 -2.42 21.97 10.96
N VAL B 429 -3.54 21.81 10.24
CA VAL B 429 -4.14 22.94 9.54
C VAL B 429 -4.92 23.85 10.48
N GLY B 430 -5.33 23.37 11.65
CA GLY B 430 -6.07 24.20 12.57
C GLY B 430 -5.25 25.31 13.18
N THR B 431 -3.93 25.12 13.28
CA THR B 431 -3.04 26.12 13.85
C THR B 431 -2.50 27.10 12.84
N LEU B 432 -2.70 26.87 11.54
CA LEU B 432 -2.14 27.77 10.53
C LEU B 432 -2.76 29.16 10.57
N PRO B 433 -4.09 29.33 10.53
CA PRO B 433 -4.64 30.69 10.68
C PRO B 433 -4.34 31.31 12.03
N PHE B 434 -4.28 30.50 13.09
CA PHE B 434 -3.92 31.04 14.40
C PHE B 434 -2.49 31.54 14.42
N THR B 435 -1.56 30.76 13.84
CA THR B 435 -0.16 31.15 13.83
C THR B 435 0.07 32.40 12.96
N TYR B 436 -0.53 32.41 11.76
CA TYR B 436 -0.34 33.55 10.87
C TYR B 436 -0.93 34.82 11.47
N MET B 437 -2.16 34.74 11.98
CA MET B 437 -2.80 35.93 12.54
C MET B 437 -2.04 36.47 13.74
N LEU B 438 -1.52 35.56 14.59
CA LEU B 438 -0.76 36.00 15.76
C LEU B 438 0.51 36.73 15.36
N GLU B 439 1.31 36.12 14.48
CA GLU B 439 2.55 36.76 14.05
C GLU B 439 2.28 38.00 13.21
N LYS B 440 1.16 38.02 12.47
CA LYS B 440 0.80 39.22 11.71
C LYS B 440 0.48 40.38 12.64
N TRP B 441 -0.16 40.10 13.78
CA TRP B 441 -0.49 41.15 14.73
C TRP B 441 0.76 41.75 15.35
N ARG B 442 1.73 40.91 15.72
CA ARG B 442 2.97 41.42 16.30
C ARG B 442 3.82 42.13 15.26
N TRP B 443 3.79 41.67 14.00
CA TRP B 443 4.51 42.37 12.94
C TRP B 443 3.99 43.79 12.76
N MET B 444 2.66 43.96 12.76
CA MET B 444 2.08 45.28 12.60
C MET B 444 2.35 46.17 13.81
N VAL B 445 2.33 45.60 15.01
CA VAL B 445 2.59 46.37 16.22
C VAL B 445 4.03 46.88 16.21
N PHE B 446 4.98 46.02 15.86
CA PHE B 446 6.38 46.44 15.79
C PHE B 446 6.59 47.44 14.66
N LYS B 447 5.95 47.22 13.51
CA LYS B 447 6.09 48.12 12.38
C LYS B 447 5.47 49.49 12.64
N GLY B 448 4.55 49.57 13.60
CA GLY B 448 3.90 50.83 13.93
C GLY B 448 2.60 51.09 13.21
N GLU B 449 1.91 50.05 12.76
CA GLU B 449 0.64 50.20 12.06
C GLU B 449 -0.57 50.09 12.99
N ILE B 450 -0.38 49.64 14.22
CA ILE B 450 -1.45 49.52 15.19
C ILE B 450 -1.16 50.40 16.39
N PRO B 451 -1.87 51.53 16.56
CA PRO B 451 -1.62 52.39 17.71
C PRO B 451 -2.00 51.71 19.01
N LYS B 452 -1.50 52.29 20.11
CA LYS B 452 -1.73 51.70 21.44
C LYS B 452 -3.20 51.69 21.81
N ASP B 453 -3.97 52.69 21.37
CA ASP B 453 -5.37 52.80 21.74
C ASP B 453 -6.28 51.82 21.01
N GLN B 454 -5.72 50.96 20.15
CA GLN B 454 -6.53 49.96 19.46
C GLN B 454 -5.73 48.68 19.25
N TRP B 455 -4.95 48.28 20.25
CA TRP B 455 -4.25 47.00 20.19
C TRP B 455 -5.24 45.85 20.18
N MET B 456 -6.13 45.81 21.17
CA MET B 456 -7.12 44.74 21.26
C MET B 456 -8.23 44.90 20.22
N LYS B 457 -8.49 46.12 19.76
CA LYS B 457 -9.48 46.32 18.72
C LYS B 457 -9.08 45.63 17.43
N LYS B 458 -7.83 45.83 17.00
CA LYS B 458 -7.35 45.16 15.79
C LYS B 458 -7.03 43.69 16.03
N TRP B 459 -6.74 43.30 17.27
CA TRP B 459 -6.44 41.89 17.56
C TRP B 459 -7.66 41.01 17.29
N TRP B 460 -8.84 41.43 17.74
CA TRP B 460 -10.04 40.63 17.55
C TRP B 460 -10.68 40.86 16.18
N GLU B 461 -10.41 41.98 15.52
CA GLU B 461 -10.84 42.14 14.14
C GLU B 461 -10.14 41.14 13.23
N MET B 462 -8.88 40.85 13.53
CA MET B 462 -8.14 39.83 12.78
C MET B 462 -8.53 38.43 13.22
N LYS B 463 -8.85 38.24 14.50
CA LYS B 463 -9.34 36.95 14.97
C LYS B 463 -10.64 36.58 14.26
N ARG B 464 -11.55 37.54 14.09
CA ARG B 464 -12.82 37.27 13.41
C ARG B 464 -12.60 36.99 11.93
N GLU B 465 -11.73 37.77 11.27
CA GLU B 465 -11.63 37.69 9.81
C GLU B 465 -10.72 36.54 9.37
N ILE B 466 -9.56 36.39 10.02
CA ILE B 466 -8.58 35.40 9.58
C ILE B 466 -8.86 34.04 10.21
N VAL B 467 -8.84 33.99 11.54
CA VAL B 467 -9.01 32.70 12.22
C VAL B 467 -10.47 32.27 12.25
N GLY B 468 -11.39 33.22 12.24
CA GLY B 468 -12.79 32.89 12.40
C GLY B 468 -13.16 32.54 13.83
N VAL B 469 -12.61 33.27 14.80
CA VAL B 469 -12.84 33.02 16.22
C VAL B 469 -13.25 34.34 16.87
N VAL B 470 -14.36 34.30 17.61
CA VAL B 470 -14.90 35.47 18.28
C VAL B 470 -14.70 35.33 19.78
N GLU B 471 -14.45 36.45 20.45
CA GLU B 471 -14.27 36.42 21.90
C GLU B 471 -15.62 36.26 22.58
N PRO B 472 -15.68 35.53 23.71
CA PRO B 472 -16.97 35.37 24.39
C PRO B 472 -17.42 36.61 25.13
N VAL B 473 -16.50 37.41 25.65
CA VAL B 473 -16.84 38.65 26.34
C VAL B 473 -15.98 39.78 25.79
N PRO B 474 -16.50 41.00 25.68
CA PRO B 474 -15.72 42.08 25.07
C PRO B 474 -14.55 42.49 25.94
N HIS B 475 -13.42 42.78 25.30
CA HIS B 475 -12.22 43.22 25.97
C HIS B 475 -11.80 44.58 25.42
N ASP B 476 -11.56 45.53 26.31
CA ASP B 476 -11.08 46.85 25.93
C ASP B 476 -9.55 46.84 25.90
N GLU B 477 -8.93 48.02 25.95
CA GLU B 477 -7.48 48.12 25.94
C GLU B 477 -6.85 47.79 27.28
N THR B 478 -7.65 47.53 28.32
CA THR B 478 -7.08 47.11 29.59
C THR B 478 -6.49 45.72 29.52
N TYR B 479 -7.08 44.85 28.69
CA TYR B 479 -6.59 43.50 28.52
C TYR B 479 -5.38 43.48 27.59
N CYS B 480 -4.73 42.32 27.52
CA CYS B 480 -3.63 42.06 26.59
C CYS B 480 -3.64 40.56 26.30
N ASP B 481 -4.67 40.13 25.57
CA ASP B 481 -4.84 38.70 25.29
C ASP B 481 -3.69 38.07 24.50
N PRO B 482 -3.12 38.71 23.48
CA PRO B 482 -1.96 38.06 22.81
C PRO B 482 -0.80 37.77 23.76
N ALA B 483 -0.55 38.64 24.74
CA ALA B 483 0.52 38.39 25.69
C ALA B 483 0.21 37.23 26.63
N SER B 484 -1.06 36.82 26.74
CA SER B 484 -1.42 35.69 27.57
C SER B 484 -0.91 34.36 27.03
N LEU B 485 -0.27 34.35 25.86
CA LEU B 485 0.37 33.16 25.31
C LEU B 485 1.85 33.18 25.68
N PHE B 486 2.43 31.97 25.80
CA PHE B 486 3.81 31.85 26.24
C PHE B 486 4.77 32.54 25.27
N HIS B 487 4.62 32.27 23.98
CA HIS B 487 5.60 32.76 23.00
C HIS B 487 5.60 34.28 22.90
N VAL B 488 4.48 34.93 23.19
CA VAL B 488 4.41 36.38 23.06
C VAL B 488 5.03 37.06 24.27
N SER B 489 4.71 36.60 25.47
CA SER B 489 5.23 37.21 26.69
C SER B 489 6.63 36.77 27.05
N ASN B 490 7.17 35.74 26.38
CA ASN B 490 8.52 35.27 26.65
C ASN B 490 9.50 35.58 25.52
N ASP B 491 9.11 36.47 24.60
CA ASP B 491 10.00 36.98 23.56
C ASP B 491 10.52 35.86 22.65
N TYR B 492 9.57 35.21 21.97
CA TYR B 492 9.89 34.19 20.98
C TYR B 492 9.12 34.47 19.70
N SER B 493 9.80 34.32 18.57
CA SER B 493 9.11 34.42 17.29
C SER B 493 8.14 33.26 17.13
N PHE B 494 7.06 33.51 16.38
CA PHE B 494 6.01 32.52 16.21
C PHE B 494 5.82 32.05 14.77
N ILE B 495 6.38 32.77 13.79
CA ILE B 495 6.24 32.36 12.39
C ILE B 495 6.96 31.05 12.09
N ARG B 496 7.81 30.58 13.01
CA ARG B 496 8.51 29.32 12.79
C ARG B 496 7.56 28.14 12.71
N TYR B 497 6.44 28.20 13.44
CA TYR B 497 5.47 27.12 13.41
C TYR B 497 4.63 27.10 12.15
N TYR B 498 4.53 28.23 11.44
CA TYR B 498 3.87 28.24 10.15
C TYR B 498 4.79 27.69 9.05
N THR B 499 6.04 28.12 9.05
CA THR B 499 6.97 27.67 8.02
C THR B 499 7.32 26.20 8.17
N ARG B 500 7.46 25.73 9.41
CA ARG B 500 7.74 24.31 9.63
C ARG B 500 6.61 23.42 9.12
N THR B 501 5.37 23.93 9.14
CA THR B 501 4.24 23.13 8.70
C THR B 501 4.32 22.86 7.20
N LEU B 502 4.70 23.86 6.41
CA LEU B 502 4.90 23.62 4.98
C LEU B 502 6.16 22.82 4.71
N TYR B 503 7.18 22.97 5.57
CA TYR B 503 8.42 22.23 5.39
C TYR B 503 8.22 20.73 5.62
N GLN B 504 7.43 20.37 6.65
CA GLN B 504 7.33 18.97 7.04
C GLN B 504 6.68 18.11 5.95
N PHE B 505 5.81 18.70 5.14
CA PHE B 505 5.21 17.92 4.06
C PHE B 505 6.08 17.89 2.81
N GLN B 506 6.88 18.94 2.58
CA GLN B 506 7.90 18.87 1.55
C GLN B 506 8.96 17.83 1.89
N PHE B 507 9.35 17.76 3.17
CA PHE B 507 10.29 16.74 3.60
C PHE B 507 9.67 15.36 3.52
N GLN B 508 8.43 15.22 3.98
CA GLN B 508 7.76 13.91 3.96
C GLN B 508 7.63 13.39 2.54
N GLU B 509 7.14 14.23 1.63
CA GLU B 509 7.02 13.83 0.23
C GLU B 509 8.39 13.44 -0.35
N ALA B 510 9.43 14.16 0.02
CA ALA B 510 10.77 13.84 -0.46
C ALA B 510 11.28 12.53 0.15
N LEU B 511 10.99 12.30 1.43
CA LEU B 511 11.46 11.08 2.08
C LEU B 511 10.67 9.86 1.62
N CYS B 512 9.37 10.00 1.39
CA CYS B 512 8.56 8.87 0.96
C CYS B 512 8.93 8.41 -0.44
N GLN B 513 9.47 9.32 -1.27
CA GLN B 513 10.01 8.91 -2.56
C GLN B 513 11.26 8.07 -2.39
N ALA B 514 12.16 8.48 -1.48
CA ALA B 514 13.34 7.67 -1.19
C ALA B 514 12.98 6.36 -0.52
N ALA B 515 11.88 6.34 0.24
CA ALA B 515 11.39 5.11 0.87
C ALA B 515 10.64 4.22 -0.10
N LYS B 516 10.57 4.58 -1.38
CA LYS B 516 9.89 3.78 -2.41
C LYS B 516 8.41 3.58 -2.10
N HIS B 517 7.80 4.53 -1.40
CA HIS B 517 6.38 4.48 -1.13
C HIS B 517 5.59 4.74 -2.42
N GLU B 518 4.43 4.09 -2.53
CA GLU B 518 3.63 4.18 -3.75
C GLU B 518 2.21 4.67 -3.54
N GLY B 519 1.66 4.57 -2.33
CA GLY B 519 0.31 5.00 -2.07
C GLY B 519 0.21 6.48 -1.79
N PRO B 520 -0.90 6.90 -1.17
CA PRO B 520 -1.05 8.30 -0.80
C PRO B 520 0.00 8.74 0.23
N LEU B 521 0.23 10.05 0.28
CA LEU B 521 1.27 10.59 1.14
C LEU B 521 0.94 10.40 2.62
N HIS B 522 -0.34 10.42 2.99
CA HIS B 522 -0.71 10.28 4.39
C HIS B 522 -0.60 8.85 4.90
N LYS B 523 -0.45 7.86 4.02
CA LYS B 523 -0.27 6.48 4.41
C LYS B 523 1.19 6.06 4.44
N CYS B 524 2.11 7.03 4.34
CA CYS B 524 3.53 6.74 4.26
C CYS B 524 4.16 6.71 5.64
N ASP B 525 4.99 5.70 5.87
CA ASP B 525 5.76 5.57 7.10
C ASP B 525 7.21 5.31 6.71
N ILE B 526 8.10 6.23 7.09
CA ILE B 526 9.49 6.15 6.66
C ILE B 526 10.28 5.21 7.57
N SER B 527 9.57 4.43 8.38
CA SER B 527 10.24 3.45 9.22
C SER B 527 10.91 2.39 8.36
N ASN B 528 12.06 1.90 8.81
CA ASN B 528 12.86 0.87 8.15
C ASN B 528 13.50 1.33 6.83
N SER B 529 13.34 2.58 6.44
CA SER B 529 13.88 3.10 5.19
C SER B 529 15.21 3.76 5.47
N THR B 530 16.30 3.00 5.30
CA THR B 530 17.63 3.57 5.45
C THR B 530 17.94 4.61 4.39
N GLU B 531 17.29 4.52 3.22
CA GLU B 531 17.47 5.53 2.19
C GLU B 531 16.87 6.87 2.62
N ALA B 532 15.66 6.84 3.20
CA ALA B 532 15.05 8.07 3.68
C ALA B 532 15.85 8.67 4.83
N GLY B 533 16.42 7.82 5.69
CA GLY B 533 17.27 8.32 6.76
C GLY B 533 18.57 8.91 6.24
N GLN B 534 19.18 8.27 5.24
CA GLN B 534 20.39 8.82 4.64
C GLN B 534 20.11 10.12 3.91
N LYS B 535 18.95 10.23 3.24
CA LYS B 535 18.62 11.46 2.54
C LYS B 535 18.40 12.61 3.52
N LEU B 536 17.82 12.33 4.68
CA LEU B 536 17.60 13.37 5.66
C LEU B 536 18.88 13.71 6.42
N PHE B 537 19.69 12.70 6.74
CA PHE B 537 20.93 12.95 7.46
C PHE B 537 21.89 13.79 6.64
N ASN B 538 21.83 13.69 5.31
CA ASN B 538 22.67 14.52 4.46
C ASN B 538 22.35 15.99 4.59
N MET B 539 21.15 16.34 5.06
CA MET B 539 20.77 17.72 5.30
C MET B 539 20.89 18.12 6.77
N LEU B 540 20.72 17.18 7.69
CA LEU B 540 20.86 17.50 9.11
C LEU B 540 22.30 17.85 9.46
N ARG B 541 23.26 17.19 8.82
CA ARG B 541 24.66 17.43 9.12
C ARG B 541 25.12 18.81 8.63
N LEU B 542 24.41 19.41 7.67
CA LEU B 542 24.80 20.73 7.19
C LEU B 542 24.68 21.78 8.29
N GLY B 543 23.69 21.65 9.16
CA GLY B 543 23.50 22.64 10.20
C GLY B 543 23.07 23.96 9.61
N LYS B 544 23.77 25.03 10.00
CA LYS B 544 23.53 26.37 9.48
C LYS B 544 24.62 26.82 8.52
N SER B 545 25.48 25.90 8.08
CA SER B 545 26.55 26.25 7.14
C SER B 545 25.96 26.65 5.79
N GLU B 546 25.12 25.78 5.21
CA GLU B 546 24.50 26.12 3.93
C GLU B 546 23.25 26.93 4.17
N PRO B 547 22.90 27.82 3.23
CA PRO B 547 21.64 28.57 3.36
C PRO B 547 20.45 27.62 3.37
N TRP B 548 19.37 28.06 4.02
CA TRP B 548 18.19 27.21 4.12
C TRP B 548 17.56 26.95 2.75
N THR B 549 17.67 27.91 1.82
CA THR B 549 17.17 27.68 0.47
C THR B 549 17.96 26.59 -0.24
N LEU B 550 19.26 26.54 -0.02
CA LEU B 550 20.09 25.49 -0.61
C LEU B 550 19.89 24.15 0.09
N ALA B 551 19.82 24.18 1.43
CA ALA B 551 19.60 22.94 2.18
C ALA B 551 18.24 22.34 1.87
N LEU B 552 17.22 23.19 1.71
CA LEU B 552 15.89 22.69 1.33
C LEU B 552 15.90 22.09 -0.06
N GLU B 553 16.68 22.67 -0.97
CA GLU B 553 16.73 22.14 -2.34
C GLU B 553 17.45 20.80 -2.40
N ASN B 554 18.37 20.54 -1.47
CA ASN B 554 19.14 19.30 -1.49
C ASN B 554 18.29 18.08 -1.18
N VAL B 555 17.08 18.27 -0.63
CA VAL B 555 16.20 17.17 -0.25
C VAL B 555 14.90 17.19 -1.05
N VAL B 556 14.22 18.34 -1.09
CA VAL B 556 12.94 18.42 -1.78
C VAL B 556 13.06 18.92 -3.22
N GLY B 557 14.20 19.52 -3.59
CA GLY B 557 14.37 20.03 -4.93
C GLY B 557 13.73 21.38 -5.19
N ALA B 558 13.43 22.14 -4.13
CA ALA B 558 12.83 23.45 -4.28
C ALA B 558 13.57 24.45 -3.39
N LYS B 559 13.66 25.69 -3.87
CA LYS B 559 14.37 26.75 -3.17
C LYS B 559 13.50 27.52 -2.19
N ASN B 560 12.21 27.18 -2.09
CA ASN B 560 11.30 27.92 -1.22
C ASN B 560 10.24 26.98 -0.70
N MET B 561 9.52 27.43 0.33
CA MET B 561 8.45 26.63 0.90
C MET B 561 7.31 26.50 -0.10
N ASN B 562 6.66 25.34 -0.09
CA ASN B 562 5.59 25.03 -1.03
C ASN B 562 4.39 24.46 -0.28
N VAL B 563 3.19 24.86 -0.69
CA VAL B 563 1.97 24.39 -0.04
C VAL B 563 1.38 23.16 -0.71
N ARG B 564 1.82 22.83 -1.92
CA ARG B 564 1.32 21.65 -2.63
C ARG B 564 1.41 20.35 -1.83
N PRO B 565 2.53 20.01 -1.20
CA PRO B 565 2.56 18.75 -0.43
C PRO B 565 1.57 18.72 0.72
N LEU B 566 1.29 19.87 1.35
CA LEU B 566 0.32 19.89 2.45
C LEU B 566 -1.10 19.64 1.95
N LEU B 567 -1.45 20.19 0.78
CA LEU B 567 -2.79 20.01 0.26
C LEU B 567 -3.02 18.60 -0.27
N ASN B 568 -1.97 17.96 -0.79
CA ASN B 568 -2.11 16.57 -1.21
C ASN B 568 -2.28 15.64 -0.03
N TYR B 569 -1.72 16.01 1.13
CA TYR B 569 -1.85 15.18 2.33
C TYR B 569 -3.31 15.13 2.79
N PHE B 570 -4.00 16.27 2.79
CA PHE B 570 -5.38 16.36 3.24
C PHE B 570 -6.38 16.33 2.10
N GLU B 571 -5.98 15.85 0.92
CA GLU B 571 -6.91 15.82 -0.21
C GLU B 571 -8.09 14.88 0.00
N PRO B 572 -7.92 13.64 0.48
CA PRO B 572 -9.11 12.82 0.77
C PRO B 572 -10.03 13.44 1.81
N LEU B 573 -9.49 14.21 2.76
CA LEU B 573 -10.31 14.89 3.74
C LEU B 573 -10.99 16.13 3.16
N PHE B 574 -10.31 16.83 2.25
CA PHE B 574 -10.89 18.04 1.69
C PHE B 574 -12.13 17.74 0.85
N THR B 575 -12.09 16.67 0.06
CA THR B 575 -13.26 16.27 -0.71
C THR B 575 -14.36 15.72 0.18
N TRP B 576 -13.99 15.12 1.32
CA TRP B 576 -14.99 14.60 2.24
C TRP B 576 -15.70 15.72 2.99
N LEU B 577 -14.97 16.78 3.34
CA LEU B 577 -15.57 17.90 4.05
C LEU B 577 -16.58 18.64 3.19
N LYS B 578 -16.33 18.73 1.88
CA LYS B 578 -17.28 19.40 1.00
C LYS B 578 -18.60 18.64 0.93
N ASP B 579 -18.54 17.31 1.00
CA ASP B 579 -19.76 16.52 1.03
C ASP B 579 -20.50 16.68 2.36
N GLN B 580 -19.76 16.72 3.46
CA GLN B 580 -20.38 16.88 4.77
C GLN B 580 -21.01 18.26 4.96
N ASN B 581 -20.41 19.29 4.36
CA ASN B 581 -20.89 20.65 4.53
C ASN B 581 -21.92 21.05 3.48
N LYS B 582 -22.53 20.07 2.80
CA LYS B 582 -23.57 20.40 1.82
C LYS B 582 -24.80 20.98 2.51
N ASN B 583 -25.03 20.62 3.77
CA ASN B 583 -26.13 21.18 4.56
C ASN B 583 -25.64 22.13 5.63
N SER B 584 -24.38 22.54 5.58
CA SER B 584 -23.82 23.51 6.51
C SER B 584 -23.47 24.81 5.79
N PHE B 585 -23.07 25.80 6.57
CA PHE B 585 -22.65 27.09 6.04
C PHE B 585 -21.13 27.17 6.10
N VAL B 586 -20.49 27.27 4.94
CA VAL B 586 -19.03 27.39 4.86
C VAL B 586 -18.69 28.89 4.84
N GLY B 587 -17.92 29.33 5.82
CA GLY B 587 -17.63 30.73 6.02
C GLY B 587 -18.18 31.22 7.35
N TRP B 588 -17.89 32.48 7.64
CA TRP B 588 -18.31 33.07 8.91
C TRP B 588 -18.53 34.56 8.75
N SER B 589 -19.45 35.08 9.56
CA SER B 589 -19.74 36.51 9.61
C SER B 589 -18.93 37.14 10.74
N THR B 590 -18.27 38.26 10.44
CA THR B 590 -17.45 38.97 11.42
C THR B 590 -18.26 39.88 12.34
N ASP B 591 -19.58 39.71 12.39
CA ASP B 591 -20.44 40.57 13.20
C ASP B 591 -21.09 39.86 14.37
N TRP B 592 -21.29 38.55 14.29
CA TRP B 592 -21.93 37.83 15.39
C TRP B 592 -20.97 37.72 16.57
N SER B 593 -21.52 37.82 17.77
CA SER B 593 -20.75 37.71 18.99
C SER B 593 -21.63 37.07 20.06
N PRO B 594 -21.04 36.32 21.00
CA PRO B 594 -21.86 35.69 22.04
C PRO B 594 -22.34 36.66 23.10
N TYR B 595 -22.38 37.95 22.76
CA TYR B 595 -22.83 38.96 23.71
C TYR B 595 -23.52 40.15 23.05
N ALA B 596 -23.89 40.05 21.77
CA ALA B 596 -24.52 41.16 21.06
C ALA B 596 -25.89 41.49 21.66
N ASN C 16 -74.16 -21.19 -1.43
CA ASN C 16 -73.30 -22.25 -1.96
C ASN C 16 -71.85 -21.79 -1.98
N LEU C 17 -70.93 -22.75 -1.90
CA LEU C 17 -69.51 -22.43 -1.93
C LEU C 17 -69.08 -22.10 -3.35
N CYS C 18 -68.17 -21.15 -3.48
CA CYS C 18 -67.70 -20.81 -4.81
C CYS C 18 -66.74 -21.88 -5.31
N PRO C 19 -66.85 -22.29 -6.57
CA PRO C 19 -66.01 -23.40 -7.09
C PRO C 19 -64.57 -22.98 -7.39
N PHE C 20 -63.79 -22.83 -6.32
CA PHE C 20 -62.37 -22.54 -6.48
C PHE C 20 -61.57 -23.78 -6.89
N GLY C 21 -62.09 -24.97 -6.61
CA GLY C 21 -61.42 -26.19 -7.04
C GLY C 21 -61.47 -26.42 -8.53
N GLU C 22 -62.44 -25.81 -9.22
CA GLU C 22 -62.56 -26.00 -10.66
C GLU C 22 -61.48 -25.25 -11.44
N VAL C 23 -60.80 -24.29 -10.80
CA VAL C 23 -59.74 -23.53 -11.44
C VAL C 23 -58.36 -23.91 -10.92
N PHE C 24 -58.23 -24.10 -9.61
CA PHE C 24 -56.92 -24.43 -9.03
C PHE C 24 -56.59 -25.91 -9.24
N ASN C 25 -57.51 -26.80 -8.85
CA ASN C 25 -57.33 -28.23 -9.04
C ASN C 25 -57.77 -28.71 -10.42
N ALA C 26 -57.81 -27.81 -11.41
CA ALA C 26 -58.19 -28.20 -12.76
C ALA C 26 -57.09 -29.06 -13.39
N THR C 27 -57.51 -30.09 -14.12
CA THR C 27 -56.55 -31.00 -14.73
C THR C 27 -55.74 -30.30 -15.82
N LYS C 28 -56.42 -29.68 -16.78
CA LYS C 28 -55.77 -29.02 -17.90
C LYS C 28 -55.71 -27.51 -17.64
N PHE C 29 -54.54 -26.92 -17.91
CA PHE C 29 -54.33 -25.49 -17.78
C PHE C 29 -53.96 -24.89 -19.14
N PRO C 30 -54.44 -23.69 -19.45
CA PRO C 30 -54.23 -23.13 -20.78
C PRO C 30 -52.88 -22.43 -20.88
N SER C 31 -52.52 -22.09 -22.12
CA SER C 31 -51.32 -21.33 -22.37
C SER C 31 -51.52 -19.88 -21.96
N VAL C 32 -50.40 -19.17 -21.74
CA VAL C 32 -50.48 -17.80 -21.25
C VAL C 32 -51.09 -16.88 -22.31
N TYR C 33 -50.79 -17.12 -23.59
CA TYR C 33 -51.35 -16.28 -24.64
C TYR C 33 -52.86 -16.48 -24.78
N ALA C 34 -53.35 -17.68 -24.50
CA ALA C 34 -54.79 -17.94 -24.56
C ALA C 34 -55.32 -18.26 -23.16
N TRP C 35 -55.00 -17.40 -22.19
CA TRP C 35 -55.47 -17.61 -20.83
C TRP C 35 -56.99 -17.52 -20.76
N GLU C 36 -57.58 -18.32 -19.89
CA GLU C 36 -59.03 -18.34 -19.73
C GLU C 36 -59.44 -17.63 -18.44
N ARG C 37 -60.68 -17.12 -18.46
CA ARG C 37 -61.24 -16.35 -17.37
C ARG C 37 -62.54 -17.00 -16.94
N LYS C 38 -62.78 -17.06 -15.63
CA LYS C 38 -63.98 -17.65 -15.08
C LYS C 38 -64.63 -16.65 -14.12
N LYS C 39 -65.90 -16.36 -14.36
CA LYS C 39 -66.64 -15.41 -13.54
C LYS C 39 -67.24 -16.13 -12.34
N ILE C 40 -67.22 -15.46 -11.20
CA ILE C 40 -67.75 -15.99 -9.95
C ILE C 40 -68.89 -15.09 -9.51
N SER C 41 -70.09 -15.66 -9.41
CA SER C 41 -71.31 -14.90 -9.18
C SER C 41 -71.84 -15.22 -7.78
N ASN C 42 -73.12 -15.51 -7.59
CA ASN C 42 -73.73 -15.65 -6.27
C ASN C 42 -73.23 -16.92 -5.60
N CYS C 43 -72.31 -16.76 -4.65
CA CYS C 43 -71.79 -17.85 -3.83
C CYS C 43 -70.94 -17.24 -2.73
N VAL C 44 -70.85 -17.96 -1.61
CA VAL C 44 -70.00 -17.56 -0.51
C VAL C 44 -68.61 -18.16 -0.70
N ALA C 45 -67.59 -17.35 -0.45
CA ALA C 45 -66.21 -17.76 -0.70
C ALA C 45 -65.60 -18.36 0.56
N ASP C 46 -64.48 -19.07 0.39
CA ASP C 46 -63.78 -19.76 1.48
C ASP C 46 -62.28 -19.65 1.19
N TYR C 47 -61.69 -18.51 1.56
CA TYR C 47 -60.29 -18.27 1.27
C TYR C 47 -59.35 -18.96 2.26
N SER C 48 -59.90 -19.79 3.16
CA SER C 48 -59.06 -20.57 4.07
C SER C 48 -58.27 -21.64 3.31
N VAL C 49 -58.86 -22.22 2.26
CA VAL C 49 -58.15 -23.20 1.45
C VAL C 49 -56.94 -22.56 0.76
N LEU C 50 -57.10 -21.34 0.25
CA LEU C 50 -56.01 -20.69 -0.47
C LEU C 50 -54.96 -20.09 0.45
N TYR C 51 -55.35 -19.75 1.69
CA TYR C 51 -54.46 -19.03 2.60
C TYR C 51 -53.70 -19.93 3.56
N ASN C 52 -54.29 -21.03 4.02
CA ASN C 52 -53.62 -21.95 4.93
C ASN C 52 -53.04 -23.15 4.19
N SER C 53 -52.11 -22.86 3.27
CA SER C 53 -51.48 -23.90 2.48
C SER C 53 -50.10 -23.42 2.04
N THR C 54 -49.10 -24.30 2.19
CA THR C 54 -47.75 -24.03 1.72
C THR C 54 -47.48 -24.61 0.34
N PHE C 55 -48.53 -24.95 -0.41
CA PHE C 55 -48.35 -25.53 -1.73
C PHE C 55 -47.99 -24.50 -2.80
N PHE C 56 -48.25 -23.22 -2.53
CA PHE C 56 -48.00 -22.18 -3.51
C PHE C 56 -46.57 -21.66 -3.41
N SER C 57 -46.04 -21.23 -4.56
CA SER C 57 -44.68 -20.72 -4.66
C SER C 57 -44.59 -19.21 -4.49
N THR C 58 -45.65 -18.47 -4.80
CA THR C 58 -45.61 -17.02 -4.68
C THR C 58 -46.70 -16.49 -3.76
N PHE C 59 -47.95 -16.46 -4.24
CA PHE C 59 -49.09 -15.97 -3.46
C PHE C 59 -48.85 -14.52 -3.01
N LYS C 60 -48.96 -13.62 -3.97
CA LYS C 60 -48.71 -12.19 -3.76
C LYS C 60 -50.00 -11.44 -4.02
N CYS C 61 -50.46 -10.68 -3.03
CA CYS C 61 -51.69 -9.90 -3.16
C CYS C 61 -51.36 -8.42 -3.35
N TYR C 62 -52.23 -7.73 -4.10
CA TYR C 62 -52.07 -6.31 -4.38
C TYR C 62 -53.39 -5.60 -4.09
N GLY C 63 -53.32 -4.47 -3.40
CA GLY C 63 -54.48 -3.69 -3.05
C GLY C 63 -55.31 -4.22 -1.90
N VAL C 64 -55.17 -5.51 -1.57
CA VAL C 64 -55.89 -6.13 -0.47
C VAL C 64 -54.93 -7.08 0.23
N SER C 65 -55.25 -7.43 1.47
CA SER C 65 -54.40 -8.30 2.26
C SER C 65 -54.90 -9.74 2.18
N ALA C 66 -53.97 -10.68 2.40
CA ALA C 66 -54.23 -12.11 2.30
C ALA C 66 -55.06 -12.66 3.46
N THR C 67 -55.46 -11.84 4.42
CA THR C 67 -56.20 -12.32 5.58
C THR C 67 -57.52 -11.60 5.80
N LYS C 68 -57.52 -10.27 5.68
CA LYS C 68 -58.74 -9.46 5.84
C LYS C 68 -59.78 -9.74 4.76
N LEU C 69 -59.41 -10.45 3.69
CA LEU C 69 -60.35 -10.76 2.61
C LEU C 69 -61.48 -11.68 3.06
N ASN C 70 -61.31 -12.41 4.17
CA ASN C 70 -62.38 -13.32 4.61
C ASN C 70 -63.64 -12.56 4.98
N ASP C 71 -63.51 -11.45 5.70
CA ASP C 71 -64.67 -10.61 6.03
C ASP C 71 -64.76 -9.45 5.04
N LEU C 72 -65.05 -9.81 3.80
CA LEU C 72 -65.18 -8.84 2.72
C LEU C 72 -66.17 -9.37 1.69
N CYS C 73 -66.75 -8.45 0.94
CA CYS C 73 -67.70 -8.77 -0.11
C CYS C 73 -67.34 -8.03 -1.39
N PHE C 74 -67.58 -8.68 -2.52
CA PHE C 74 -67.33 -8.11 -3.84
C PHE C 74 -68.53 -8.37 -4.74
N SER C 75 -68.66 -7.55 -5.78
CA SER C 75 -69.73 -7.74 -6.75
C SER C 75 -69.57 -9.06 -7.49
N ASN C 76 -68.37 -9.34 -7.98
CA ASN C 76 -68.07 -10.61 -8.63
C ASN C 76 -66.56 -10.77 -8.70
N VAL C 77 -66.11 -12.02 -8.73
CA VAL C 77 -64.69 -12.36 -8.75
C VAL C 77 -64.36 -13.03 -10.07
N TYR C 78 -63.24 -12.64 -10.66
CA TYR C 78 -62.78 -13.21 -11.93
C TYR C 78 -61.46 -13.92 -11.69
N ALA C 79 -61.38 -15.17 -12.15
CA ALA C 79 -60.21 -16.01 -11.96
C ALA C 79 -59.55 -16.26 -13.32
N ASP C 80 -58.34 -15.75 -13.48
CA ASP C 80 -57.56 -15.96 -14.69
C ASP C 80 -56.54 -17.05 -14.42
N SER C 81 -56.42 -18.00 -15.35
CA SER C 81 -55.51 -19.12 -15.19
C SER C 81 -54.69 -19.31 -16.45
N PHE C 82 -53.42 -19.65 -16.28
CA PHE C 82 -52.49 -19.86 -17.39
C PHE C 82 -51.23 -20.49 -16.82
N VAL C 83 -50.25 -20.72 -17.69
CA VAL C 83 -48.98 -21.35 -17.32
C VAL C 83 -47.84 -20.54 -17.91
N VAL C 84 -46.86 -20.21 -17.07
CA VAL C 84 -45.66 -19.49 -17.48
C VAL C 84 -44.45 -20.16 -16.85
N LYS C 85 -43.26 -19.72 -17.26
CA LYS C 85 -42.03 -20.23 -16.67
C LYS C 85 -41.83 -19.60 -15.28
N GLY C 86 -40.84 -20.12 -14.56
CA GLY C 86 -40.58 -19.63 -13.22
C GLY C 86 -40.18 -18.15 -13.22
N ASP C 87 -39.27 -17.77 -14.11
CA ASP C 87 -38.81 -16.39 -14.17
C ASP C 87 -39.89 -15.43 -14.68
N ASP C 88 -40.92 -15.95 -15.36
CA ASP C 88 -41.99 -15.10 -15.87
C ASP C 88 -43.08 -14.83 -14.85
N VAL C 89 -43.07 -15.50 -13.69
CA VAL C 89 -44.08 -15.25 -12.67
C VAL C 89 -43.96 -13.83 -12.12
N ARG C 90 -42.75 -13.27 -12.10
CA ARG C 90 -42.56 -11.91 -11.61
C ARG C 90 -43.23 -10.88 -12.50
N GLN C 91 -43.54 -11.23 -13.75
CA GLN C 91 -44.18 -10.29 -14.66
C GLN C 91 -45.69 -10.24 -14.47
N ILE C 92 -46.28 -11.23 -13.80
CA ILE C 92 -47.71 -11.23 -13.52
C ILE C 92 -47.94 -10.35 -12.30
N ALA C 93 -47.70 -9.04 -12.45
CA ALA C 93 -47.81 -8.08 -11.37
C ALA C 93 -48.04 -6.71 -11.99
N PRO C 94 -48.67 -5.79 -11.26
CA PRO C 94 -48.92 -4.45 -11.83
C PRO C 94 -47.60 -3.71 -12.05
N GLY C 95 -47.45 -3.16 -13.25
CA GLY C 95 -46.29 -2.36 -13.57
C GLY C 95 -45.09 -3.12 -14.10
N GLN C 96 -45.31 -4.20 -14.85
CA GLN C 96 -44.23 -4.96 -15.44
C GLN C 96 -44.21 -4.75 -16.96
N THR C 97 -43.04 -4.96 -17.56
CA THR C 97 -42.83 -4.67 -18.98
C THR C 97 -42.12 -5.81 -19.71
N GLY C 98 -42.21 -7.04 -19.21
CA GLY C 98 -41.60 -8.18 -19.86
C GLY C 98 -42.37 -8.62 -21.09
N VAL C 99 -41.93 -9.74 -21.65
CA VAL C 99 -42.58 -10.29 -22.84
C VAL C 99 -43.97 -10.82 -22.50
N ILE C 100 -44.11 -11.49 -21.35
CA ILE C 100 -45.39 -12.01 -20.94
C ILE C 100 -46.36 -10.88 -20.61
N ALA C 101 -45.87 -9.85 -19.92
CA ALA C 101 -46.75 -8.75 -19.52
C ALA C 101 -47.18 -7.90 -20.71
N ASP C 102 -46.32 -7.75 -21.72
CA ASP C 102 -46.62 -6.88 -22.84
C ASP C 102 -47.44 -7.58 -23.92
N TYR C 103 -47.17 -8.85 -24.19
CA TYR C 103 -47.75 -9.55 -25.32
C TYR C 103 -48.69 -10.69 -24.96
N ASN C 104 -48.83 -11.02 -23.67
CA ASN C 104 -49.63 -12.18 -23.29
C ASN C 104 -50.68 -11.86 -22.24
N TYR C 105 -50.26 -11.36 -21.09
CA TYR C 105 -51.20 -11.10 -19.99
C TYR C 105 -50.69 -9.90 -19.22
N LYS C 106 -51.47 -8.82 -19.21
CA LYS C 106 -51.11 -7.58 -18.54
C LYS C 106 -52.11 -7.29 -17.44
N LEU C 107 -51.60 -6.86 -16.28
CA LEU C 107 -52.43 -6.44 -15.16
C LEU C 107 -52.49 -4.91 -15.09
N PRO C 108 -53.63 -4.35 -14.72
CA PRO C 108 -53.74 -2.89 -14.64
C PRO C 108 -52.92 -2.34 -13.47
N ASP C 109 -52.62 -1.05 -13.55
CA ASP C 109 -51.88 -0.40 -12.48
C ASP C 109 -52.68 -0.36 -11.19
N ASP C 110 -54.00 -0.18 -11.30
CA ASP C 110 -54.90 -0.19 -10.14
C ASP C 110 -55.48 -1.58 -9.88
N PHE C 111 -54.69 -2.62 -10.08
CA PHE C 111 -55.17 -3.98 -9.88
C PHE C 111 -55.42 -4.24 -8.40
N MET C 112 -56.52 -4.95 -8.12
CA MET C 112 -56.91 -5.31 -6.76
C MET C 112 -57.20 -6.80 -6.73
N GLY C 113 -56.24 -7.58 -6.27
CA GLY C 113 -56.42 -9.02 -6.20
C GLY C 113 -55.18 -9.71 -5.67
N CYS C 114 -55.06 -10.99 -6.01
CA CYS C 114 -53.92 -11.80 -5.58
C CYS C 114 -53.48 -12.69 -6.73
N VAL C 115 -52.16 -12.88 -6.84
CA VAL C 115 -51.56 -13.73 -7.86
C VAL C 115 -50.96 -14.94 -7.15
N LEU C 116 -51.40 -16.13 -7.55
CA LEU C 116 -50.96 -17.38 -6.93
C LEU C 116 -50.33 -18.26 -7.99
N ALA C 117 -49.16 -18.82 -7.68
CA ALA C 117 -48.45 -19.69 -8.60
C ALA C 117 -47.76 -20.80 -7.82
N TRP C 118 -47.66 -21.96 -8.45
CA TRP C 118 -47.01 -23.12 -7.84
C TRP C 118 -46.31 -23.93 -8.93
N ASN C 119 -45.25 -24.62 -8.53
CA ASN C 119 -44.46 -25.38 -9.48
C ASN C 119 -45.21 -26.64 -9.91
N THR C 120 -45.19 -26.92 -11.21
CA THR C 120 -45.83 -28.10 -11.79
C THR C 120 -44.86 -28.83 -12.71
N ARG C 121 -43.65 -29.07 -12.22
CA ARG C 121 -42.65 -29.78 -13.02
C ARG C 121 -43.06 -31.23 -13.27
N ASN C 122 -43.79 -31.83 -12.32
CA ASN C 122 -44.11 -33.25 -12.42
C ASN C 122 -45.30 -33.53 -13.33
N ILE C 123 -46.10 -32.52 -13.68
CA ILE C 123 -47.30 -32.75 -14.47
C ILE C 123 -47.27 -31.96 -15.78
N ASP C 124 -46.53 -30.86 -15.81
CA ASP C 124 -46.51 -29.98 -16.98
C ASP C 124 -45.19 -30.03 -17.75
N ALA C 125 -44.22 -30.83 -17.30
CA ALA C 125 -42.94 -30.96 -17.99
C ALA C 125 -42.65 -32.44 -18.21
N THR C 126 -42.44 -32.82 -19.46
CA THR C 126 -42.11 -34.19 -19.83
C THR C 126 -40.66 -34.28 -20.27
N SER C 127 -40.14 -35.52 -20.24
CA SER C 127 -38.73 -35.73 -20.58
C SER C 127 -38.45 -35.36 -22.03
N THR C 128 -39.35 -35.72 -22.94
CA THR C 128 -39.16 -35.44 -24.36
C THR C 128 -39.44 -33.99 -24.73
N GLY C 129 -39.85 -33.16 -23.78
CA GLY C 129 -40.14 -31.76 -24.06
C GLY C 129 -41.60 -31.49 -24.33
N ASN C 130 -42.24 -30.73 -23.44
CA ASN C 130 -43.66 -30.42 -23.57
C ASN C 130 -43.78 -29.09 -24.30
N TYR C 131 -44.10 -29.16 -25.60
CA TYR C 131 -44.24 -27.97 -26.43
C TYR C 131 -45.69 -27.51 -26.58
N ASN C 132 -46.60 -28.02 -25.75
CA ASN C 132 -47.99 -27.58 -25.82
C ASN C 132 -48.16 -26.16 -25.31
N TYR C 133 -47.53 -25.85 -24.18
CA TYR C 133 -47.62 -24.51 -23.60
C TYR C 133 -46.82 -23.53 -24.45
N LYS C 134 -47.49 -22.49 -24.95
CA LYS C 134 -46.89 -21.51 -25.84
C LYS C 134 -47.02 -20.11 -25.24
N TYR C 135 -46.49 -19.12 -25.97
CA TYR C 135 -46.57 -17.73 -25.58
C TYR C 135 -46.30 -16.88 -26.80
N ARG C 136 -46.82 -15.65 -26.76
CA ARG C 136 -46.65 -14.71 -27.87
C ARG C 136 -45.35 -13.95 -27.69
N LEU C 137 -44.49 -14.00 -28.71
CA LEU C 137 -43.20 -13.34 -28.67
C LEU C 137 -43.17 -12.03 -29.43
N PHE C 138 -43.96 -11.91 -30.50
CA PHE C 138 -43.97 -10.72 -31.34
C PHE C 138 -45.40 -10.21 -31.47
N ARG C 139 -45.58 -8.90 -31.35
CA ARG C 139 -46.90 -8.31 -31.49
C ARG C 139 -46.75 -6.80 -31.69
N LYS C 140 -47.66 -6.23 -32.49
CA LYS C 140 -47.72 -4.79 -32.68
C LYS C 140 -48.27 -4.15 -31.41
N SER C 141 -47.45 -3.33 -30.74
CA SER C 141 -47.82 -2.65 -29.51
C SER C 141 -48.11 -3.61 -28.37
N ASN C 142 -48.28 -3.06 -27.16
CA ASN C 142 -48.56 -3.85 -25.97
C ASN C 142 -50.05 -4.09 -25.79
N LEU C 143 -50.37 -5.08 -24.97
CA LEU C 143 -51.75 -5.41 -24.67
C LEU C 143 -52.30 -4.48 -23.60
N LYS C 144 -53.57 -4.11 -23.73
CA LYS C 144 -54.25 -3.37 -22.68
C LYS C 144 -54.47 -4.28 -21.48
N PRO C 145 -54.71 -3.72 -20.30
CA PRO C 145 -54.98 -4.55 -19.12
C PRO C 145 -56.15 -5.50 -19.34
N PHE C 146 -55.92 -6.77 -19.03
CA PHE C 146 -56.91 -7.84 -19.17
C PHE C 146 -57.25 -8.18 -20.61
N GLU C 147 -56.44 -7.72 -21.57
CA GLU C 147 -56.68 -8.05 -22.97
C GLU C 147 -56.17 -9.46 -23.28
N ARG C 148 -56.73 -10.06 -24.32
CA ARG C 148 -56.42 -11.42 -24.70
C ARG C 148 -56.30 -11.50 -26.22
N ASP C 149 -55.18 -12.04 -26.69
CA ASP C 149 -54.89 -12.12 -28.12
C ASP C 149 -54.54 -13.56 -28.47
N ILE C 150 -55.33 -14.16 -29.37
CA ILE C 150 -55.10 -15.52 -29.84
C ILE C 150 -54.80 -15.57 -31.33
N SER C 151 -54.53 -14.42 -31.95
CA SER C 151 -54.27 -14.38 -33.38
C SER C 151 -52.94 -15.02 -33.72
N THR C 152 -52.93 -15.88 -34.74
CA THR C 152 -51.73 -16.53 -35.22
C THR C 152 -51.27 -15.96 -36.56
N GLU C 153 -51.53 -14.67 -36.79
CA GLU C 153 -51.15 -14.05 -38.04
C GLU C 153 -49.64 -13.84 -38.09
N ILE C 154 -49.05 -14.01 -39.27
CA ILE C 154 -47.62 -13.89 -39.43
C ILE C 154 -47.19 -12.46 -39.10
N TYR C 155 -46.32 -12.32 -38.10
CA TYR C 155 -45.85 -11.01 -37.69
C TYR C 155 -44.88 -10.46 -38.72
N GLN C 156 -45.15 -9.24 -39.20
CA GLN C 156 -44.33 -8.58 -40.20
C GLN C 156 -43.36 -7.65 -39.49
N ALA C 157 -42.10 -8.06 -39.38
CA ALA C 157 -41.08 -7.24 -38.75
C ALA C 157 -40.37 -6.32 -39.74
N GLY C 158 -40.32 -6.70 -41.02
CA GLY C 158 -39.72 -5.88 -42.05
C GLY C 158 -40.75 -5.04 -42.80
N ASN C 159 -40.25 -4.32 -43.81
CA ASN C 159 -41.09 -3.46 -44.61
C ASN C 159 -41.79 -4.19 -45.75
N LYS C 160 -41.16 -5.22 -46.31
CA LYS C 160 -41.78 -5.99 -47.37
C LYS C 160 -42.91 -6.83 -46.80
N PRO C 161 -43.99 -7.04 -47.55
CA PRO C 161 -45.12 -7.80 -47.04
C PRO C 161 -44.79 -9.28 -46.91
N CYS C 162 -45.53 -9.95 -46.04
N CYS C 162 -45.51 -9.94 -46.01
CA CYS C 162 -45.30 -11.37 -45.80
CA CYS C 162 -45.36 -11.37 -45.73
C CYS C 162 -46.18 -12.28 -46.66
C CYS C 162 -46.15 -12.23 -46.70
N ASN C 163 -47.38 -11.83 -47.02
CA ASN C 163 -48.26 -12.58 -47.92
C ASN C 163 -48.62 -13.97 -47.37
N GLY C 164 -48.83 -14.02 -46.04
CA GLY C 164 -49.18 -15.23 -45.34
C GLY C 164 -48.12 -16.30 -45.22
N VAL C 165 -46.96 -16.15 -45.88
CA VAL C 165 -45.89 -17.13 -45.80
C VAL C 165 -44.74 -16.52 -44.99
N ALA C 166 -44.51 -17.05 -43.79
CA ALA C 166 -43.42 -16.58 -42.95
C ALA C 166 -42.08 -16.78 -43.63
N GLY C 167 -41.22 -15.79 -43.53
CA GLY C 167 -39.90 -15.82 -44.15
C GLY C 167 -38.95 -14.82 -43.53
N PHE C 168 -38.11 -14.20 -44.36
CA PHE C 168 -37.22 -13.15 -43.87
C PHE C 168 -38.02 -11.98 -43.32
N ASN C 169 -37.72 -11.60 -42.08
CA ASN C 169 -38.42 -10.54 -41.35
C ASN C 169 -39.90 -10.83 -41.17
N CYS C 170 -40.31 -12.08 -41.36
CA CYS C 170 -41.71 -12.49 -41.22
C CYS C 170 -41.71 -13.75 -40.34
N TYR C 171 -42.02 -13.57 -39.06
CA TYR C 171 -41.90 -14.64 -38.08
C TYR C 171 -43.28 -15.03 -37.56
N PHE C 172 -43.41 -16.29 -37.18
CA PHE C 172 -44.64 -16.76 -36.56
C PHE C 172 -44.74 -16.15 -35.16
N PRO C 173 -45.91 -15.63 -34.76
CA PRO C 173 -45.98 -14.88 -33.51
C PRO C 173 -45.84 -15.73 -32.26
N LEU C 174 -46.13 -17.03 -32.33
CA LEU C 174 -46.13 -17.89 -31.15
C LEU C 174 -44.86 -18.74 -31.12
N ARG C 175 -44.32 -18.91 -29.91
CA ARG C 175 -43.23 -19.82 -29.65
C ARG C 175 -43.59 -20.67 -28.44
N SER C 176 -43.08 -21.90 -28.43
CA SER C 176 -43.39 -22.85 -27.37
C SER C 176 -42.37 -22.76 -26.24
N TYR C 177 -42.87 -22.93 -25.01
CA TYR C 177 -41.97 -22.94 -23.85
C TYR C 177 -41.02 -24.13 -23.92
N GLY C 178 -41.56 -25.32 -24.18
CA GLY C 178 -40.73 -26.51 -24.27
C GLY C 178 -40.23 -26.96 -22.92
N PHE C 179 -41.14 -27.33 -22.04
CA PHE C 179 -40.78 -27.63 -20.66
C PHE C 179 -40.20 -29.03 -20.54
N ARG C 180 -39.15 -29.14 -19.74
CA ARG C 180 -38.46 -30.40 -19.46
C ARG C 180 -38.14 -30.44 -17.97
N PRO C 181 -38.19 -31.63 -17.35
CA PRO C 181 -38.04 -31.70 -15.89
C PRO C 181 -36.64 -31.39 -15.39
N THR C 182 -35.63 -31.42 -16.26
CA THR C 182 -34.25 -31.16 -15.85
C THR C 182 -33.88 -29.68 -15.91
N TYR C 183 -34.81 -28.81 -16.27
CA TYR C 183 -34.52 -27.39 -16.30
C TYR C 183 -34.36 -26.84 -14.89
N GLY C 184 -33.75 -25.66 -14.81
CA GLY C 184 -33.66 -24.95 -13.55
C GLY C 184 -35.03 -24.48 -13.07
N VAL C 185 -35.06 -24.08 -11.80
CA VAL C 185 -36.32 -23.65 -11.20
C VAL C 185 -36.88 -22.43 -11.93
N GLY C 186 -36.03 -21.59 -12.48
CA GLY C 186 -36.47 -20.43 -13.24
C GLY C 186 -37.06 -20.76 -14.60
N HIS C 187 -36.85 -21.98 -15.09
CA HIS C 187 -37.37 -22.40 -16.39
C HIS C 187 -38.35 -23.56 -16.29
N GLN C 188 -38.80 -23.92 -15.08
CA GLN C 188 -39.78 -24.99 -14.91
C GLN C 188 -41.19 -24.42 -15.03
N PRO C 189 -42.16 -25.24 -15.45
CA PRO C 189 -43.53 -24.73 -15.61
C PRO C 189 -44.17 -24.39 -14.27
N TYR C 190 -44.86 -23.26 -14.25
CA TYR C 190 -45.60 -22.80 -13.09
C TYR C 190 -47.01 -22.42 -13.51
N ARG C 191 -48.00 -23.00 -12.83
CA ARG C 191 -49.40 -22.67 -13.08
C ARG C 191 -49.77 -21.47 -12.24
N VAL C 192 -50.34 -20.45 -12.88
CA VAL C 192 -50.68 -19.19 -12.23
C VAL C 192 -52.19 -19.00 -12.27
N VAL C 193 -52.76 -18.56 -11.15
CA VAL C 193 -54.17 -18.23 -11.05
C VAL C 193 -54.28 -16.82 -10.50
N VAL C 194 -54.81 -15.91 -11.30
CA VAL C 194 -54.95 -14.50 -10.93
C VAL C 194 -56.41 -14.25 -10.57
N LEU C 195 -56.67 -13.88 -9.32
CA LEU C 195 -58.01 -13.59 -8.84
C LEU C 195 -58.22 -12.08 -8.88
N SER C 196 -59.14 -11.63 -9.73
CA SER C 196 -59.47 -10.22 -9.88
C SER C 196 -60.73 -9.90 -9.09
N PHE C 197 -60.73 -8.76 -8.41
CA PHE C 197 -61.86 -8.31 -7.60
C PHE C 197 -62.51 -7.11 -8.28
N GLU C 198 -63.81 -7.18 -8.49
CA GLU C 198 -64.57 -6.11 -9.12
C GLU C 198 -65.71 -5.68 -8.19
N LEU C 199 -65.91 -4.37 -8.10
CA LEU C 199 -66.96 -3.81 -7.26
C LEU C 199 -68.02 -3.11 -8.09
N THR C 205 -72.39 -10.09 -4.04
CA THR C 205 -72.74 -11.47 -4.38
C THR C 205 -71.75 -12.45 -3.77
N VAL C 206 -70.46 -12.15 -3.88
CA VAL C 206 -69.39 -12.98 -3.34
C VAL C 206 -68.98 -12.42 -2.00
N CYS C 207 -69.08 -13.24 -0.96
CA CYS C 207 -68.69 -12.86 0.40
C CYS C 207 -67.96 -14.04 1.04
N GLY C 208 -67.45 -13.81 2.25
CA GLY C 208 -66.77 -14.85 3.00
C GLY C 208 -67.62 -15.47 4.09
N THR D 15 67.10 -10.56 34.98
CA THR D 15 65.82 -11.04 34.48
C THR D 15 64.66 -10.53 35.33
N ASN D 16 64.71 -9.25 35.68
CA ASN D 16 63.65 -8.63 36.46
C ASN D 16 62.51 -8.20 35.54
N LEU D 17 61.31 -8.11 36.11
CA LEU D 17 60.13 -7.73 35.34
C LEU D 17 60.14 -6.23 35.08
N CYS D 18 59.66 -5.84 33.88
CA CYS D 18 59.59 -4.43 33.54
C CYS D 18 58.42 -3.77 34.26
N PRO D 19 58.61 -2.56 34.79
CA PRO D 19 57.56 -1.88 35.58
C PRO D 19 56.45 -1.25 34.73
N PHE D 20 55.55 -2.11 34.23
CA PHE D 20 54.40 -1.62 33.49
C PHE D 20 53.35 -0.98 34.39
N GLY D 21 53.33 -1.33 35.68
CA GLY D 21 52.41 -0.71 36.60
C GLY D 21 52.72 0.74 36.91
N GLU D 22 53.97 1.15 36.71
CA GLU D 22 54.36 2.53 37.00
C GLU D 22 53.84 3.51 35.96
N VAL D 23 53.44 3.04 34.79
CA VAL D 23 52.92 3.89 33.73
C VAL D 23 51.42 3.72 33.54
N PHE D 24 50.94 2.48 33.55
CA PHE D 24 49.51 2.23 33.34
C PHE D 24 48.71 2.49 34.63
N ASN D 25 49.14 1.90 35.74
CA ASN D 25 48.51 2.17 37.03
C ASN D 25 49.05 3.41 37.71
N ALA D 26 49.63 4.34 36.96
CA ALA D 26 50.13 5.57 37.55
C ALA D 26 48.97 6.45 38.01
N THR D 27 49.14 7.06 39.19
CA THR D 27 48.07 7.89 39.75
C THR D 27 47.85 9.15 38.91
N LYS D 28 48.91 9.93 38.72
CA LYS D 28 48.83 11.19 37.98
C LYS D 28 49.34 11.00 36.56
N PHE D 29 48.60 11.57 35.60
CA PHE D 29 48.97 11.55 34.20
C PHE D 29 49.16 12.97 33.69
N PRO D 30 50.13 13.21 32.82
CA PRO D 30 50.43 14.57 32.37
C PRO D 30 49.52 14.99 31.22
N SER D 31 49.59 16.28 30.91
CA SER D 31 48.85 16.81 29.77
C SER D 31 49.52 16.39 28.47
N VAL D 32 48.76 16.46 27.37
CA VAL D 32 49.26 15.99 26.09
C VAL D 32 50.39 16.88 25.58
N TYR D 33 50.30 18.19 25.83
CA TYR D 33 51.36 19.09 25.37
C TYR D 33 52.65 18.86 26.16
N ALA D 34 52.54 18.44 27.42
CA ALA D 34 53.70 18.14 28.24
C ALA D 34 53.75 16.64 28.53
N TRP D 35 53.66 15.84 27.48
CA TRP D 35 53.66 14.38 27.64
C TRP D 35 54.97 13.90 28.23
N GLU D 36 54.89 12.84 29.03
CA GLU D 36 56.04 12.29 29.73
C GLU D 36 56.53 11.03 29.03
N ARG D 37 57.83 10.77 29.17
CA ARG D 37 58.48 9.65 28.52
C ARG D 37 59.24 8.83 29.55
N LYS D 38 59.16 7.51 29.44
CA LYS D 38 59.84 6.60 30.35
C LYS D 38 60.62 5.57 29.54
N LYS D 39 61.92 5.45 29.83
CA LYS D 39 62.78 4.50 29.15
C LYS D 39 62.73 3.14 29.83
N ILE D 40 62.70 2.08 29.02
CA ILE D 40 62.68 0.70 29.51
C ILE D 40 63.92 0.00 28.98
N SER D 41 64.75 -0.48 29.89
CA SER D 41 66.06 -1.05 29.56
C SER D 41 66.04 -2.55 29.82
N ASN D 42 67.05 -3.11 30.48
CA ASN D 42 67.19 -4.57 30.63
C ASN D 42 66.15 -5.08 31.61
N CYS D 43 65.11 -5.73 31.09
CA CYS D 43 64.07 -6.35 31.91
C CYS D 43 63.18 -7.19 31.02
N VAL D 44 62.55 -8.19 31.62
CA VAL D 44 61.57 -9.01 30.93
C VAL D 44 60.21 -8.33 31.05
N ALA D 45 59.46 -8.31 29.94
CA ALA D 45 58.24 -7.52 29.89
C ALA D 45 57.00 -8.29 30.32
N ASP D 46 56.86 -9.54 29.90
CA ASP D 46 55.68 -10.35 30.20
C ASP D 46 54.42 -9.66 29.69
N TYR D 47 54.13 -9.80 28.41
CA TYR D 47 53.00 -9.15 27.76
C TYR D 47 51.66 -9.84 28.02
N SER D 48 51.59 -10.81 28.91
CA SER D 48 50.28 -11.39 29.23
C SER D 48 49.38 -10.36 29.88
N VAL D 49 49.95 -9.52 30.76
CA VAL D 49 49.22 -8.36 31.25
C VAL D 49 49.03 -7.37 30.10
N LEU D 50 48.12 -6.41 30.29
CA LEU D 50 47.77 -5.41 29.29
C LEU D 50 47.04 -6.02 28.09
N TYR D 51 47.31 -7.29 27.82
CA TYR D 51 46.76 -7.99 26.65
C TYR D 51 45.53 -8.81 27.00
N ASN D 52 45.47 -9.39 28.19
CA ASN D 52 44.31 -10.16 28.64
C ASN D 52 43.44 -9.31 29.55
N SER D 53 42.95 -8.20 28.99
CA SER D 53 42.15 -7.26 29.75
C SER D 53 41.21 -6.50 28.81
N THR D 54 39.96 -6.36 29.23
CA THR D 54 38.98 -5.56 28.50
C THR D 54 38.93 -4.11 29.00
N PHE D 55 39.97 -3.67 29.71
CA PHE D 55 40.01 -2.34 30.28
C PHE D 55 40.34 -1.26 29.25
N PHE D 56 40.96 -1.63 28.14
CA PHE D 56 41.35 -0.65 27.13
C PHE D 56 40.26 -0.50 26.08
N SER D 57 40.11 0.71 25.57
CA SER D 57 39.15 0.99 24.51
C SER D 57 39.76 0.95 23.12
N THR D 58 41.03 1.35 22.99
CA THR D 58 41.75 1.32 21.73
C THR D 58 43.05 0.57 21.95
N PHE D 59 43.27 -0.49 21.17
CA PHE D 59 44.49 -1.31 21.26
C PHE D 59 44.94 -1.57 19.82
N LYS D 60 45.52 -0.55 19.19
CA LYS D 60 45.95 -0.61 17.80
C LYS D 60 47.46 -0.49 17.74
N CYS D 61 48.11 -1.47 17.14
CA CYS D 61 49.56 -1.48 16.98
C CYS D 61 49.91 -1.12 15.54
N TYR D 62 51.06 -0.47 15.39
CA TYR D 62 51.55 -0.04 14.09
C TYR D 62 52.99 -0.52 13.94
N GLY D 63 53.31 -1.07 12.77
CA GLY D 63 54.61 -1.62 12.52
C GLY D 63 54.86 -2.99 13.11
N VAL D 64 54.06 -3.41 14.10
CA VAL D 64 54.19 -4.72 14.71
C VAL D 64 52.79 -5.29 14.95
N SER D 65 52.71 -6.61 15.02
CA SER D 65 51.47 -7.33 15.21
C SER D 65 51.30 -7.74 16.66
N ALA D 66 50.04 -7.97 17.04
CA ALA D 66 49.76 -8.40 18.40
C ALA D 66 50.19 -9.85 18.58
N THR D 67 50.14 -10.31 19.84
CA THR D 67 50.57 -11.65 20.23
C THR D 67 52.06 -11.87 19.99
N LYS D 68 52.57 -11.50 18.80
CA LYS D 68 54.00 -11.63 18.55
C LYS D 68 54.86 -10.73 19.42
N LEU D 69 54.26 -9.74 20.09
CA LEU D 69 55.05 -8.88 20.96
C LEU D 69 55.63 -9.66 22.14
N ASN D 70 55.01 -10.78 22.51
CA ASN D 70 55.53 -11.61 23.60
C ASN D 70 56.83 -12.28 23.18
N ASP D 71 56.86 -12.84 21.97
CA ASP D 71 58.07 -13.48 21.45
C ASP D 71 58.81 -12.52 20.51
N LEU D 72 59.34 -11.46 21.13
CA LEU D 72 60.10 -10.46 20.41
C LEU D 72 61.13 -9.85 21.34
N CYS D 73 62.17 -9.26 20.75
CA CYS D 73 63.23 -8.61 21.49
C CYS D 73 63.44 -7.22 20.90
N PHE D 74 63.75 -6.26 21.76
CA PHE D 74 63.96 -4.88 21.33
C PHE D 74 65.20 -4.33 22.01
N SER D 75 65.79 -3.31 21.38
CA SER D 75 66.93 -2.63 21.99
C SER D 75 66.52 -1.93 23.28
N ASN D 76 65.44 -1.14 23.21
CA ASN D 76 64.87 -0.48 24.37
C ASN D 76 63.48 0.00 24.00
N VAL D 77 62.62 0.12 25.01
CA VAL D 77 61.23 0.52 24.85
C VAL D 77 61.01 1.86 25.52
N TYR D 78 60.30 2.75 24.83
CA TYR D 78 59.96 4.07 25.36
C TYR D 78 58.44 4.16 25.49
N ALA D 79 57.98 4.56 26.67
CA ALA D 79 56.56 4.65 26.98
C ALA D 79 56.19 6.12 27.15
N ASP D 80 55.34 6.62 26.24
CA ASP D 80 54.81 7.97 26.32
C ASP D 80 53.40 7.92 26.88
N SER D 81 53.11 8.80 27.84
CA SER D 81 51.81 8.83 28.49
C SER D 81 51.28 10.25 28.55
N PHE D 82 49.97 10.40 28.35
CA PHE D 82 49.30 11.69 28.36
C PHE D 82 47.80 11.45 28.40
N VAL D 83 47.02 12.53 28.38
CA VAL D 83 45.57 12.48 28.46
C VAL D 83 44.99 13.39 27.38
N VAL D 84 44.04 12.84 26.60
CA VAL D 84 43.33 13.58 25.57
C VAL D 84 41.85 13.25 25.68
N LYS D 85 41.03 13.98 24.90
CA LYS D 85 39.62 13.68 24.85
C LYS D 85 39.37 12.42 24.03
N GLY D 86 38.11 11.95 24.07
CA GLY D 86 37.77 10.73 23.35
C GLY D 86 37.98 10.86 21.85
N ASP D 87 37.51 11.96 21.27
CA ASP D 87 37.63 12.15 19.83
C ASP D 87 39.07 12.41 19.38
N ASP D 88 39.95 12.80 20.30
CA ASP D 88 41.34 13.07 19.96
C ASP D 88 42.23 11.83 20.00
N VAL D 89 41.71 10.69 20.49
CA VAL D 89 42.51 9.47 20.52
C VAL D 89 42.82 8.99 19.10
N ARG D 90 41.93 9.27 18.15
CA ARG D 90 42.16 8.85 16.76
C ARG D 90 43.36 9.55 16.13
N GLN D 91 43.81 10.68 16.70
CA GLN D 91 44.94 11.40 16.14
C GLN D 91 46.29 10.83 16.58
N ILE D 92 46.31 10.00 17.63
CA ILE D 92 47.54 9.37 18.07
C ILE D 92 47.83 8.16 17.18
N ALA D 93 48.13 8.43 15.91
CA ALA D 93 48.36 7.40 14.92
C ALA D 93 49.22 7.99 13.82
N PRO D 94 49.99 7.15 13.11
CA PRO D 94 50.84 7.69 12.03
C PRO D 94 49.99 8.24 10.89
N GLY D 95 50.32 9.47 10.47
CA GLY D 95 49.65 10.08 9.34
C GLY D 95 48.40 10.85 9.67
N GLN D 96 48.34 11.51 10.83
CA GLN D 96 47.20 12.32 11.22
C GLN D 96 47.57 13.78 11.17
N THR D 97 46.54 14.64 11.03
CA THR D 97 46.75 16.06 10.84
C THR D 97 45.85 16.91 11.74
N GLY D 98 45.39 16.36 12.86
CA GLY D 98 44.56 17.11 13.78
C GLY D 98 45.36 18.09 14.62
N VAL D 99 44.67 18.72 15.57
CA VAL D 99 45.33 19.68 16.45
C VAL D 99 46.29 18.99 17.41
N ILE D 100 45.91 17.83 17.93
CA ILE D 100 46.78 17.11 18.85
C ILE D 100 48.01 16.58 18.11
N ALA D 101 47.81 16.05 16.89
CA ALA D 101 48.93 15.49 16.15
C ALA D 101 49.91 16.56 15.67
N ASP D 102 49.40 17.75 15.34
CA ASP D 102 50.26 18.79 14.79
C ASP D 102 50.95 19.62 15.86
N TYR D 103 50.28 19.91 16.97
CA TYR D 103 50.80 20.84 17.97
C TYR D 103 51.11 20.21 19.31
N ASN D 104 50.82 18.93 19.51
CA ASN D 104 51.00 18.33 20.84
C ASN D 104 51.86 17.07 20.79
N TYR D 105 51.42 16.05 20.05
CA TYR D 105 52.13 14.79 20.01
C TYR D 105 51.96 14.17 18.62
N LYS D 106 53.06 14.02 17.90
CA LYS D 106 53.04 13.48 16.55
C LYS D 106 53.82 12.18 16.49
N LEU D 107 53.26 11.19 15.80
CA LEU D 107 53.90 9.91 15.55
C LEU D 107 54.46 9.86 14.14
N PRO D 108 55.62 9.24 13.94
CA PRO D 108 56.20 9.17 12.60
C PRO D 108 55.38 8.26 11.69
N ASP D 109 55.56 8.45 10.38
CA ASP D 109 54.88 7.61 9.42
C ASP D 109 55.34 6.16 9.52
N ASP D 110 56.63 5.95 9.80
CA ASP D 110 57.19 4.63 10.02
C ASP D 110 57.20 4.23 11.48
N PHE D 111 56.13 4.58 12.21
CA PHE D 111 56.06 4.28 13.64
C PHE D 111 55.95 2.78 13.85
N MET D 112 56.65 2.28 14.88
CA MET D 112 56.65 0.86 15.23
C MET D 112 56.34 0.75 16.71
N GLY D 113 55.09 0.47 17.04
CA GLY D 113 54.69 0.32 18.43
C GLY D 113 53.22 0.06 18.55
N CYS D 114 52.67 0.36 19.72
CA CYS D 114 51.26 0.17 20.00
C CYS D 114 50.72 1.35 20.80
N VAL D 115 49.49 1.74 20.50
CA VAL D 115 48.82 2.85 21.19
C VAL D 115 47.68 2.27 22.01
N LEU D 116 47.70 2.53 23.31
CA LEU D 116 46.70 2.03 24.25
C LEU D 116 46.04 3.20 24.94
N ALA D 117 44.70 3.19 25.00
CA ALA D 117 43.94 4.24 25.65
C ALA D 117 42.71 3.63 26.33
N TRP D 118 42.30 4.24 27.43
CA TRP D 118 41.15 3.77 28.18
C TRP D 118 40.44 4.97 28.80
N ASN D 119 39.12 4.81 28.99
CA ASN D 119 38.32 5.90 29.52
C ASN D 119 38.60 6.11 31.01
N THR D 120 38.75 7.37 31.40
CA THR D 120 39.00 7.77 32.78
C THR D 120 38.06 8.89 33.20
N ARG D 121 36.76 8.71 32.92
CA ARG D 121 35.78 9.71 33.31
C ARG D 121 35.65 9.83 34.82
N ASN D 122 35.84 8.72 35.54
CA ASN D 122 35.60 8.71 36.99
C ASN D 122 36.77 9.26 37.80
N ILE D 123 37.95 9.41 37.20
CA ILE D 123 39.13 9.82 37.96
C ILE D 123 39.71 11.11 37.40
N ASP D 124 39.48 11.39 36.13
CA ASP D 124 40.06 12.56 35.48
C ASP D 124 39.05 13.65 35.16
N ALA D 125 37.78 13.47 35.52
CA ALA D 125 36.75 14.46 35.27
C ALA D 125 36.02 14.75 36.58
N THR D 126 36.01 16.01 37.00
CA THR D 126 35.34 16.43 38.22
C THR D 126 34.08 17.22 37.89
N SER D 127 33.19 17.30 38.88
CA SER D 127 31.92 17.99 38.69
C SER D 127 32.12 19.47 38.41
N THR D 128 33.02 20.11 39.15
CA THR D 128 33.29 21.54 38.98
C THR D 128 34.13 21.85 37.76
N GLY D 129 34.57 20.83 37.02
CA GLY D 129 35.38 21.06 35.84
C GLY D 129 36.87 20.93 36.10
N ASN D 130 37.49 19.91 35.52
CA ASN D 130 38.92 19.67 35.71
C ASN D 130 39.68 20.36 34.59
N TYR D 131 40.25 21.53 34.89
CA TYR D 131 41.00 22.32 33.92
C TYR D 131 42.50 22.09 34.02
N ASN D 132 42.94 21.05 34.73
CA ASN D 132 44.37 20.78 34.84
C ASN D 132 44.95 20.28 33.52
N TYR D 133 44.25 19.34 32.87
CA TYR D 133 44.72 18.82 31.60
C TYR D 133 44.56 19.87 30.52
N LYS D 134 45.66 20.23 29.86
CA LYS D 134 45.68 21.27 28.85
C LYS D 134 46.24 20.71 27.54
N TYR D 135 46.29 21.58 26.54
CA TYR D 135 46.82 21.23 25.23
C TYR D 135 47.17 22.52 24.49
N ARG D 136 48.09 22.39 23.54
CA ARG D 136 48.52 23.53 22.74
C ARG D 136 47.59 23.69 21.54
N LEU D 137 47.01 24.88 21.40
CA LEU D 137 46.09 25.17 20.31
C LEU D 137 46.71 25.95 19.16
N PHE D 138 47.71 26.78 19.45
CA PHE D 138 48.34 27.61 18.44
C PHE D 138 49.85 27.38 18.44
N ARG D 139 50.42 27.31 17.24
CA ARG D 139 51.85 27.10 17.05
C ARG D 139 52.19 27.50 15.62
N LYS D 140 53.43 27.96 15.44
CA LYS D 140 53.87 28.37 14.10
C LYS D 140 53.95 27.20 13.15
N SER D 141 54.79 26.22 13.47
CA SER D 141 54.97 25.03 12.65
C SER D 141 54.43 23.80 13.38
N ASN D 142 54.37 22.69 12.66
CA ASN D 142 53.92 21.45 13.24
C ASN D 142 55.08 20.74 13.93
N LEU D 143 54.75 19.82 14.82
CA LEU D 143 55.77 19.10 15.56
C LEU D 143 56.34 17.95 14.75
N LYS D 144 57.65 17.75 14.87
CA LYS D 144 58.30 16.58 14.30
C LYS D 144 57.88 15.35 15.11
N PRO D 145 58.05 14.15 14.55
CA PRO D 145 57.72 12.94 15.30
C PRO D 145 58.49 12.88 16.62
N PHE D 146 57.75 12.66 17.71
CA PHE D 146 58.25 12.57 19.07
C PHE D 146 58.79 13.90 19.61
N GLU D 147 58.47 15.03 18.96
CA GLU D 147 58.89 16.31 19.47
C GLU D 147 57.98 16.76 20.61
N ARG D 148 58.51 17.62 21.48
CA ARG D 148 57.79 18.05 22.67
C ARG D 148 58.05 19.54 22.87
N ASP D 149 56.96 20.31 23.01
CA ASP D 149 57.03 21.76 23.12
C ASP D 149 56.24 22.20 24.36
N ILE D 150 56.91 22.87 25.28
CA ILE D 150 56.29 23.38 26.50
C ILE D 150 56.33 24.90 26.57
N SER D 151 56.65 25.57 25.47
CA SER D 151 56.77 27.02 25.48
C SER D 151 55.39 27.66 25.64
N THR D 152 55.30 28.65 26.52
CA THR D 152 54.08 29.41 26.75
C THR D 152 54.15 30.81 26.14
N GLU D 153 54.89 30.96 25.05
CA GLU D 153 55.04 32.25 24.41
C GLU D 153 53.74 32.64 23.71
N ILE D 154 53.41 33.93 23.77
CA ILE D 154 52.17 34.42 23.17
C ILE D 154 52.24 34.21 21.66
N TYR D 155 51.28 33.46 21.12
CA TYR D 155 51.26 33.19 19.69
C TYR D 155 50.83 34.45 18.94
N GLN D 156 51.63 34.84 17.95
CA GLN D 156 51.40 36.06 17.17
C GLN D 156 50.64 35.68 15.90
N ALA D 157 49.34 35.96 15.89
CA ALA D 157 48.52 35.70 14.72
C ALA D 157 48.46 36.89 13.77
N GLY D 158 48.67 38.10 14.29
CA GLY D 158 48.68 39.30 13.47
C GLY D 158 50.09 39.71 13.09
N ASN D 159 50.16 40.87 12.42
CA ASN D 159 51.46 41.37 11.97
C ASN D 159 52.20 42.15 13.05
N LYS D 160 51.47 42.83 13.93
CA LYS D 160 52.13 43.56 15.02
C LYS D 160 52.69 42.56 16.03
N PRO D 161 53.83 42.89 16.64
CA PRO D 161 54.40 41.98 17.64
C PRO D 161 53.58 42.00 18.92
N CYS D 162 53.72 40.91 19.68
CA CYS D 162 53.04 40.76 20.96
C CYS D 162 54.06 41.02 22.07
N ASN D 163 53.85 42.07 22.84
CA ASN D 163 54.79 42.47 23.89
C ASN D 163 54.77 41.51 25.07
N GLY D 164 54.65 40.21 24.81
CA GLY D 164 54.50 39.27 25.90
C GLY D 164 53.17 39.38 26.62
N VAL D 165 52.33 40.33 26.21
CA VAL D 165 51.03 40.57 26.80
C VAL D 165 50.00 40.07 25.80
N ALA D 166 49.29 39.01 26.15
CA ALA D 166 48.28 38.45 25.26
C ALA D 166 47.19 39.48 25.00
N GLY D 167 46.79 39.58 23.74
CA GLY D 167 45.75 40.52 23.35
C GLY D 167 45.13 40.20 22.01
N PHE D 168 44.77 41.27 21.28
CA PHE D 168 44.21 41.12 19.95
C PHE D 168 45.24 40.53 19.00
N ASN D 169 44.86 39.47 18.29
CA ASN D 169 45.73 38.73 17.39
C ASN D 169 46.95 38.14 18.10
N CYS D 170 46.94 38.13 19.43
CA CYS D 170 48.03 37.59 20.24
C CYS D 170 47.38 36.70 21.29
N TYR D 171 47.39 35.39 21.06
CA TYR D 171 46.67 34.46 21.90
C TYR D 171 47.63 33.56 22.67
N PHE D 172 47.20 33.15 23.85
CA PHE D 172 47.99 32.22 24.65
C PHE D 172 47.93 30.84 24.00
N PRO D 173 49.07 30.15 23.87
CA PRO D 173 49.08 28.90 23.08
C PRO D 173 48.36 27.74 23.75
N LEU D 174 48.20 27.74 25.06
CA LEU D 174 47.62 26.62 25.78
C LEU D 174 46.17 26.89 26.15
N ARG D 175 45.33 25.85 26.01
CA ARG D 175 43.95 25.89 26.46
C ARG D 175 43.65 24.63 27.26
N SER D 176 42.72 24.75 28.20
CA SER D 176 42.38 23.65 29.10
C SER D 176 41.24 22.84 28.51
N TYR D 177 41.30 21.52 28.71
CA TYR D 177 40.22 20.64 28.26
C TYR D 177 38.93 20.92 29.05
N GLY D 178 39.03 20.97 30.37
CA GLY D 178 37.87 21.24 31.20
C GLY D 178 36.92 20.06 31.26
N PHE D 179 37.40 18.93 31.80
CA PHE D 179 36.64 17.69 31.77
C PHE D 179 35.58 17.67 32.87
N ARG D 180 34.40 17.18 32.53
CA ARG D 180 33.28 17.02 33.46
C ARG D 180 32.63 15.68 33.17
N PRO D 181 32.11 15.00 34.21
CA PRO D 181 31.61 13.63 34.01
C PRO D 181 30.34 13.55 33.19
N THR D 182 29.61 14.64 33.00
CA THR D 182 28.37 14.61 32.23
C THR D 182 28.58 14.83 30.74
N TYR D 183 29.83 14.97 30.29
CA TYR D 183 30.09 15.13 28.87
C TYR D 183 29.81 13.83 28.11
N GLY D 184 29.68 13.97 26.80
CA GLY D 184 29.57 12.80 25.95
C GLY D 184 30.87 12.01 25.93
N VAL D 185 30.77 10.78 25.41
CA VAL D 185 31.94 9.89 25.38
C VAL D 185 33.05 10.49 24.53
N GLY D 186 32.71 11.28 23.51
CA GLY D 186 33.71 11.91 22.69
C GLY D 186 34.47 13.05 23.35
N HIS D 187 33.97 13.55 24.49
CA HIS D 187 34.63 14.63 25.21
C HIS D 187 35.07 14.23 26.61
N GLN D 188 35.04 12.93 26.93
CA GLN D 188 35.47 12.46 28.24
C GLN D 188 36.98 12.22 28.23
N PRO D 189 37.63 12.34 29.39
CA PRO D 189 39.09 12.16 29.42
C PRO D 189 39.48 10.72 29.17
N TYR D 190 40.54 10.55 28.37
CA TYR D 190 41.10 9.24 28.06
C TYR D 190 42.61 9.30 28.28
N ARG D 191 43.12 8.37 29.09
CA ARG D 191 44.55 8.26 29.31
C ARG D 191 45.17 7.39 28.23
N VAL D 192 46.22 7.90 27.59
CA VAL D 192 46.86 7.23 26.47
C VAL D 192 48.29 6.87 26.86
N VAL D 193 48.70 5.67 26.51
CA VAL D 193 50.07 5.19 26.71
C VAL D 193 50.59 4.68 25.39
N VAL D 194 51.60 5.33 24.84
CA VAL D 194 52.20 4.96 23.56
C VAL D 194 53.50 4.22 23.85
N LEU D 195 53.56 2.95 23.46
CA LEU D 195 54.73 2.12 23.64
C LEU D 195 55.50 2.08 22.33
N SER D 196 56.72 2.63 22.35
CA SER D 196 57.58 2.65 21.17
C SER D 196 58.60 1.53 21.27
N PHE D 197 58.83 0.85 20.15
CA PHE D 197 59.79 -0.25 20.06
C PHE D 197 60.97 0.17 19.22
N GLU D 198 62.17 0.00 19.76
CA GLU D 198 63.40 0.36 19.06
C GLU D 198 64.33 -0.84 18.93
N THR D 205 67.81 -6.53 25.33
CA THR D 205 67.56 -5.98 26.66
C THR D 205 66.13 -6.28 27.10
N VAL D 206 65.18 -6.04 26.21
CA VAL D 206 63.76 -6.27 26.47
C VAL D 206 63.40 -7.63 25.88
N CYS D 207 62.88 -8.52 26.72
CA CYS D 207 62.47 -9.85 26.30
C CYS D 207 61.15 -10.20 26.97
N GLY D 208 60.61 -11.36 26.60
CA GLY D 208 59.36 -11.84 27.17
C GLY D 208 59.57 -12.92 28.21
C1 NAG E . 17.94 20.58 43.95
C2 NAG E . 19.06 19.54 44.09
C3 NAG E . 19.68 19.59 45.48
C4 NAG E . 20.13 21.01 45.81
C5 NAG E . 18.94 21.96 45.67
C6 NAG E . 19.29 23.41 45.93
C7 NAG E . 18.50 17.68 42.58
C8 NAG E . 17.96 16.29 42.48
N2 NAG E . 18.56 18.21 43.81
O3 NAG E . 20.79 18.70 45.54
O4 NAG E . 20.66 21.07 47.13
O5 NAG E . 18.43 21.88 44.34
O6 NAG E . 20.12 23.92 44.89
O7 NAG E . 18.88 18.31 41.59
C1 NAG E . 22.03 21.57 47.06
C2 NAG E . 22.49 21.93 48.47
C3 NAG E . 23.92 22.46 48.43
C4 NAG E . 24.84 21.45 47.73
C5 NAG E . 24.28 21.09 46.35
C6 NAG E . 25.07 20.00 45.66
C7 NAG E . 20.62 22.59 49.92
C8 NAG E . 19.80 23.73 50.44
N2 NAG E . 21.60 22.92 49.07
O3 NAG E . 24.38 22.68 49.76
O4 NAG E . 26.14 22.00 47.58
O5 NAG E . 22.93 20.60 46.49
O6 NAG E . 26.33 20.49 45.21
O7 NAG E . 20.41 21.43 50.26
C1 NAG F . -29.43 -1.58 -27.08
C2 NAG F . -29.49 -0.37 -26.15
C3 NAG F . -29.87 -0.82 -24.74
C4 NAG F . -31.15 -1.65 -24.75
C5 NAG F . -31.01 -2.80 -25.76
C6 NAG F . -32.29 -3.58 -25.94
C7 NAG F . -28.02 1.51 -26.72
C8 NAG F . -26.64 2.09 -26.61
N2 NAG F . -28.21 0.33 -26.14
O3 NAG F . -30.04 0.33 -23.91
O4 NAG F . -31.38 -2.18 -23.45
O5 NAG F . -30.68 -2.27 -27.05
O6 NAG F . -32.55 -3.84 -27.31
O7 NAG F . -28.92 2.10 -27.33
C1 NAG F . -32.70 -1.83 -22.98
C2 NAG F . -33.20 -2.98 -22.10
C3 NAG F . -34.59 -2.67 -21.57
C4 NAG F . -34.60 -1.32 -20.87
C5 NAG F . -34.02 -0.24 -21.77
C6 NAG F . -33.87 1.10 -21.07
C7 NAG F . -32.30 -5.20 -22.63
C8 NAG F . -32.44 -6.43 -23.47
N2 NAG F . -33.20 -4.23 -22.83
O3 NAG F . -35.00 -3.70 -20.67
O4 NAG F . -35.94 -0.96 -20.52
O5 NAG F . -32.71 -0.62 -22.23
O6 NAG F . -33.36 0.94 -19.76
O7 NAG F . -31.41 -5.09 -21.79
C1 BMA F . -36.11 -1.11 -19.09
C2 BMA F . -37.08 0.00 -18.62
C3 BMA F . -37.45 -0.21 -17.14
C4 BMA F . -37.88 -1.66 -16.87
C5 BMA F . -36.80 -2.63 -17.37
C6 BMA F . -37.18 -4.09 -17.17
O2 BMA F . -38.30 -0.05 -19.35
O3 BMA F . -38.47 0.69 -16.72
O4 BMA F . -38.08 -1.85 -15.47
O5 BMA F . -36.62 -2.41 -18.77
O6 BMA F . -37.62 -4.26 -15.82
C1 NAG G . -14.94 -16.87 8.32
C2 NAG G . -16.37 -17.10 8.71
C3 NAG G . -16.44 -18.10 9.85
C4 NAG G . -15.55 -19.32 9.61
C5 NAG G . -14.22 -19.00 8.89
C6 NAG G . -13.58 -20.21 8.27
C7 NAG G . -18.18 -15.43 8.58
C8 NAG G . -18.81 -16.33 7.57
N2 NAG G . -17.02 -15.85 9.09
O3 NAG G . -17.79 -18.53 10.02
O4 NAG G . -15.18 -19.79 10.89
O5 NAG G . -14.41 -18.05 7.84
O6 NAG G . -14.10 -20.48 6.98
O7 NAG G . -18.69 -14.37 8.93
C1 NAG G . -15.52 -21.15 11.15
C2 NAG G . -14.50 -21.58 12.18
C3 NAG G . -14.76 -23.00 12.62
C4 NAG G . -16.18 -23.10 13.18
C5 NAG G . -17.17 -22.64 12.12
C6 NAG G . -18.59 -22.59 12.61
C7 NAG G . -12.35 -20.41 12.02
C8 NAG G . -10.98 -20.40 11.42
N2 NAG G . -13.14 -21.43 11.68
O3 NAG G . -13.81 -23.37 13.61
O4 NAG G . -16.48 -24.42 13.60
O5 NAG G . -16.84 -21.30 11.68
O6 NAG G . -19.12 -21.27 12.58
O7 NAG G . -12.73 -19.52 12.78
C1 BMA G . -16.35 -24.44 15.04
C2 BMA G . -16.99 -25.74 15.58
C3 BMA G . -16.67 -25.91 17.07
C4 BMA G . -15.17 -25.69 17.36
C5 BMA G . -14.75 -24.32 16.83
C6 BMA G . -13.27 -24.02 17.06
O2 BMA G . -16.44 -26.88 14.92
O3 BMA G . -17.07 -27.18 17.56
O4 BMA G . -14.94 -25.74 18.77
O5 BMA G . -14.98 -24.33 15.41
O6 BMA G . -12.51 -24.90 16.26
C1 NAG H . 36.98 28.09 4.59
C2 NAG H . 37.29 27.17 3.41
C3 NAG H . 37.20 25.71 3.86
C4 NAG H . 38.05 25.45 5.10
C5 NAG H . 37.73 26.47 6.19
C6 NAG H . 38.65 26.38 7.38
C7 NAG H . 36.62 28.33 1.36
C8 NAG H . 35.59 28.45 0.29
N2 NAG H . 36.38 27.42 2.30
O3 NAG H . 37.61 24.86 2.80
O4 NAG H . 37.79 24.15 5.58
O5 NAG H . 37.86 27.81 5.67
O6 NAG H . 38.22 25.38 8.29
O7 NAG H . 37.63 29.02 1.36
C1 NAG H . 39.01 23.37 5.68
C2 NAG H . 38.77 22.24 6.69
C3 NAG H . 40.02 21.37 6.80
C4 NAG H . 40.46 20.88 5.42
C5 NAG H . 40.62 22.06 4.47
C6 NAG H . 40.92 21.63 3.05
C7 NAG H . 37.54 22.14 8.80
C8 NAG H . 37.26 22.83 10.11
N2 NAG H . 38.39 22.77 7.99
O3 NAG H . 39.74 20.26 7.64
O4 NAG H . 41.69 20.19 5.53
O5 NAG H . 39.39 22.82 4.41
O6 NAG H . 40.47 22.60 2.11
O7 NAG H . 37.01 21.08 8.51
C1 NAG I . 10.60 -2.88 10.43
C2 NAG I . 9.09 -3.01 10.59
C3 NAG I . 8.75 -3.88 11.80
C4 NAG I . 9.50 -5.20 11.76
C5 NAG I . 10.99 -4.95 11.56
C6 NAG I . 11.80 -6.22 11.38
C7 NAG I . 7.27 -1.40 10.19
C8 NAG I . 6.78 0.00 10.42
N2 NAG I . 8.46 -1.70 10.72
O3 NAG I . 7.35 -4.10 11.85
O4 NAG I . 9.28 -5.91 12.98
O5 NAG I . 11.19 -4.17 10.37
O6 NAG I . 11.61 -6.77 10.08
O7 NAG I . 6.61 -2.22 9.56
C1 NAG I . 8.82 -7.25 12.69
C2 NAG I . 9.03 -8.09 13.96
C3 NAG I . 8.56 -9.52 13.72
C4 NAG I . 7.13 -9.54 13.19
C5 NAG I . 6.98 -8.61 11.98
C6 NAG I . 5.56 -8.47 11.50
C7 NAG I . 10.90 -7.22 15.30
C8 NAG I . 12.36 -7.35 15.60
N2 NAG I . 10.41 -8.08 14.38
O3 NAG I . 8.63 -10.25 14.94
O4 NAG I . 6.81 -10.86 12.77
O5 NAG I . 7.44 -7.29 12.32
O6 NAG I . 4.82 -7.59 12.34
O7 NAG I . 10.18 -6.39 15.85
C1 BMA I . 5.81 -11.45 13.62
C2 BMA I . 4.75 -12.10 12.70
C3 BMA I . 3.79 -13.00 13.49
C4 BMA I . 4.54 -13.90 14.49
C5 BMA I . 5.46 -13.05 15.38
C6 BMA I . 6.24 -13.89 16.38
O2 BMA I . 5.39 -12.93 11.73
O3 BMA I . 3.01 -13.82 12.61
O4 BMA I . 3.60 -14.59 15.32
O5 BMA I . 6.40 -12.38 14.52
O6 BMA I . 6.98 -13.00 17.22
C1 MAN I . 1.76 -13.17 12.32
C2 MAN I . 0.73 -14.28 11.96
C3 MAN I . 1.03 -14.85 10.57
C4 MAN I . 1.19 -13.72 9.54
C5 MAN I . 2.28 -12.75 10.00
C6 MAN I . 2.48 -11.58 9.06
O2 MAN I . -0.59 -13.76 11.89
O3 MAN I . 0.04 -15.77 10.15
O4 MAN I . 1.54 -14.27 8.28
O5 MAN I . 1.90 -12.22 11.28
O6 MAN I . 2.75 -12.10 7.75
C1 NAG J . 21.08 0.59 20.01
C2 NAG J . 22.01 -0.35 19.24
C3 NAG J . 21.45 -1.77 19.23
C4 NAG J . 21.15 -2.24 20.66
C5 NAG J . 20.23 -1.23 21.34
C6 NAG J . 19.97 -1.57 22.79
C7 NAG J . 23.20 0.97 17.55
C8 NAG J . 23.28 1.36 16.10
N2 NAG J . 22.23 0.12 17.88
O3 NAG J . 22.39 -2.64 18.62
O4 NAG J . 20.53 -3.52 20.62
O5 NAG J . 20.84 0.06 21.32
O6 NAG J . 20.33 -0.49 23.65
O7 NAG J . 23.99 1.42 18.38
C1 NAG J . 21.41 -4.49 21.22
C2 NAG J . 20.57 -5.54 21.94
C3 NAG J . 21.46 -6.61 22.55
C4 NAG J . 22.39 -7.20 21.48
C5 NAG J . 23.16 -6.09 20.79
C6 NAG J . 24.01 -6.58 19.65
C7 NAG J . 18.43 -5.18 23.10
C8 NAG J . 17.73 -4.46 24.20
N2 NAG J . 19.73 -4.93 22.96
O3 NAG J . 20.65 -7.64 23.11
O4 NAG J . 23.31 -8.10 22.09
O5 NAG J . 22.24 -5.12 20.24
O6 NAG J . 24.17 -7.99 19.68
O7 NAG J . 17.84 -5.96 22.34
ZN ZN K . -11.43 -25.17 -15.88
CL CL L . 8.43 -30.61 -28.74
C1 NAG M . -19.80 -14.98 -46.42
C2 NAG M . -19.49 -13.48 -46.44
C3 NAG M . -20.42 -12.77 -47.42
C4 NAG M . -20.36 -13.42 -48.79
C5 NAG M . -20.64 -14.91 -48.68
C6 NAG M . -20.47 -15.65 -49.99
C7 NAG M . -18.65 -12.14 -44.56
C8 NAG M . -18.93 -11.63 -43.18
N2 NAG M . -19.61 -12.91 -45.11
O3 NAG M . -20.05 -11.40 -47.51
O4 NAG M . -21.32 -12.82 -49.66
O5 NAG M . -19.71 -15.51 -47.75
O6 NAG M . -21.38 -15.17 -50.97
O7 NAG M . -17.61 -11.88 -45.14
C1 NAG N . 14.34 -18.88 7.79
C2 NAG N . 15.58 -18.95 6.89
C3 NAG N . 16.79 -19.43 7.69
C4 NAG N . 16.97 -18.58 8.94
C5 NAG N . 15.68 -18.53 9.75
C6 NAG N . 15.77 -17.59 10.94
C7 NAG N . 15.13 -19.33 4.51
C8 NAG N . 14.91 -20.36 3.44
N2 NAG N . 15.34 -19.80 5.75
O3 NAG N . 17.94 -19.38 6.87
O4 NAG N . 18.01 -19.13 9.75
O5 NAG N . 14.61 -18.05 8.93
O6 NAG N . 14.66 -16.72 10.99
O7 NAG N . 15.14 -18.14 4.26
C1 NAG O . -27.46 -45.59 -20.45
C2 NAG O . -28.70 -45.03 -19.76
C3 NAG O . -29.81 -46.08 -19.75
C4 NAG O . -30.08 -46.59 -21.16
C5 NAG O . -28.78 -47.07 -21.81
C6 NAG O . -28.95 -47.45 -23.26
C7 NAG O . -28.24 -43.31 -18.08
C8 NAG O . -27.93 -43.02 -16.64
N2 NAG O . -28.40 -44.59 -18.41
O3 NAG O . -30.99 -45.52 -19.20
O4 NAG O . -31.02 -47.65 -21.13
O5 NAG O . -27.79 -46.02 -21.78
O6 NAG O . -27.93 -46.89 -24.07
O7 NAG O . -28.33 -42.41 -18.91
C1 NAG P . -27.67 -22.26 0.91
C2 NAG P . -28.45 -21.14 1.61
C3 NAG P . -28.39 -21.33 3.13
C4 NAG P . -28.84 -22.73 3.51
C5 NAG P . -28.04 -23.78 2.74
C6 NAG P . -28.53 -25.19 2.98
C7 NAG P . -28.50 -19.08 0.29
C8 NAG P . -27.85 -17.76 0.03
N2 NAG P . -27.95 -19.83 1.24
O3 NAG P . -29.21 -20.36 3.77
O4 NAG P . -28.67 -22.94 4.91
O5 NAG P . -28.16 -23.53 1.33
O6 NAG P . -27.89 -26.11 2.11
O7 NAG P . -29.49 -19.46 -0.34
NA NA Q . 9.44 -37.54 -10.96
ZN ZN R . 10.04 21.37 19.10
CL CL S . -6.52 35.87 22.31
C1 EDO T . -13.40 19.00 25.30
O1 EDO T . -12.74 17.78 24.92
C2 EDO T . -13.13 20.07 24.26
O2 EDO T . -13.81 21.28 24.62
C1 EDO U . 23.21 6.82 8.40
O1 EDO U . 22.08 6.98 7.54
C2 EDO U . 23.24 7.96 9.42
O2 EDO U . 24.33 7.75 10.33
C1 NAG V . -15.95 4.16 1.32
C2 NAG V . -16.82 5.41 1.37
C3 NAG V . -18.28 5.04 1.14
C4 NAG V . -18.43 4.28 -0.17
C5 NAG V . -17.49 3.07 -0.16
C6 NAG V . -17.49 2.32 -1.48
C7 NAG V . -16.09 7.30 2.77
C8 NAG V . -16.01 7.86 4.16
N2 NAG V . -16.67 6.11 2.65
O3 NAG V . -19.07 6.23 1.08
O4 NAG V . -19.77 3.82 -0.31
O5 NAG V . -16.14 3.50 0.06
O6 NAG V . -16.83 3.06 -2.50
O7 NAG V . -15.64 7.90 1.80
C1 NAG W . 28.19 48.16 16.89
C2 NAG W . 28.41 48.33 15.39
C3 NAG W . 29.69 49.11 15.13
C4 NAG W . 29.67 50.44 15.90
C5 NAG W . 29.41 50.18 17.38
C6 NAG W . 29.26 51.44 18.17
C7 NAG W . 27.86 46.80 13.55
C8 NAG W . 28.02 45.42 13.00
N2 NAG W . 28.46 47.04 14.72
O3 NAG W . 29.82 49.37 13.74
O4 NAG W . 30.92 51.10 15.75
O5 NAG W . 28.19 49.44 17.53
O6 NAG W . 28.64 51.20 19.43
O7 NAG W . 27.20 47.66 12.97
C1 EDO X . -11.47 10.04 20.94
O1 EDO X . -10.44 9.57 21.81
C2 EDO X . -12.69 9.13 21.06
O2 EDO X . -13.67 9.51 20.06
C1 NAG Y . -57.45 -29.29 -4.22
C2 NAG Y . -58.24 -28.35 -3.31
C3 NAG Y . -57.67 -28.36 -1.89
C4 NAG Y . -57.55 -29.78 -1.37
C5 NAG Y . -56.76 -30.64 -2.36
C6 NAG Y . -56.69 -32.10 -1.95
C7 NAG Y . -59.32 -26.20 -3.80
C8 NAG Y . -59.16 -24.84 -4.40
N2 NAG Y . -58.25 -26.99 -3.84
O3 NAG Y . -58.51 -27.61 -1.03
O4 NAG Y . -56.89 -29.79 -0.11
O5 NAG Y . -57.40 -30.60 -3.64
O6 NAG Y . -55.83 -32.29 -0.83
O7 NAG Y . -60.38 -26.56 -3.29
C1 NAG Z . 47.02 -2.48 37.88
C2 NAG Z . 47.78 -3.62 37.21
C3 NAG Z . 46.86 -4.81 36.98
C4 NAG Z . 46.18 -5.22 38.28
C5 NAG Z . 45.48 -4.02 38.90
C6 NAG Z . 44.88 -4.32 40.26
C7 NAG Z . 49.71 -3.08 35.78
C8 NAG Z . 50.15 -2.61 34.43
N2 NAG Z . 48.38 -3.19 35.96
O3 NAG Z . 47.62 -5.90 36.46
O4 NAG Z . 45.23 -6.25 38.03
O5 NAG Z . 46.42 -2.95 39.10
O6 NAG Z . 45.04 -3.23 41.15
O7 NAG Z . 50.51 -3.35 36.67
#